data_1OBX
# 
_entry.id   1OBX 
# 
_audit_conform.dict_name       mmcif_pdbx.dic 
_audit_conform.dict_version    5.382 
_audit_conform.dict_location   http://mmcif.pdb.org/dictionaries/ascii/mmcif_pdbx.dic 
# 
loop_
_database_2.database_id 
_database_2.database_code 
_database_2.pdbx_database_accession 
_database_2.pdbx_DOI 
PDB   1OBX         pdb_00001obx 10.2210/pdb1obx/pdb 
PDBE  EBI-12081    ?            ?                   
WWPDB D_1290012081 ?            ?                   
# 
loop_
_pdbx_database_related.db_name 
_pdbx_database_related.db_id 
_pdbx_database_related.content_type 
_pdbx_database_related.details 
PDB 1NTE unspecified 'CRYSTAL STRUCTURE ANALYSIS OF THE SECOND PDZ DOMAIN OF SYNTENIN'                                         
PDB 1OBY unspecified 'CRYSTAL STRUCTURE OF THE COMPLEX OF PDZ2 OF SYNTENIN WITH AN INTERLEUKIN 5 RECEPTOR ALPHA PEPTIDE'       
PDB 1OBZ unspecified 'CRYSTAL STRUCTURE OF THE COMPLEX OF PDZ TANDEM OF SYNTENIN WITH AN INTERLEUKIN 5 RECEPTOR ALPHA PEPTIDE' 
# 
_pdbx_database_status.status_code                     REL 
_pdbx_database_status.entry_id                        1OBX 
_pdbx_database_status.deposit_site                    PDBE 
_pdbx_database_status.process_site                    PDBE 
_pdbx_database_status.SG_entry                        . 
_pdbx_database_status.recvd_initial_deposition_date   2003-01-31 
_pdbx_database_status.pdb_format_compatible           Y 
_pdbx_database_status.status_code_sf                  REL 
_pdbx_database_status.status_code_mr                  ? 
_pdbx_database_status.status_code_cs                  ? 
_pdbx_database_status.methods_development_category    ? 
_pdbx_database_status.status_code_nmr_data            ? 
# 
loop_
_audit_author.name 
_audit_author.pdbx_ordinal 
'Kang, B.S.'      1 
'Cooper, D.R.'    2 
'Devedjiev, Y.'   3 
'Derewenda, U.'   4 
'Derewenda, Z.S.' 5 
# 
_citation.id                        primary 
_citation.title                     
;Molecular Roots of Degenerate Specificity in Syntenin'S Pdz2 Domain: Reassessment of the Pdz Recognition Paradigm
;
_citation.journal_abbrev            Structure 
_citation.journal_volume            11 
_citation.page_first                845 
_citation.page_last                 ? 
_citation.year                      2003 
_citation.journal_id_ASTM           STRUE6 
_citation.country                   UK 
_citation.journal_id_ISSN           0969-2126 
_citation.journal_id_CSD            2005 
_citation.book_publisher            ? 
_citation.pdbx_database_id_PubMed   12842047 
_citation.pdbx_database_id_DOI      '10.1016/S0969-2126(03)00125-4' 
# 
loop_
_citation_author.citation_id 
_citation_author.name 
_citation_author.ordinal 
_citation_author.identifier_ORCID 
primary 'Kang, B.S.'      1 ? 
primary 'Cooper, D.R.'    2 ? 
primary 'Devedjiev, Y.'   3 ? 
primary 'Derewenda, U.'   4 ? 
primary 'Derewenda, Z.S.' 5 ? 
# 
_cell.entry_id           1OBX 
_cell.length_a           53.723 
_cell.length_b           55.978 
_cell.length_c           51.094 
_cell.angle_alpha        90.00 
_cell.angle_beta         90.00 
_cell.angle_gamma        90.00 
_cell.Z_PDB              8 
_cell.pdbx_unique_axis   ? 
# 
_symmetry.entry_id                         1OBX 
_symmetry.space_group_name_H-M             'C 2 2 21' 
_symmetry.pdbx_full_space_group_name_H-M   ? 
_symmetry.cell_setting                     ? 
_symmetry.Int_Tables_number                20 
# 
loop_
_entity.id 
_entity.type 
_entity.src_method 
_entity.pdbx_description 
_entity.formula_weight 
_entity.pdbx_number_of_molecules 
_entity.pdbx_ec 
_entity.pdbx_mutation 
_entity.pdbx_fragment 
_entity.details 
1 polymer     man 'SYNTENIN 1'                   8394.598 1   ? ? 'PDZ2, RESIDUES 197-270'            ? 
2 polymer     syn 'INTERLEUKIN 5 RECEPTOR ALPHA' 938.975  1   ? ? 'LAST 8 RESIDUES, RESIDUES 413-420' ? 
3 non-polymer syn 'COBALT (II) ION'              58.933   2   ? ? ?                                   ? 
4 non-polymer syn 'SULFATE ION'                  96.063   2   ? ? ?                                   ? 
5 water       nat water                          18.015   144 ? ? ?                                   ? 
# 
loop_
_entity_name_com.entity_id 
_entity_name_com.name 
1 
;SYNDECAN BINDING PROTEIN 1, MELANOMA DIFFERENTIATION ASSOCIATED PROTEIN-9, MDA-9, SCAFFOLD PROTEIN PBP1, TACIP18, PRO-TGF-ALPHA CYTOPLASMIC DOMAIN-INTERACTING PROTEIN 18
;
2 'IL-5R-ALPHA, CD125 ANTIGEN' 
# 
loop_
_entity_poly.entity_id 
_entity_poly.type 
_entity_poly.nstd_linkage 
_entity_poly.nstd_monomer 
_entity_poly.pdbx_seq_one_letter_code 
_entity_poly.pdbx_seq_one_letter_code_can 
_entity_poly.pdbx_strand_id 
_entity_poly.pdbx_target_identifier 
1 'polypeptide(L)' no no GAMDPRTITMHKDSTGHVGFIFKNGKITSIVKDSSAARNGLLTEHNICEINGQNVIGLKDSQIADILSTSGTVVTITIM 
GAMDPRTITMHKDSTGHVGFIFKNGKITSIVKDSSAARNGLLTEHNICEINGQNVIGLKDSQIADILSTSGTVVTITIM A ? 
2 'polypeptide(L)' no no ETLEDSVF                                                                        ETLEDSVF B ? 
# 
loop_
_entity_poly_seq.entity_id 
_entity_poly_seq.num 
_entity_poly_seq.mon_id 
_entity_poly_seq.hetero 
1 1  GLY n 
1 2  ALA n 
1 3  MET n 
1 4  ASP n 
1 5  PRO n 
1 6  ARG n 
1 7  THR n 
1 8  ILE n 
1 9  THR n 
1 10 MET n 
1 11 HIS n 
1 12 LYS n 
1 13 ASP n 
1 14 SER n 
1 15 THR n 
1 16 GLY n 
1 17 HIS n 
1 18 VAL n 
1 19 GLY n 
1 20 PHE n 
1 21 ILE n 
1 22 PHE n 
1 23 LYS n 
1 24 ASN n 
1 25 GLY n 
1 26 LYS n 
1 27 ILE n 
1 28 THR n 
1 29 SER n 
1 30 ILE n 
1 31 VAL n 
1 32 LYS n 
1 33 ASP n 
1 34 SER n 
1 35 SER n 
1 36 ALA n 
1 37 ALA n 
1 38 ARG n 
1 39 ASN n 
1 40 GLY n 
1 41 LEU n 
1 42 LEU n 
1 43 THR n 
1 44 GLU n 
1 45 HIS n 
1 46 ASN n 
1 47 ILE n 
1 48 CYS n 
1 49 GLU n 
1 50 ILE n 
1 51 ASN n 
1 52 GLY n 
1 53 GLN n 
1 54 ASN n 
1 55 VAL n 
1 56 ILE n 
1 57 GLY n 
1 58 LEU n 
1 59 LYS n 
1 60 ASP n 
1 61 SER n 
1 62 GLN n 
1 63 ILE n 
1 64 ALA n 
1 65 ASP n 
1 66 ILE n 
1 67 LEU n 
1 68 SER n 
1 69 THR n 
1 70 SER n 
1 71 GLY n 
1 72 THR n 
1 73 VAL n 
1 74 VAL n 
1 75 THR n 
1 76 ILE n 
1 77 THR n 
1 78 ILE n 
1 79 MET n 
2 1  GLU n 
2 2  THR n 
2 3  LEU n 
2 4  GLU n 
2 5  ASP n 
2 6  SER n 
2 7  VAL n 
2 8  PHE n 
# 
_entity_src_gen.entity_id                          1 
_entity_src_gen.pdbx_src_id                        1 
_entity_src_gen.pdbx_alt_source_flag               sample 
_entity_src_gen.pdbx_seq_type                      ? 
_entity_src_gen.pdbx_beg_seq_num                   ? 
_entity_src_gen.pdbx_end_seq_num                   ? 
_entity_src_gen.gene_src_common_name               HUMAN 
_entity_src_gen.gene_src_genus                     ? 
_entity_src_gen.pdbx_gene_src_gene                 ? 
_entity_src_gen.gene_src_species                   ? 
_entity_src_gen.gene_src_strain                    ? 
_entity_src_gen.gene_src_tissue                    ? 
_entity_src_gen.gene_src_tissue_fraction           ? 
_entity_src_gen.gene_src_details                   ? 
_entity_src_gen.pdbx_gene_src_fragment             ? 
_entity_src_gen.pdbx_gene_src_scientific_name      'HOMO SAPIENS' 
_entity_src_gen.pdbx_gene_src_ncbi_taxonomy_id     9606 
_entity_src_gen.pdbx_gene_src_variant              ? 
_entity_src_gen.pdbx_gene_src_cell_line            ? 
_entity_src_gen.pdbx_gene_src_atcc                 72537 
_entity_src_gen.pdbx_gene_src_organ                ? 
_entity_src_gen.pdbx_gene_src_organelle            ? 
_entity_src_gen.pdbx_gene_src_cell                 ? 
_entity_src_gen.pdbx_gene_src_cellular_location    ? 
_entity_src_gen.host_org_common_name               ? 
_entity_src_gen.pdbx_host_org_scientific_name      'ESCHERICHIA COLI' 
_entity_src_gen.pdbx_host_org_ncbi_taxonomy_id     511693 
_entity_src_gen.host_org_genus                     ? 
_entity_src_gen.pdbx_host_org_gene                 ? 
_entity_src_gen.pdbx_host_org_organ                ? 
_entity_src_gen.host_org_species                   ? 
_entity_src_gen.pdbx_host_org_tissue               ? 
_entity_src_gen.pdbx_host_org_tissue_fraction      ? 
_entity_src_gen.pdbx_host_org_strain               BL21 
_entity_src_gen.pdbx_host_org_variant              ? 
_entity_src_gen.pdbx_host_org_cell_line            ? 
_entity_src_gen.pdbx_host_org_atcc                 ? 
_entity_src_gen.pdbx_host_org_culture_collection   ? 
_entity_src_gen.pdbx_host_org_cell                 ? 
_entity_src_gen.pdbx_host_org_organelle            ? 
_entity_src_gen.pdbx_host_org_cellular_location    ? 
_entity_src_gen.pdbx_host_org_vector_type          ? 
_entity_src_gen.pdbx_host_org_vector               PGST-PARALLEL1 
_entity_src_gen.host_org_details                   ? 
_entity_src_gen.expression_system_id               ? 
_entity_src_gen.plasmid_name                       ? 
_entity_src_gen.plasmid_details                    ? 
_entity_src_gen.pdbx_description                   ? 
# 
_pdbx_entity_src_syn.entity_id              2 
_pdbx_entity_src_syn.pdbx_src_id            1 
_pdbx_entity_src_syn.pdbx_alt_source_flag   sample 
_pdbx_entity_src_syn.pdbx_beg_seq_num       ? 
_pdbx_entity_src_syn.pdbx_end_seq_num       ? 
_pdbx_entity_src_syn.organism_scientific    'HOMO SAPIENS' 
_pdbx_entity_src_syn.organism_common_name   HUMAN 
_pdbx_entity_src_syn.ncbi_taxonomy_id       9606 
_pdbx_entity_src_syn.details                ? 
# 
loop_
_struct_ref.id 
_struct_ref.db_name 
_struct_ref.db_code 
_struct_ref.entity_id 
_struct_ref.pdbx_seq_one_letter_code 
_struct_ref.pdbx_align_begin 
_struct_ref.pdbx_db_accession 
_struct_ref.pdbx_db_isoform 
1 PDB 1OBX       1 ? ? 1OBX   ? 
2 UNP SDB1_HUMAN 1 ? ? O00560 ? 
3 UNP IL5R_HUMAN 2 ? ? Q01344 ? 
# 
loop_
_struct_ref_seq.align_id 
_struct_ref_seq.ref_id 
_struct_ref_seq.pdbx_PDB_id_code 
_struct_ref_seq.pdbx_strand_id 
_struct_ref_seq.seq_align_beg 
_struct_ref_seq.pdbx_seq_align_beg_ins_code 
_struct_ref_seq.seq_align_end 
_struct_ref_seq.pdbx_seq_align_end_ins_code 
_struct_ref_seq.pdbx_db_accession 
_struct_ref_seq.db_align_beg 
_struct_ref_seq.pdbx_db_align_beg_ins_code 
_struct_ref_seq.db_align_end 
_struct_ref_seq.pdbx_db_align_end_ins_code 
_struct_ref_seq.pdbx_auth_seq_align_beg 
_struct_ref_seq.pdbx_auth_seq_align_end 
1 1 1OBX A 1 ? 5  ? 1OBX   192 ? 196 ? 192 196 
2 2 1OBX A 6 ? 79 ? O00560 197 ? 270 ? 197 270 
3 3 1OBX B 1 ? 8  ? Q01344 413 ? 420 ? 1   8   
# 
loop_
_chem_comp.id 
_chem_comp.type 
_chem_comp.mon_nstd_flag 
_chem_comp.name 
_chem_comp.pdbx_synonyms 
_chem_comp.formula 
_chem_comp.formula_weight 
ALA 'L-peptide linking' y ALANINE           ? 'C3 H7 N O2'     89.093  
ARG 'L-peptide linking' y ARGININE          ? 'C6 H15 N4 O2 1' 175.209 
ASN 'L-peptide linking' y ASPARAGINE        ? 'C4 H8 N2 O3'    132.118 
ASP 'L-peptide linking' y 'ASPARTIC ACID'   ? 'C4 H7 N O4'     133.103 
CO  non-polymer         . 'COBALT (II) ION' ? 'Co 2'           58.933  
CYS 'L-peptide linking' y CYSTEINE          ? 'C3 H7 N O2 S'   121.158 
GLN 'L-peptide linking' y GLUTAMINE         ? 'C5 H10 N2 O3'   146.144 
GLU 'L-peptide linking' y 'GLUTAMIC ACID'   ? 'C5 H9 N O4'     147.129 
GLY 'peptide linking'   y GLYCINE           ? 'C2 H5 N O2'     75.067  
HIS 'L-peptide linking' y HISTIDINE         ? 'C6 H10 N3 O2 1' 156.162 
HOH non-polymer         . WATER             ? 'H2 O'           18.015  
ILE 'L-peptide linking' y ISOLEUCINE        ? 'C6 H13 N O2'    131.173 
LEU 'L-peptide linking' y LEUCINE           ? 'C6 H13 N O2'    131.173 
LYS 'L-peptide linking' y LYSINE            ? 'C6 H15 N2 O2 1' 147.195 
MET 'L-peptide linking' y METHIONINE        ? 'C5 H11 N O2 S'  149.211 
PHE 'L-peptide linking' y PHENYLALANINE     ? 'C9 H11 N O2'    165.189 
PRO 'L-peptide linking' y PROLINE           ? 'C5 H9 N O2'     115.130 
SER 'L-peptide linking' y SERINE            ? 'C3 H7 N O3'     105.093 
SO4 non-polymer         . 'SULFATE ION'     ? 'O4 S -2'        96.063  
THR 'L-peptide linking' y THREONINE         ? 'C4 H9 N O3'     119.119 
VAL 'L-peptide linking' y VALINE            ? 'C5 H11 N O2'    117.146 
# 
_exptl.entry_id          1OBX 
_exptl.method            'X-RAY DIFFRACTION' 
_exptl.crystals_number   1 
# 
_exptl_crystal.id                    1 
_exptl_crystal.density_meas          ? 
_exptl_crystal.density_Matthews      2.4 
_exptl_crystal.density_percent_sol   38.1 
_exptl_crystal.description           ? 
# 
_exptl_crystal_grow.crystal_id      1 
_exptl_crystal_grow.method          'VAPOR DIFFUSION, SITTING DROP' 
_exptl_crystal_grow.temp            ? 
_exptl_crystal_grow.temp_details    ? 
_exptl_crystal_grow.pH              7.00 
_exptl_crystal_grow.pdbx_pH_range   ? 
_exptl_crystal_grow.pdbx_details    
'SITTING DROP 0.1 M HEPES, PH 7.0, 1.6 M AMMONIUM SULFATE, 20 MM COCL2, 0.2 M MGSO4 WITH MICROSEEDIN' 
# 
_diffrn.id                     1 
_diffrn.ambient_temp           100.0 
_diffrn.ambient_temp_details   ? 
_diffrn.crystal_id             1 
# 
_diffrn_detector.diffrn_id              1 
_diffrn_detector.detector               CCD 
_diffrn_detector.type                   'ADSC CCD' 
_diffrn_detector.pdbx_collection_date   2002-08-29 
_diffrn_detector.details                ? 
# 
_diffrn_radiation.diffrn_id                        1 
_diffrn_radiation.wavelength_id                    1 
_diffrn_radiation.pdbx_monochromatic_or_laue_m_l   M 
_diffrn_radiation.monochromator                    ? 
_diffrn_radiation.pdbx_diffrn_protocol             'SINGLE WAVELENGTH' 
_diffrn_radiation.pdbx_scattering_type             x-ray 
# 
_diffrn_radiation_wavelength.id           1 
_diffrn_radiation_wavelength.wavelength   0.97946 
_diffrn_radiation_wavelength.wt           1.0 
# 
_diffrn_source.diffrn_id                   1 
_diffrn_source.source                      SYNCHROTRON 
_diffrn_source.type                        'NSLS BEAMLINE X9B' 
_diffrn_source.pdbx_synchrotron_site       NSLS 
_diffrn_source.pdbx_synchrotron_beamline   X9B 
_diffrn_source.pdbx_wavelength             0.97946 
_diffrn_source.pdbx_wavelength_list        ? 
# 
_reflns.pdbx_diffrn_id               1 
_reflns.pdbx_ordinal                 1 
_reflns.entry_id                     1OBX 
_reflns.observed_criterion_sigma_I   ? 
_reflns.observed_criterion_sigma_F   ? 
_reflns.d_resolution_low             20.000 
_reflns.d_resolution_high            1.250 
_reflns.number_obs                   155256 
_reflns.number_all                   ? 
_reflns.percent_possible_obs         95.7 
_reflns.pdbx_Rmerge_I_obs            0.00510 
_reflns.pdbx_Rsym_value              ? 
_reflns.pdbx_netI_over_sigmaI        33.5000 
_reflns.B_iso_Wilson_estimate        ? 
_reflns.pdbx_redundancy              7.400 
# 
_reflns_shell.pdbx_diffrn_id         1 
_reflns_shell.pdbx_ordinal           1 
_reflns_shell.d_res_high             1.25 
_reflns_shell.d_res_low              1.29 
_reflns_shell.percent_possible_all   75.0 
_reflns_shell.Rmerge_I_obs           0.49600 
_reflns_shell.pdbx_Rsym_value        ? 
_reflns_shell.meanI_over_sigI_obs    2.150 
_reflns_shell.pdbx_redundancy        ? 
# 
_refine.pdbx_refine_id                           'X-RAY DIFFRACTION' 
_refine.entry_id                                 1OBX 
_refine.pdbx_diffrn_id                           1 
_refine.pdbx_TLS_residual_ADP_flag               ? 
_refine.ls_number_reflns_obs                     16170 
_refine.ls_number_reflns_all                     ? 
_refine.pdbx_ls_sigma_I                          ? 
_refine.pdbx_ls_sigma_F                          ? 
_refine.pdbx_data_cutoff_high_absF               ? 
_refine.pdbx_data_cutoff_low_absF                ? 
_refine.pdbx_data_cutoff_high_rms_absF           ? 
_refine.ls_d_res_low                             19.39 
_refine.ls_d_res_high                            1.35 
_refine.ls_percent_reflns_obs                    98.5 
_refine.ls_R_factor_obs                          0.177 
_refine.ls_R_factor_all                          ? 
_refine.ls_R_factor_R_work                       0.176 
_refine.ls_R_factor_R_free                       0.212 
_refine.ls_R_factor_R_free_error                 ? 
_refine.ls_R_factor_R_free_error_details         ? 
_refine.ls_percent_reflns_R_free                 5.000 
_refine.ls_number_reflns_R_free                  848 
_refine.ls_number_parameters                     ? 
_refine.ls_number_restraints                     ? 
_refine.occupancy_min                            ? 
_refine.occupancy_max                            ? 
_refine.correlation_coeff_Fo_to_Fc               0.966 
_refine.correlation_coeff_Fo_to_Fc_free          0.953 
_refine.B_iso_mean                               20.05 
_refine.aniso_B[1][1]                            -0.03000 
_refine.aniso_B[2][2]                            0.02000 
_refine.aniso_B[3][3]                            0.01000 
_refine.aniso_B[1][2]                            0.00000 
_refine.aniso_B[1][3]                            0.00000 
_refine.aniso_B[2][3]                            0.00000 
_refine.solvent_model_details                    'BABINET MODEL WITH MASK' 
_refine.solvent_model_param_ksol                 ? 
_refine.solvent_model_param_bsol                 ? 
_refine.pdbx_solvent_vdw_probe_radii             1.40 
_refine.pdbx_solvent_ion_probe_radii             0.80 
_refine.pdbx_solvent_shrinkage_radii             0.80 
_refine.pdbx_ls_cross_valid_method               THROUGHOUT 
_refine.details                                  'HYDROGENS HAVE BEEN ADDED IN THE RIDING POSITIONS' 
_refine.pdbx_starting_model                      'PDB ENTRY 1N99' 
_refine.pdbx_method_to_determine_struct          'MOLECULAR REPLACEMENT' 
_refine.pdbx_isotropic_thermal_model             ? 
_refine.pdbx_stereochemistry_target_values       'MAXIMUM LIKELIHOOD' 
_refine.pdbx_stereochem_target_val_spec_case     ? 
_refine.pdbx_R_Free_selection_details            RANDOM 
_refine.pdbx_overall_ESU_R                       0.068 
_refine.pdbx_overall_ESU_R_Free                  0.063 
_refine.overall_SU_ML                            0.038 
_refine.pdbx_overall_phase_error                 ? 
_refine.overall_SU_B                             0.922 
_refine.overall_SU_R_Cruickshank_DPI             ? 
_refine.pdbx_overall_SU_R_free_Cruickshank_DPI   ? 
_refine.pdbx_overall_SU_R_Blow_DPI               ? 
_refine.pdbx_overall_SU_R_free_Blow_DPI          ? 
# 
_refine_hist.pdbx_refine_id                   'X-RAY DIFFRACTION' 
_refine_hist.cycle_id                         LAST 
_refine_hist.pdbx_number_atoms_protein        586 
_refine_hist.pdbx_number_atoms_nucleic_acid   0 
_refine_hist.pdbx_number_atoms_ligand         12 
_refine_hist.number_atoms_solvent             144 
_refine_hist.number_atoms_total               742 
_refine_hist.d_res_high                       1.35 
_refine_hist.d_res_low                        19.39 
# 
loop_
_refine_ls_restr.type 
_refine_ls_restr.dev_ideal 
_refine_ls_restr.dev_ideal_target 
_refine_ls_restr.weight 
_refine_ls_restr.number 
_refine_ls_restr.pdbx_refine_id 
_refine_ls_restr.pdbx_restraint_function 
r_bond_refined_d             0.016 0.021 ? 598  'X-RAY DIFFRACTION' ? 
r_bond_other_d               0.001 0.020 ? 546  'X-RAY DIFFRACTION' ? 
r_angle_refined_deg          2.094 1.953 ? 805  'X-RAY DIFFRACTION' ? 
r_angle_other_deg            0.933 3.000 ? 1274 'X-RAY DIFFRACTION' ? 
r_dihedral_angle_1_deg       6.256 5.000 ? 76   'X-RAY DIFFRACTION' ? 
r_dihedral_angle_2_deg       ?     ?     ? ?    'X-RAY DIFFRACTION' ? 
r_dihedral_angle_3_deg       ?     ?     ? ?    'X-RAY DIFFRACTION' ? 
r_dihedral_angle_4_deg       ?     ?     ? ?    'X-RAY DIFFRACTION' ? 
r_chiral_restr               0.147 0.200 ? 101  'X-RAY DIFFRACTION' ? 
r_gen_planes_refined         0.011 0.020 ? 645  'X-RAY DIFFRACTION' ? 
r_gen_planes_other           0.013 0.020 ? 105  'X-RAY DIFFRACTION' ? 
r_nbd_refined                0.199 0.200 ? 113  'X-RAY DIFFRACTION' ? 
r_nbd_other                  0.242 0.200 ? 662  'X-RAY DIFFRACTION' ? 
r_nbtor_refined              ?     ?     ? ?    'X-RAY DIFFRACTION' ? 
r_nbtor_other                0.087 0.200 ? 358  'X-RAY DIFFRACTION' ? 
r_xyhbond_nbd_refined        0.199 0.200 ? 77   'X-RAY DIFFRACTION' ? 
r_xyhbond_nbd_other          ?     ?     ? ?    'X-RAY DIFFRACTION' ? 
r_metal_ion_refined          ?     ?     ? ?    'X-RAY DIFFRACTION' ? 
r_metal_ion_other            ?     ?     ? ?    'X-RAY DIFFRACTION' ? 
r_symmetry_vdw_refined       0.154 0.200 ? 13   'X-RAY DIFFRACTION' ? 
r_symmetry_vdw_other         0.345 0.200 ? 39   'X-RAY DIFFRACTION' ? 
r_symmetry_hbond_refined     0.302 0.200 ? 27   'X-RAY DIFFRACTION' ? 
r_symmetry_hbond_other       ?     ?     ? ?    'X-RAY DIFFRACTION' ? 
r_symmetry_metal_ion_refined ?     ?     ? ?    'X-RAY DIFFRACTION' ? 
r_symmetry_metal_ion_other   ?     ?     ? ?    'X-RAY DIFFRACTION' ? 
r_mcbond_it                  2.357 1.500 ? 383  'X-RAY DIFFRACTION' ? 
r_mcbond_other               ?     ?     ? ?    'X-RAY DIFFRACTION' ? 
r_mcangle_it                 3.504 2.000 ? 622  'X-RAY DIFFRACTION' ? 
r_mcangle_other              ?     ?     ? ?    'X-RAY DIFFRACTION' ? 
r_scbond_it                  4.136 3.000 ? 215  'X-RAY DIFFRACTION' ? 
r_scbond_other               ?     ?     ? ?    'X-RAY DIFFRACTION' ? 
r_scangle_it                 5.740 4.500 ? 183  'X-RAY DIFFRACTION' ? 
r_scangle_other              ?     ?     ? ?    'X-RAY DIFFRACTION' ? 
r_long_range_B_refined       ?     ?     ? ?    'X-RAY DIFFRACTION' ? 
r_long_range_B_other         ?     ?     ? ?    'X-RAY DIFFRACTION' ? 
r_rigid_bond_restr           ?     ?     ? ?    'X-RAY DIFFRACTION' ? 
r_sphericity_free            ?     ?     ? ?    'X-RAY DIFFRACTION' ? 
r_sphericity_bonded          ?     ?     ? ?    'X-RAY DIFFRACTION' ? 
# 
_refine_ls_shell.pdbx_refine_id                   'X-RAY DIFFRACTION' 
_refine_ls_shell.pdbx_total_number_of_bins_used   20 
_refine_ls_shell.d_res_high                       1.35 
_refine_ls_shell.d_res_low                        1.39 
_refine_ls_shell.number_reflns_R_work             1150 
_refine_ls_shell.R_factor_R_work                  0.2120 
_refine_ls_shell.percent_reflns_obs               ? 
_refine_ls_shell.R_factor_R_free                  0.3050 
_refine_ls_shell.R_factor_R_free_error            ? 
_refine_ls_shell.percent_reflns_R_free            ? 
_refine_ls_shell.number_reflns_R_free             67 
_refine_ls_shell.number_reflns_all                ? 
_refine_ls_shell.R_factor_all                     ? 
# 
_struct.entry_id                  1OBX 
_struct.title                     
'Crystal structure of the complex of PDZ2 of syntenin with an interleukin 5 receptor alpha peptide.' 
_struct.pdbx_model_details        ? 
_struct.pdbx_CASP_flag            ? 
_struct.pdbx_model_type_details   ? 
# 
_struct_keywords.entry_id        1OBX 
_struct_keywords.pdbx_keywords   'CELL ADHESION' 
_struct_keywords.text            'CELL ADHESION, ADHESION-COMPLEX, PDZ DOMAIN, SIGNAL TRANSDUCTION, NUCLEAR PROTEIN' 
# 
loop_
_struct_asym.id 
_struct_asym.pdbx_blank_PDB_chainid_flag 
_struct_asym.pdbx_modified 
_struct_asym.entity_id 
_struct_asym.details 
A N N 1 ? 
B N N 2 ? 
C N N 3 ? 
D N N 3 ? 
E N N 4 ? 
F N N 4 ? 
G N N 5 ? 
H N N 5 ? 
# 
_struct_biol.id   1 
# 
loop_
_struct_conf.conf_type_id 
_struct_conf.id 
_struct_conf.pdbx_PDB_helix_id 
_struct_conf.beg_label_comp_id 
_struct_conf.beg_label_asym_id 
_struct_conf.beg_label_seq_id 
_struct_conf.pdbx_beg_PDB_ins_code 
_struct_conf.end_label_comp_id 
_struct_conf.end_label_asym_id 
_struct_conf.end_label_seq_id 
_struct_conf.pdbx_end_PDB_ins_code 
_struct_conf.beg_auth_comp_id 
_struct_conf.beg_auth_asym_id 
_struct_conf.beg_auth_seq_id 
_struct_conf.end_auth_comp_id 
_struct_conf.end_auth_asym_id 
_struct_conf.end_auth_seq_id 
_struct_conf.pdbx_PDB_helix_class 
_struct_conf.details 
_struct_conf.pdbx_PDB_helix_length 
HELX_P HELX_P1 1 SER A 34 ? ASN A 39 ? SER A 225 ASN A 230 1 ? 6  
HELX_P HELX_P2 2 LYS A 59 ? SER A 70 ? LYS A 250 SER A 261 1 ? 12 
# 
_struct_conf_type.id          HELX_P 
_struct_conf_type.criteria    ? 
_struct_conf_type.reference   ? 
# 
loop_
_struct_conn.id 
_struct_conn.conn_type_id 
_struct_conn.pdbx_leaving_atom_flag 
_struct_conn.pdbx_PDB_id 
_struct_conn.ptnr1_label_asym_id 
_struct_conn.ptnr1_label_comp_id 
_struct_conn.ptnr1_label_seq_id 
_struct_conn.ptnr1_label_atom_id 
_struct_conn.pdbx_ptnr1_label_alt_id 
_struct_conn.pdbx_ptnr1_PDB_ins_code 
_struct_conn.pdbx_ptnr1_standard_comp_id 
_struct_conn.ptnr1_symmetry 
_struct_conn.ptnr2_label_asym_id 
_struct_conn.ptnr2_label_comp_id 
_struct_conn.ptnr2_label_seq_id 
_struct_conn.ptnr2_label_atom_id 
_struct_conn.pdbx_ptnr2_label_alt_id 
_struct_conn.pdbx_ptnr2_PDB_ins_code 
_struct_conn.ptnr1_auth_asym_id 
_struct_conn.ptnr1_auth_comp_id 
_struct_conn.ptnr1_auth_seq_id 
_struct_conn.ptnr2_auth_asym_id 
_struct_conn.ptnr2_auth_comp_id 
_struct_conn.ptnr2_auth_seq_id 
_struct_conn.ptnr2_symmetry 
_struct_conn.pdbx_ptnr3_label_atom_id 
_struct_conn.pdbx_ptnr3_label_seq_id 
_struct_conn.pdbx_ptnr3_label_comp_id 
_struct_conn.pdbx_ptnr3_label_asym_id 
_struct_conn.pdbx_ptnr3_label_alt_id 
_struct_conn.pdbx_ptnr3_PDB_ins_code 
_struct_conn.details 
_struct_conn.pdbx_dist_value 
_struct_conn.pdbx_value_order 
_struct_conn.pdbx_role 
metalc1  metalc ? ? A HIS 17 NE2 ? ? ? 1_555 C CO  . CO  ? ? A HIS 208  A CO  1271 1_555 ? ? ? ? ? ? ? 2.177 ? ? 
metalc2  metalc ? ? A HIS 45 NE2 ? ? ? 4_555 D CO  . CO  ? ? A HIS 236  A CO  1272 1_555 ? ? ? ? ? ? ? 2.173 ? ? 
metalc3  metalc ? ? A HIS 45 NE2 ? ? ? 1_555 D CO  . CO  ? ? A HIS 236  A CO  1272 1_555 ? ? ? ? ? ? ? 2.541 ? ? 
metalc4  metalc ? ? C CO  .  CO  ? ? ? 1_555 G HOH . O   ? ? A CO  1271 A HOH 2121 1_555 ? ? ? ? ? ? ? 2.235 ? ? 
metalc5  metalc ? ? C CO  .  CO  ? ? ? 1_555 G HOH . O   ? ? A CO  1271 A HOH 2122 1_555 ? ? ? ? ? ? ? 2.188 ? ? 
metalc6  metalc ? ? C CO  .  CO  ? ? ? 1_555 G HOH . O   ? ? A CO  1271 A HOH 2123 1_555 ? ? ? ? ? ? ? 2.107 ? ? 
metalc7  metalc ? ? C CO  .  CO  ? ? ? 1_555 B ASP 5 OD1 ? ? A CO  1271 B ASP 5    3_655 ? ? ? ? ? ? ? 1.895 ? ? 
metalc8  metalc ? ? C CO  .  CO  ? ? ? 1_555 B ASP 5 N   ? ? A CO  1271 B ASP 5    3_655 ? ? ? ? ? ? ? 2.091 ? ? 
metalc9  metalc ? ? C CO  .  CO  ? ? ? 1_555 H HOH . O   ? ? A CO  1271 B HOH 2001 3_655 ? ? ? ? ? ? ? 1.553 ? ? 
metalc10 metalc ? ? D CO  .  CO  ? ? ? 1_555 G HOH . O   ? ? A CO  1272 A HOH 2124 1_555 ? ? ? ? ? ? ? 1.970 ? ? 
metalc11 metalc ? ? D CO  .  CO  ? ? ? 1_555 G HOH . O   ? ? A CO  1272 A HOH 2125 1_555 ? ? ? ? ? ? ? 2.240 ? ? 
# 
_struct_conn_type.id          metalc 
_struct_conn_type.criteria    ? 
_struct_conn_type.reference   ? 
# 
loop_
_struct_sheet.id 
_struct_sheet.type 
_struct_sheet.number_strands 
_struct_sheet.details 
AA ? 4 ? 
AB ? 3 ? 
# 
loop_
_struct_sheet_order.sheet_id 
_struct_sheet_order.range_id_1 
_struct_sheet_order.range_id_2 
_struct_sheet_order.offset 
_struct_sheet_order.sense 
AA 1 2 ? anti-parallel 
AA 2 3 ? anti-parallel 
AA 3 4 ? anti-parallel 
AB 1 2 ? anti-parallel 
AB 2 3 ? anti-parallel 
# 
loop_
_struct_sheet_range.sheet_id 
_struct_sheet_range.id 
_struct_sheet_range.beg_label_comp_id 
_struct_sheet_range.beg_label_asym_id 
_struct_sheet_range.beg_label_seq_id 
_struct_sheet_range.pdbx_beg_PDB_ins_code 
_struct_sheet_range.end_label_comp_id 
_struct_sheet_range.end_label_asym_id 
_struct_sheet_range.end_label_seq_id 
_struct_sheet_range.pdbx_end_PDB_ins_code 
_struct_sheet_range.beg_auth_comp_id 
_struct_sheet_range.beg_auth_asym_id 
_struct_sheet_range.beg_auth_seq_id 
_struct_sheet_range.end_auth_comp_id 
_struct_sheet_range.end_auth_asym_id 
_struct_sheet_range.end_auth_seq_id 
AA 1 THR A 7  ? HIS A 11 ? THR A 198 HIS A 202 
AA 2 VAL A 73 ? MET A 79 ? VAL A 264 MET A 270 
AA 3 ASN A 46 ? ILE A 50 ? ASN A 237 ILE A 241 
AA 4 GLN A 53 ? ASN A 54 ? GLN A 244 ASN A 245 
AB 1 LYS A 26 ? ILE A 30 ? LYS A 217 ILE A 221 
AB 2 PHE A 20 ? LYS A 23 ? PHE A 211 LYS A 214 
AB 3 VAL B 7  ? PHE B 8  ? VAL B 7   PHE B 8   
# 
loop_
_pdbx_struct_sheet_hbond.sheet_id 
_pdbx_struct_sheet_hbond.range_id_1 
_pdbx_struct_sheet_hbond.range_id_2 
_pdbx_struct_sheet_hbond.range_1_label_atom_id 
_pdbx_struct_sheet_hbond.range_1_label_comp_id 
_pdbx_struct_sheet_hbond.range_1_label_asym_id 
_pdbx_struct_sheet_hbond.range_1_label_seq_id 
_pdbx_struct_sheet_hbond.range_1_PDB_ins_code 
_pdbx_struct_sheet_hbond.range_1_auth_atom_id 
_pdbx_struct_sheet_hbond.range_1_auth_comp_id 
_pdbx_struct_sheet_hbond.range_1_auth_asym_id 
_pdbx_struct_sheet_hbond.range_1_auth_seq_id 
_pdbx_struct_sheet_hbond.range_2_label_atom_id 
_pdbx_struct_sheet_hbond.range_2_label_comp_id 
_pdbx_struct_sheet_hbond.range_2_label_asym_id 
_pdbx_struct_sheet_hbond.range_2_label_seq_id 
_pdbx_struct_sheet_hbond.range_2_PDB_ins_code 
_pdbx_struct_sheet_hbond.range_2_auth_atom_id 
_pdbx_struct_sheet_hbond.range_2_auth_comp_id 
_pdbx_struct_sheet_hbond.range_2_auth_asym_id 
_pdbx_struct_sheet_hbond.range_2_auth_seq_id 
AA 1 2 N MET A 10 ? N MET A 201 O VAL A 74 ? O VAL A 265 
AA 2 3 N MET A 79 ? N MET A 270 O ASN A 46 ? O ASN A 237 
AA 3 4 N ILE A 50 ? N ILE A 241 O GLN A 53 ? O GLN A 244 
AB 1 2 N THR A 28 ? N THR A 219 O ILE A 21 ? O ILE A 212 
AB 2 3 O PHE A 20 ? O PHE A 211 N PHE B 8  ? N PHE B 8   
# 
loop_
_struct_site.id 
_struct_site.pdbx_evidence_code 
_struct_site.pdbx_auth_asym_id 
_struct_site.pdbx_auth_comp_id 
_struct_site.pdbx_auth_seq_id 
_struct_site.pdbx_auth_ins_code 
_struct_site.pdbx_num_residues 
_struct_site.details 
AC1 Software ? ? ? ? 7 'BINDING SITE FOR RESIDUE CO A1271'  
AC2 Software ? ? ? ? 3 'BINDING SITE FOR RESIDUE CO A1272'  
AC3 Software ? ? ? ? 8 'BINDING SITE FOR RESIDUE SO4 A1273' 
AC4 Software ? ? ? ? 7 'BINDING SITE FOR RESIDUE SO4 A1274' 
# 
loop_
_struct_site_gen.id 
_struct_site_gen.site_id 
_struct_site_gen.pdbx_num_res 
_struct_site_gen.label_comp_id 
_struct_site_gen.label_asym_id 
_struct_site_gen.label_seq_id 
_struct_site_gen.pdbx_auth_ins_code 
_struct_site_gen.auth_comp_id 
_struct_site_gen.auth_asym_id 
_struct_site_gen.auth_seq_id 
_struct_site_gen.label_atom_id 
_struct_site_gen.label_alt_id 
_struct_site_gen.symmetry 
_struct_site_gen.details 
1  AC1 7 HIS A 17 ? HIS A 208  . ? 1_555 ? 
2  AC1 7 HOH G .  ? HOH A 2121 . ? 1_555 ? 
3  AC1 7 HOH G .  ? HOH A 2122 . ? 1_555 ? 
4  AC1 7 HOH G .  ? HOH A 2123 . ? 1_555 ? 
5  AC1 7 ASP B 5  ? ASP B 5    . ? 1_555 ? 
6  AC1 7 HOH H .  ? HOH B 2001 . ? 1_555 ? 
7  AC1 7 HOH H .  ? HOH B 2002 . ? 1_555 ? 
8  AC2 3 HIS A 45 ? HIS A 236  . ? 1_555 ? 
9  AC2 3 HOH G .  ? HOH A 2124 . ? 1_555 ? 
10 AC2 3 HOH G .  ? HOH A 2125 . ? 1_555 ? 
11 AC3 8 HIS A 11 ? HIS A 202  . ? 1_555 ? 
12 AC3 8 SER A 35 ? SER A 226  . ? 1_555 ? 
13 AC3 8 ARG A 38 ? ARG A 229  . ? 1_555 ? 
14 AC3 8 ASN A 39 ? ASN A 230  . ? 1_555 ? 
15 AC3 8 LYS A 59 ? LYS A 250  . ? 1_555 ? 
16 AC3 8 GLN A 62 ? GLN A 253  . ? 1_555 ? 
17 AC3 8 HOH G .  ? HOH A 2126 . ? 1_555 ? 
18 AC3 8 HOH G .  ? HOH A 2127 . ? 1_555 ? 
19 AC4 7 ASP A 60 ? ASP A 251  . ? 1_555 ? 
20 AC4 7 SER A 61 ? SER A 252  . ? 1_555 ? 
21 AC4 7 HOH G .  ? HOH A 2098 . ? 1_555 ? 
22 AC4 7 HOH G .  ? HOH A 2132 . ? 1_555 ? 
23 AC4 7 HOH G .  ? HOH A 2133 . ? 1_555 ? 
24 AC4 7 HOH G .  ? HOH A 2134 . ? 1_555 ? 
25 AC4 7 HOH G .  ? HOH A 2135 . ? 1_555 ? 
# 
_atom_sites.entry_id                    1OBX 
_atom_sites.fract_transf_matrix[1][1]   0.01294037 
_atom_sites.fract_transf_matrix[1][2]   0.01021330 
_atom_sites.fract_transf_matrix[1][3]   -0.00864387 
_atom_sites.fract_transf_matrix[2][1]   0.01264830 
_atom_sites.fract_transf_matrix[2][2]   -0.00734548 
_atom_sites.fract_transf_matrix[2][3]   0.01025607 
_atom_sites.fract_transf_matrix[3][1]   0.00242824 
_atom_sites.fract_transf_matrix[3][2]   -0.01424680 
_atom_sites.fract_transf_matrix[3][3]   -0.01319831 
_atom_sites.fract_transf_vector[1]      0.286520 
_atom_sites.fract_transf_vector[2]      0.182818 
_atom_sites.fract_transf_vector[3]      0.230971 
# 
loop_
_atom_type.symbol 
C  
CO 
N  
O  
S  
# 
loop_
_atom_site.group_PDB 
_atom_site.id 
_atom_site.type_symbol 
_atom_site.label_atom_id 
_atom_site.label_alt_id 
_atom_site.label_comp_id 
_atom_site.label_asym_id 
_atom_site.label_entity_id 
_atom_site.label_seq_id 
_atom_site.pdbx_PDB_ins_code 
_atom_site.Cartn_x 
_atom_site.Cartn_y 
_atom_site.Cartn_z 
_atom_site.occupancy 
_atom_site.B_iso_or_equiv 
_atom_site.pdbx_formal_charge 
_atom_site.auth_seq_id 
_atom_site.auth_comp_id 
_atom_site.auth_asym_id 
_atom_site.auth_atom_id 
_atom_site.pdbx_PDB_model_num 
ATOM   1   N  N   . ARG A 1 6  ? -13.562 1.348   3.052   1.00  30.85 ? 197  ARG A N   1 
ATOM   2   C  CA  . ARG A 1 6  ? -12.326 2.131   2.835   1.00  28.67 ? 197  ARG A CA  1 
ATOM   3   C  C   . ARG A 1 6  ? -11.257 1.127   2.402   1.00  26.05 ? 197  ARG A C   1 
ATOM   4   O  O   . ARG A 1 6  ? -10.077 1.341   2.650   1.00  25.94 ? 197  ARG A O   1 
ATOM   5   C  CB  . ARG A 1 6  ? -11.983 2.833   4.146   1.00  30.29 ? 197  ARG A CB  1 
ATOM   6   C  CG  . ARG A 1 6  ? -13.238 3.390   4.819   1.00  35.46 ? 197  ARG A CG  1 
ATOM   7   C  CD  . ARG A 1 6  ? -13.024 4.150   6.132   1.00  40.91 ? 197  ARG A CD  1 
ATOM   8   N  NE  . ARG A 1 6  ? -13.773 3.525   7.225   1.00  45.55 ? 197  ARG A NE  1 
ATOM   9   C  CZ  . ARG A 1 6  ? -13.425 2.376   7.805   1.00  48.68 ? 197  ARG A CZ  1 
ATOM   10  N  NH1 . ARG A 1 6  ? -12.340 1.715   7.405   1.00  51.05 ? 197  ARG A NH1 1 
ATOM   11  N  NH2 . ARG A 1 6  ? -14.158 1.869   8.793   1.00  50.28 ? 197  ARG A NH2 1 
ATOM   12  N  N   . THR A 1 7  ? -11.696 0.070   1.729   1.00  23.32 ? 198  THR A N   1 
ATOM   13  C  CA  . THR A 1 7  ? -10.857 -1.043  1.305   1.00  23.34 ? 198  THR A CA  1 
ATOM   14  C  C   . THR A 1 7  ? -10.742 -1.070  -0.214  1.00  22.40 ? 198  THR A C   1 
ATOM   15  O  O   . THR A 1 7  ? -11.735 -0.988  -0.948  1.00  24.29 ? 198  THR A O   1 
ATOM   16  C  CB  . THR A 1 7  ? -11.449 -2.366  1.810   1.00  24.94 ? 198  THR A CB  1 
ATOM   17  O  OG1 . THR A 1 7  ? -11.476 -2.326  3.245   1.00  24.87 ? 198  THR A OG1 1 
ATOM   18  C  CG2 . THR A 1 7  ? -10.557 -3.544  1.470   1.00  26.70 ? 198  THR A CG2 1 
ATOM   19  N  N   . ILE A 1 8  ? -9.504  -1.210  -0.657  1.00  19.61 ? 199  ILE A N   1 
ATOM   20  C  CA  . ILE A 1 8  ? -9.091  -1.057  -2.056  1.00  20.00 ? 199  ILE A CA  1 
ATOM   21  C  C   . ILE A 1 8  ? -8.335  -2.344  -2.378  1.00  19.08 ? 199  ILE A C   1 
ATOM   22  O  O   . ILE A 1 8  ? -7.380  -2.671  -1.694  1.00  19.52 ? 199  ILE A O   1 
ATOM   23  C  CB  . ILE A 1 8  ? -8.147  0.208   -2.192  1.00  21.40 ? 199  ILE A CB  1 
ATOM   24  C  CG1 . ILE A 1 8  ? -8.901  1.466   -1.712  1.00  24.71 ? 199  ILE A CG1 1 
ATOM   25  C  CG2 . ILE A 1 8  ? -7.681  0.437   -3.626  1.00  24.30 ? 199  ILE A CG2 1 
ATOM   26  C  CD1 . ILE A 1 8  ? -8.199  2.739   -1.836  1.00  27.88 ? 199  ILE A CD1 1 
ATOM   27  N  N   . THR A 1 9  ? -8.635  -2.968  -3.510  1.00  16.30 ? 200  THR A N   1 
ATOM   28  C  CA  . THR A 1 9  ? -7.889  -4.095  -4.010  1.00  15.62 ? 200  THR A CA  1 
ATOM   29  C  C   . THR A 1 9  ? -7.020  -3.660  -5.155  1.00  14.28 ? 200  THR A C   1 
ATOM   30  O  O   . THR A 1 9  ? -7.497  -3.061  -6.117  1.00  16.67 ? 200  THR A O   1 
ATOM   31  C  CB  . THR A 1 9  ? -8.833  -5.220  -4.443  1.00  17.60 ? 200  THR A CB  1 
ATOM   32  O  OG1 . THR A 1 9  ? -9.609  -5.640  -3.296  1.00  21.85 ? 200  THR A OG1 1 
ATOM   33  C  CG2 . THR A 1 9  ? -8.081  -6.424  -4.880  1.00  18.57 ? 200  THR A CG2 1 
ATOM   34  N  N   . MET A 1 10 ? -5.740  -3.973  -5.036  1.00  12.89 ? 201  MET A N   1 
ATOM   35  C  CA  . MET A 1 10 ? -4.759  -3.637  -6.074  1.00  13.17 ? 201  MET A CA  1 
ATOM   36  C  C   . MET A 1 10 ? -3.994  -4.876  -6.521  1.00  12.66 ? 201  MET A C   1 
ATOM   37  O  O   . MET A 1 10 ? -4.076  -5.919  -5.885  1.00  13.51 ? 201  MET A O   1 
ATOM   38  C  CB  . MET A 1 10 ? -3.738  -2.638  -5.504  1.00  13.67 ? 201  MET A CB  1 
ATOM   39  C  CG  . MET A 1 10 ? -4.349  -1.274  -5.214  1.00  15.43 ? 201  MET A CG  1 
ATOM   40  S  SD  . MET A 1 10 ? -3.325  -0.192  -4.217  1.00  16.15 ? 201  MET A SD  1 
ATOM   41  C  CE  . MET A 1 10 ? -3.617  -0.953  -2.674  1.00  18.12 ? 201  MET A CE  1 
ATOM   42  N  N   . HIS A 1 11 ? -3.285  -4.756  -7.616  1.00  12.38 ? 202  HIS A N   1 
ATOM   43  C  CA  . HIS A 1 11 ? -2.545  -5.853  -8.236  1.00  12.32 ? 202  HIS A CA  1 
ATOM   44  C  C   . HIS A 1 11 ? -1.143  -5.372  -8.594  1.00  12.67 ? 202  HIS A C   1 
ATOM   45  O  O   . HIS A 1 11 ? -0.987  -4.321  -9.187  1.00  14.32 ? 202  HIS A O   1 
ATOM   46  C  CB  . HIS A 1 11 ? -3.311  -6.308  -9.482  1.00  15.31 ? 202  HIS A CB  1 
ATOM   47  C  CG  . HIS A 1 11 ? -4.667  -6.848  -9.164  1.00  16.17 ? 202  HIS A CG  1 
ATOM   48  N  ND1 . HIS A 1 11 ? -5.797  -6.070  -9.068  1.00  19.07 ? 202  HIS A ND1 1 
ATOM   49  C  CD2 . HIS A 1 11 ? -5.053  -8.121  -8.937  1.00  20.84 ? 202  HIS A CD2 1 
ATOM   50  C  CE1 . HIS A 1 11 ? -6.824  -6.848  -8.744  1.00  18.17 ? 202  HIS A CE1 1 
ATOM   51  N  NE2 . HIS A 1 11 ? -6.403  -8.094  -8.694  1.00  24.98 ? 202  HIS A NE2 1 
ATOM   52  N  N   . LYS A 1 12 ? -0.137  -6.126  -8.178  1.00  12.75 ? 203  LYS A N   1 
ATOM   53  C  CA  . LYS A 1 12 ? 1.236   -5.779  -8.459  1.00  13.95 ? 203  LYS A CA  1 
ATOM   54  C  C   . LYS A 1 12 ? 1.452   -5.739  -9.968  1.00  14.16 ? 203  LYS A C   1 
ATOM   55  O  O   . LYS A 1 12 ? 0.915   -6.578  -10.706 1.00  15.88 ? 203  LYS A O   1 
ATOM   56  C  CB  . LYS A 1 12 ? 2.200   -6.736  -7.729  1.00  15.15 ? 203  LYS A CB  1 
ATOM   57  C  CG  . LYS A 1 12 ? 2.252   -6.561  -6.213  1.00  16.14 ? 203  LYS A CG  1 
ATOM   58  C  CD  . LYS A 1 12 ? 3.178   -7.540  -5.503  1.00  17.36 ? 203  LYS A CD  1 
ATOM   59  C  CE  . LYS A 1 12 ? 3.249   -7.254  -4.033  1.00  20.11 ? 203  LYS A CE  1 
ATOM   60  N  NZ  . LYS A 1 12 ? 4.269   -8.095  -3.336  1.00  23.90 ? 203  LYS A NZ  1 
ATOM   61  N  N   . ASP A 1 13 ? 2.321   -4.832  -10.392 1.00  15.99 ? 204  ASP A N   1 
ATOM   62  C  CA  . ASP A 1 13 ? 2.709   -4.739  -11.775 1.00  15.94 ? 204  ASP A CA  1 
ATOM   63  C  C   . ASP A 1 13 ? 3.917   -5.642  -12.044 1.00  16.44 ? 204  ASP A C   1 
ATOM   64  O  O   . ASP A 1 13 ? 4.377   -6.359  -11.177 1.00  16.50 ? 204  ASP A O   1 
ATOM   65  C  CB  . ASP A 1 13 ? 2.968   -3.275  -12.208 1.00  16.27 ? 204  ASP A CB  1 
ATOM   66  C  CG  . ASP A 1 13 ? 4.169   -2.639  -11.637 1.00  18.55 ? 204  ASP A CG  1 
ATOM   67  O  OD1 . ASP A 1 13 ? 4.996   -3.274  -10.974 1.00  18.65 ? 204  ASP A OD1 1 
ATOM   68  O  OD2 . ASP A 1 13 ? 4.368   -1.412  -11.881 1.00  21.97 ? 204  ASP A OD2 1 
ATOM   69  N  N   . SER A 1 14 ? 4.440   -5.564  -13.269 1.00  16.88 ? 205  SER A N   1 
ATOM   70  C  CA  . SER A 1 14 ? 5.574   -6.402  -13.659 1.00  19.15 ? 205  SER A CA  1 
ATOM   71  C  C   . SER A 1 14 ? 6.877   -6.088  -12.931 1.00  19.90 ? 205  SER A C   1 
ATOM   72  O  O   . SER A 1 14 ? 7.833   -6.867  -13.053 1.00  22.35 ? 205  SER A O   1 
ATOM   73  C  CB  . SER A 1 14 ? 5.768   -6.314  -15.160 1.00  20.41 ? 205  SER A CB  1 
ATOM   74  O  OG  . SER A 1 14 ? 6.292   -5.051  -15.502 1.00  24.60 ? 205  SER A OG  1 
ATOM   75  N  N   . THR A 1 15 ? 6.964   -4.984  -12.205 1.00  21.51 ? 206  THR A N   1 
ATOM   76  C  CA  . THR A 1 15 ? 8.097   -4.674  -11.327 1.00  22.74 ? 206  THR A CA  1 
ATOM   77  C  C   . THR A 1 15 ? 7.855   -5.025  -9.881  1.00  23.06 ? 206  THR A C   1 
ATOM   78  O  O   . THR A 1 15 ? 8.686   -4.749  -9.033  1.00  26.44 ? 206  THR A O   1 
ATOM   79  C  CB  . THR A 1 15 ? 8.541   -3.187  -11.415 1.00  23.95 ? 206  THR A CB  1 
ATOM   80  O  OG1 . THR A 1 15 ? 7.455   -2.309  -11.141 1.00  24.93 ? 206  THR A OG1 1 
ATOM   81  C  CG2 . THR A 1 15 ? 8.932   -2.834  -12.830 1.00  26.04 ? 206  THR A CG2 1 
ATOM   82  N  N   . GLY A 1 16 ? 6.678   -5.574  -9.563  1.00  18.91 ? 207  GLY A N   1 
ATOM   83  C  CA  . GLY A 1 16 ? 6.351   -6.068  -8.249  1.00  19.29 ? 207  GLY A CA  1 
ATOM   84  C  C   . GLY A 1 16 ? 5.716   -5.027  -7.365  1.00  15.98 ? 207  GLY A C   1 
ATOM   85  O  O   . GLY A 1 16 ? 5.673   -5.226  -6.178  1.00  20.15 ? 207  GLY A O   1 
ATOM   86  N  N   . HIS A 1 17 ? 5.165   -3.954  -7.926  1.00  15.92 ? 208  HIS A N   1 
ATOM   87  C  CA  . HIS A 1 17 ? 4.647   -2.825  -7.157  1.00  15.62 ? 208  HIS A CA  1 
ATOM   88  C  C   . HIS A 1 17 ? 3.183   -2.551  -7.464  1.00  15.51 ? 208  HIS A C   1 
ATOM   89  O  O   . HIS A 1 17 ? 2.764   -2.578  -8.622  1.00  15.34 ? 208  HIS A O   1 
ATOM   90  C  CB  . HIS A 1 17 ? 5.358   -1.501  -7.489  1.00  18.44 ? 208  HIS A CB  1 
ATOM   91  C  CG  . HIS A 1 17 ? 6.825   -1.528  -7.289  1.00  22.06 ? 208  HIS A CG  1 
ATOM   92  N  ND1 . HIS A 1 17 ? 7.722   -1.295  -8.309  1.00  30.11 ? 208  HIS A ND1 1 
ATOM   93  C  CD2 . HIS A 1 17 ? 7.554   -1.843  -6.203  1.00  20.55 ? 208  HIS A CD2 1 
ATOM   94  C  CE1 . HIS A 1 17 ? 8.946   -1.365  -7.817  1.00  26.63 ? 208  HIS A CE1 1 
ATOM   95  N  NE2 . HIS A 1 17 ? 8.872   -1.774  -6.563  1.00  24.63 ? 208  HIS A NE2 1 
ATOM   96  N  N   . VAL A 1 18 ? 2.451   -2.194  -6.411  1.00  14.04 ? 209  VAL A N   1 
ATOM   97  C  CA  . VAL A 1 18 ? 1.096   -1.684  -6.573  1.00  13.45 ? 209  VAL A CA  1 
ATOM   98  C  C   . VAL A 1 18 ? 1.071   -0.188  -6.884  1.00  13.71 ? 209  VAL A C   1 
ATOM   99  O  O   . VAL A 1 18 ? 0.132   0.236   -7.550  1.00  14.70 ? 209  VAL A O   1 
ATOM   100 C  CB  . VAL A 1 18 ? 0.144   -2.061  -5.459  1.00  14.29 ? 209  VAL A CB  1 
ATOM   101 C  CG1 . VAL A 1 18 ? -0.003  -3.577  -5.430  1.00  14.84 ? 209  VAL A CG1 1 
ATOM   102 C  CG2 . VAL A 1 18 ? 0.597   -1.564  -4.143  1.00  15.39 ? 209  VAL A CG2 1 
ATOM   103 N  N   . GLY A 1 19 ? 2.113   0.558   -6.500  1.00  13.05 ? 210  GLY A N   1 
ATOM   104 C  CA  . GLY A 1 19 ? 2.264   1.956   -6.921  1.00  13.34 ? 210  GLY A CA  1 
ATOM   105 C  C   . GLY A 1 19 ? 2.056   3.042   -5.889  1.00  11.83 ? 210  GLY A C   1 
ATOM   106 O  O   . GLY A 1 19 ? 1.459   4.065   -6.186  1.00  13.41 ? 210  GLY A O   1 
ATOM   107 N  N   . PHE A 1 20 ? 2.525   2.851   -4.667  1.00  12.70 ? 211  PHE A N   1 
ATOM   108 C  CA  . PHE A 1 20 ? 2.454   3.903   -3.655  1.00  12.32 ? 211  PHE A CA  1 
ATOM   109 C  C   . PHE A 1 20 ? 3.665   3.954   -2.775  1.00  12.62 ? 211  PHE A C   1 
ATOM   110 O  O   . PHE A 1 20 ? 4.396   2.992   -2.627  1.00  13.43 ? 211  PHE A O   1 
ATOM   111 C  CB  . PHE A 1 20 ? 1.137   3.869   -2.830  1.00  12.81 ? 211  PHE A CB  1 
ATOM   112 C  CG  . PHE A 1 20 ? 1.033   2.750   -1.812  1.00  14.04 ? 211  PHE A CG  1 
ATOM   113 C  CD1 . PHE A 1 20 ? 0.470   1.525   -2.132  1.00  13.69 ? 211  PHE A CD1 1 
ATOM   114 C  CD2 . PHE A 1 20 ? 1.566   2.867   -0.551  1.00  15.20 ? 211  PHE A CD2 1 
ATOM   115 C  CE1 . PHE A 1 20 ? 0.361   0.504   -1.202  1.00  15.98 ? 211  PHE A CE1 1 
ATOM   116 C  CE2 . PHE A 1 20 ? 1.476   1.842   0.367   1.00  15.95 ? 211  PHE A CE2 1 
ATOM   117 C  CZ  . PHE A 1 20 ? 0.891   0.645   0.028   1.00  15.61 ? 211  PHE A CZ  1 
ATOM   118 N  N   . ILE A 1 21 ? 3.866   5.147   -2.246  1.00  13.07 ? 212  ILE A N   1 
ATOM   119 C  CA  . ILE A 1 21 ? 4.906   5.461   -1.280  1.00  13.02 ? 212  ILE A CA  1 
ATOM   120 C  C   . ILE A 1 21 ? 4.228   5.849   0.006   1.00  13.01 ? 212  ILE A C   1 
ATOM   121 O  O   . ILE A 1 21 ? 3.170   6.464   0.000   1.00  12.86 ? 212  ILE A O   1 
ATOM   122 C  CB  . ILE A 1 21 ? 5.744   6.660   -1.784  1.00  16.11 ? 212  ILE A CB  1 
ATOM   123 C  CG1 . ILE A 1 21 ? 6.443   6.243   -3.084  1.00  17.47 ? 212  ILE A CG1 1 
ATOM   124 C  CG2 . ILE A 1 21 ? 6.811   7.067   -0.776  1.00  16.62 ? 212  ILE A CG2 1 
ATOM   125 C  CD1 . ILE A 1 21 ? 5.818   6.587   -4.416  1.00  26.34 ? 212  ILE A CD1 1 
ATOM   126 N  N   . PHE A 1 22 ? 4.798   5.435   1.130   1.00  13.08 ? 213  PHE A N   1 
ATOM   127 C  CA  . PHE A 1 22 ? 4.233   5.805   2.433   1.00  13.52 ? 213  PHE A CA  1 
ATOM   128 C  C   . PHE A 1 22 ? 5.325   6.158   3.417   1.00  13.74 ? 213  PHE A C   1 
ATOM   129 O  O   . PHE A 1 22 ? 6.445   5.711   3.253   1.00  15.23 ? 213  PHE A O   1 
ATOM   130 C  CB  . PHE A 1 22 ? 3.305   4.691   3.014   1.00  14.63 ? 213  PHE A CB  1 
ATOM   131 C  CG  . PHE A 1 22 ? 4.006   3.493   3.545   1.00  13.39 ? 213  PHE A CG  1 
ATOM   132 C  CD1 . PHE A 1 22 ? 4.290   3.395   4.871   1.00  13.94 ? 213  PHE A CD1 1 
ATOM   133 C  CD2 . PHE A 1 22 ? 4.447   2.483   2.725   1.00  16.45 ? 213  PHE A CD2 1 
ATOM   134 C  CE1 . PHE A 1 22 ? 4.963   2.306   5.354   1.00  14.92 ? 213  PHE A CE1 1 
ATOM   135 C  CE2 . PHE A 1 22 ? 5.138   1.423   3.219   1.00  17.00 ? 213  PHE A CE2 1 
ATOM   136 C  CZ  . PHE A 1 22 ? 5.431   1.388   4.521   1.00  15.14 ? 213  PHE A CZ  1 
ATOM   137 N  N   . LYS A 1 23 ? 4.963   6.894   4.455   1.00  13.13 ? 214  LYS A N   1 
ATOM   138 C  CA  . LYS A 1 23 ? 5.888   7.248   5.522   1.00  14.03 ? 214  LYS A CA  1 
ATOM   139 C  C   . LYS A 1 23 ? 5.095   7.437   6.780   1.00  14.42 ? 214  LYS A C   1 
ATOM   140 O  O   . LYS A 1 23 ? 4.041   8.027   6.749   1.00  14.92 ? 214  LYS A O   1 
ATOM   141 C  CB  . LYS A 1 23 ? 6.582   8.574   5.147   1.00  16.58 ? 214  LYS A CB  1 
ATOM   142 C  CG  . LYS A 1 23 ? 7.740   8.860   6.093   1.00  21.62 ? 214  LYS A CG  1 
ATOM   143 C  CD  . LYS A 1 23 ? 8.517   10.090  5.650   0.010 19.08 ? 214  LYS A CD  1 
ATOM   144 C  CE  . LYS A 1 23 ? 9.824   10.243  6.409   0.010 19.34 ? 214  LYS A CE  1 
ATOM   145 N  NZ  . LYS A 1 23 ? 10.929  9.467   5.781   0.010 19.25 ? 214  LYS A NZ  1 
ATOM   146 N  N   . ASN A 1 24 ? 5.608   6.870   7.881   1.00  13.33 ? 215  ASN A N   1 
ATOM   147 C  CA  . ASN A 1 24 ? 4.959   6.996   9.172   1.00  15.51 ? 215  ASN A CA  1 
ATOM   148 C  C   . ASN A 1 24 ? 3.554   6.429   9.095   1.00  14.66 ? 215  ASN A C   1 
ATOM   149 O  O   . ASN A 1 24 ? 2.643   6.968   9.711   1.00  16.73 ? 215  ASN A O   1 
ATOM   150 C  CB  . ASN A 1 24 ? 4.955   8.464   9.623   1.00  17.42 ? 215  ASN A CB  1 
ATOM   151 C  CG  . ASN A 1 24 ? 4.834   8.656   11.091  1.00  18.98 ? 215  ASN A CG  1 
ATOM   152 O  OD1 . ASN A 1 24 ? 4.394   9.727   11.582  1.00  25.36 ? 215  ASN A OD1 1 
ATOM   153 N  ND2 . ASN A 1 24 ? 5.224   7.634   11.833  1.00  17.65 ? 215  ASN A ND2 1 
ATOM   154 N  N   . GLY A 1 25 ? 3.366   5.346   8.333   1.00  12.78 ? 216  GLY A N   1 
ATOM   155 C  CA  . GLY A 1 25 ? 2.069   4.701   8.236   1.00  13.79 ? 216  GLY A CA  1 
ATOM   156 C  C   . GLY A 1 25 ? 1.070   5.352   7.350   1.00  14.76 ? 216  GLY A C   1 
ATOM   157 O  O   . GLY A 1 25 ? -0.056  4.880   7.292   1.00  17.13 ? 216  GLY A O   1 
ATOM   158 N  N   . LYS A 1 26 ? 1.450   6.418   6.666   1.00  13.56 ? 217  LYS A N   1 
ATOM   159 C  CA  . LYS A 1 26 ? 0.546   7.234   5.882   1.00  14.25 ? 217  LYS A CA  1 
ATOM   160 C  C   . LYS A 1 26 ? 1.000   7.301   4.416   1.00  14.55 ? 217  LYS A C   1 
ATOM   161 O  O   . LYS A 1 26 ? 2.187   7.431   4.111   1.00  15.35 ? 217  LYS A O   1 
ATOM   162 C  CB  . LYS A 1 26 ? 0.471   8.602   6.525   1.00  18.70 ? 217  LYS A CB  1 
ATOM   163 C  CG  . LYS A 1 26 ? -0.459  9.595   5.920   1.00  21.65 ? 217  LYS A CG  1 
ATOM   164 C  CD  . LYS A 1 26 ? -0.284  10.957  6.597   1.00  24.81 ? 217  LYS A CD  1 
ATOM   165 C  CE  . LYS A 1 26 ? -0.851  10.944  7.991   1.00  25.71 ? 217  LYS A CE  1 
ATOM   166 N  NZ  . LYS A 1 26 ? -0.936  12.362  8.431   1.00  29.30 ? 217  LYS A NZ  1 
ATOM   167 N  N   . ILE A 1 27 ? 0.043   7.115   3.512   1.00  14.65 ? 218  ILE A N   1 
ATOM   168 C  CA  . ILE A 1 27 ? 0.340   7.161   2.087   1.00  14.16 ? 218  ILE A CA  1 
ATOM   169 C  C   . ILE A 1 27 ? 0.750   8.596   1.728   1.00  15.43 ? 218  ILE A C   1 
ATOM   170 O  O   . ILE A 1 27 ? 0.076   9.554   2.094   1.00  18.33 ? 218  ILE A O   1 
ATOM   171 C  CB  . ILE A 1 27 ? -0.895  6.748   1.292   1.00  15.33 ? 218  ILE A CB  1 
ATOM   172 C  CG1 . ILE A 1 27 ? -1.225  5.281   1.595   1.00  19.72 ? 218  ILE A CG1 1 
ATOM   173 C  CG2 . ILE A 1 27 ? -0.600  6.912   -0.198  1.00  16.16 ? 218  ILE A CG2 1 
ATOM   174 C  CD1 . ILE A 1 27 ? -2.676  4.866   1.572   1.00  22.66 ? 218  ILE A CD1 1 
ATOM   175 N  N   . THR A 1 28 ? 1.862   8.768   1.016   1.00  14.47 ? 219  THR A N   1 
ATOM   176 C  CA  . THR A 1 28 ? 2.387   10.095  0.686   1.00  16.54 ? 219  THR A CA  1 
ATOM   177 C  C   . THR A 1 28 ? 2.441   10.370  -0.821  1.00  17.11 ? 219  THR A C   1 
ATOM   178 O  O   . THR A 1 28 ? 2.479   11.533  -1.221  1.00  20.43 ? 219  THR A O   1 
ATOM   179 C  CB  . THR A 1 28 ? 3.806   10.256  1.244   1.00  18.41 ? 219  THR A CB  1 
ATOM   180 O  OG1 . THR A 1 28 ? 4.675   9.205   0.822   1.00  20.22 ? 219  THR A OG1 1 
ATOM   181 C  CG2 . THR A 1 28 ? 3.838   10.257  2.782   1.00  20.06 ? 219  THR A CG2 1 
ATOM   182 N  N   . SER A 1 29 ? 2.567   9.368   -1.680  1.00  16.05 ? 220  SER A N   1 
ATOM   183 C  CA  . SER A 1 29 ? 2.637   9.551   -3.122  1.00  15.22 ? 220  SER A CA  1 
ATOM   184 C  C   . SER A 1 29 ? 2.038   8.329   -3.818  1.00  13.92 ? 220  SER A C   1 
ATOM   185 O  O   . SER A 1 29 ? 2.049   7.218   -3.268  1.00  13.61 ? 220  SER A O   1 
ATOM   186 C  CB  . SER A 1 29 ? 4.103   9.729   -3.561  1.00  18.14 ? 220  SER A CB  1 
ATOM   187 O  OG  . SER A 1 29 ? 4.787   10.872  -2.993  1.00  23.00 ? 220  SER A OG  1 
ATOM   188 N  N   . ILE A 1 30 ? 1.578   8.544   -5.042  1.00  13.37 ? 221  ILE A N   1 
ATOM   189 C  CA  . ILE A 1 30 ? 0.984   7.532   -5.938  1.00  12.36 ? 221  ILE A CA  1 
ATOM   190 C  C   . ILE A 1 30 ? 1.788   7.540   -7.249  1.00  11.66 ? 221  ILE A C   1 
ATOM   191 O  O   . ILE A 1 30 ? 2.168   8.587   -7.756  1.00  14.91 ? 221  ILE A O   1 
ATOM   192 C  CB  . ILE A 1 30 ? -0.463  7.878   -6.284  1.00  13.91 ? 221  ILE A CB  1 
ATOM   193 C  CG1 . ILE A 1 30 ? -1.291  7.994   -5.008  1.00  13.62 ? 221  ILE A CG1 1 
ATOM   194 C  CG2 . ILE A 1 30 ? -1.081  6.846   -7.138  1.00  13.25 ? 221  ILE A CG2 1 
ATOM   195 C  CD1 . ILE A 1 30 ? -1.469  6.726   -4.137  1.00  14.60 ? 221  ILE A CD1 1 
ATOM   196 N  N   . VAL A 1 31 ? 2.109   6.340   -7.721  1.00  12.16 ? 222  VAL A N   1 
ATOM   197 C  CA  . VAL A 1 31 ? 2.808   6.177   -8.992  1.00  11.59 ? 222  VAL A CA  1 
ATOM   198 C  C   . VAL A 1 31 ? 1.855   6.339   -10.201 1.00  11.58 ? 222  VAL A C   1 
ATOM   199 O  O   . VAL A 1 31 ? 0.769   5.746   -10.228 1.00  12.28 ? 222  VAL A O   1 
ATOM   200 C  CB  . VAL A 1 31 ? 3.577   4.842   -9.035  1.00  12.89 ? 222  VAL A CB  1 
ATOM   201 C  CG1 . VAL A 1 31 ? 4.211   4.631   -10.384 1.00  14.51 ? 222  VAL A CG1 1 
ATOM   202 C  CG2 . VAL A 1 31 ? 4.575   4.758   -7.875  1.00  14.77 ? 222  VAL A CG2 1 
ATOM   203 N  N   . LYS A 1 32 ? 2.247   7.103   -11.214 1.00  11.90 ? 223  LYS A N   1 
ATOM   204 C  CA  . LYS A 1 32 ? 1.488   7.250   -12.432 1.00  13.08 ? 223  LYS A CA  1 
ATOM   205 C  C   . LYS A 1 32 ? 1.267   5.916   -13.096 1.00  12.97 ? 223  LYS A C   1 
ATOM   206 O  O   . LYS A 1 32 ? 2.184   5.124   -13.165 1.00  13.70 ? 223  LYS A O   1 
ATOM   207 C  CB  . LYS A 1 32 ? 2.166   8.215   -13.411 1.00  14.95 ? 223  LYS A CB  1 
ATOM   208 C  CG  . LYS A 1 32 ? 1.875   9.620   -13.137 1.00  21.72 ? 223  LYS A CG  1 
ATOM   209 C  CD  . LYS A 1 32 ? 2.483   10.526  -14.157 1.00  21.88 ? 223  LYS A CD  1 
ATOM   210 C  CE  . LYS A 1 32 ? 1.878   10.444  -15.529 1.00  26.10 ? 223  LYS A CE  1 
ATOM   211 N  NZ  . LYS A 1 32 ? 2.165   11.708  -16.326 1.00  29.15 ? 223  LYS A NZ  1 
ATOM   212 N  N   . ASP A 1 33 ? 0.059   5.674   -13.582 1.00  13.66 ? 224  ASP A N   1 
ATOM   213 C  CA  . ASP A 1 33 ? -0.247  4.505   -14.405 1.00  15.78 ? 224  ASP A CA  1 
ATOM   214 C  C   . ASP A 1 33 ? -0.180  3.205   -13.633 1.00  14.73 ? 224  ASP A C   1 
ATOM   215 O  O   . ASP A 1 33 ? 0.024   2.144   -14.192 1.00  17.49 ? 224  ASP A O   1 
ATOM   216 C  CB  . ASP A 1 33 ? 0.560   4.487   -15.699 1.00  18.33 ? 224  ASP A CB  1 
ATOM   217 C  CG  . ASP A 1 33 ? 0.304   5.719   -16.521 1.00  24.28 ? 224  ASP A CG  1 
ATOM   218 O  OD1 . ASP A 1 33 ? -0.840  6.201   -16.613 1.00  26.11 ? 224  ASP A OD1 1 
ATOM   219 O  OD2 . ASP A 1 33 ? 1.260   6.343   -16.997 1.00  31.22 ? 224  ASP A OD2 1 
ATOM   220 N  N   . SER A 1 34 ? -0.306  3.303   -12.319 1.00  14.06 ? 225  SER A N   1 
ATOM   221 C  CA  . SER A 1 34 ? -0.186  2.143   -11.432 1.00  12.58 ? 225  SER A CA  1 
ATOM   222 C  C   . SER A 1 34 ? -1.539  1.630   -10.992 1.00  11.30 ? 225  SER A C   1 
ATOM   223 O  O   . SER A 1 34 ? -2.577  2.225   -11.183 1.00  12.01 ? 225  SER A O   1 
ATOM   224 C  CB  . SER A 1 34 ? 0.615   2.497   -10.164 1.00  12.30 ? 225  SER A CB  1 
ATOM   225 O  OG  . SER A 1 34 ? -0.140  3.385   -9.344  1.00  12.85 ? 225  SER A OG  1 
ATOM   226 N  N   . SER A 1 35 ? -1.512  0.473   -10.345 1.00  12.10 ? 226  SER A N   1 
ATOM   227 C  CA  . SER A 1 35 ? -2.722  -0.090  -9.771  1.00  11.56 ? 226  SER A CA  1 
ATOM   228 C  C   . SER A 1 35 ? -3.288  0.829   -8.683  1.00  10.74 ? 226  SER A C   1 
ATOM   229 O  O   . SER A 1 35 ? -4.511  1.005   -8.590  1.00  11.12 ? 226  SER A O   1 
ATOM   230 C  CB  . SER A 1 35 ? -2.450  -1.490  -9.221  1.00  12.04 ? 226  SER A CB  1 
ATOM   231 O  OG  . SER A 1 35 ? -3.694  -2.122  -8.857  1.00  12.33 ? 226  SER A OG  1 
ATOM   232 N  N   . ALA A 1 36 ? -2.427  1.411   -7.877  1.00  11.17 ? 227  ALA A N   1 
ATOM   233 C  CA  . ALA A 1 36 ? -2.870  2.341   -6.857  1.00  11.47 ? 227  ALA A CA  1 
ATOM   234 C  C   . ALA A 1 36 ? -3.606  3.528   -7.478  1.00  11.61 ? 227  ALA A C   1 
ATOM   235 O  O   . ALA A 1 36 ? -4.627  3.995   -6.985  1.00  12.49 ? 227  ALA A O   1 
ATOM   236 C  CB  . ALA A 1 36 ? -1.694  2.798   -5.985  1.00  11.92 ? 227  ALA A CB  1 
ATOM   237 N  N   . ALA A 1 37 ? -3.062  4.062   -8.581  1.00  11.66 ? 228  ALA A N   1 
ATOM   238 C  CA  . ALA A 1 37 ? -3.719  5.127   -9.318  1.00  12.70 ? 228  ALA A CA  1 
ATOM   239 C  C   . ALA A 1 37 ? -5.101  4.705   -9.860  1.00  12.56 ? 228  ALA A C   1 
ATOM   240 O  O   . ALA A 1 37 ? -6.112  5.364   -9.625  1.00  15.01 ? 228  ALA A O   1 
ATOM   241 C  CB  . ALA A 1 37 ? -2.853  5.639   -10.433 1.00  13.27 ? 228  ALA A CB  1 
ATOM   242 N  N   . ARG A 1 38 ? -5.170  3.583   -10.553 1.00  12.33 ? 229  ARG A N   1 
ATOM   243 C  CA  . ARG A 1 38 ? -6.429  3.162   -11.156 1.00  12.69 ? 229  ARG A CA  1 
ATOM   244 C  C   . ARG A 1 38 ? -7.494  2.888   -10.126 1.00  12.52 ? 229  ARG A C   1 
ATOM   245 O  O   . ARG A 1 38 ? -8.683  3.045   -10.379 1.00  14.14 ? 229  ARG A O   1 
ATOM   246 C  CB  . ARG A 1 38 ? -6.244  1.956   -12.070 1.00  13.10 ? 229  ARG A CB  1 
ATOM   247 C  CG  . ARG A 1 38 ? -5.451  2.195   -13.331 1.00  14.83 ? 229  ARG A CG  1 
ATOM   248 C  CD  . ARG A 1 38 ? -5.398  0.952   -14.208 1.00  16.16 ? 229  ARG A CD  1 
ATOM   249 N  NE  . ARG A 1 38 ? -4.620  -0.128  -13.604 1.00  16.02 ? 229  ARG A NE  1 
ATOM   250 C  CZ  . ARG A 1 38 ? -3.296  -0.255  -13.646 1.00  14.76 ? 229  ARG A CZ  1 
ATOM   251 N  NH1 . ARG A 1 38 ? -2.546  0.629   -14.284 1.00  17.12 ? 229  ARG A NH1 1 
ATOM   252 N  NH2 . ARG A 1 38 ? -2.763  -1.314  -13.061 1.00  15.53 ? 229  ARG A NH2 1 
ATOM   253 N  N   . ASN A 1 39 ? -7.091  2.346   -8.988  1.00  12.76 ? 230  ASN A N   1 
ATOM   254 C  CA  . ASN A 1 39 ? -8.011  1.966   -7.921  1.00  13.34 ? 230  ASN A CA  1 
ATOM   255 C  C   . ASN A 1 39 ? -8.299  3.068   -6.907  1.00  14.65 ? 230  ASN A C   1 
ATOM   256 O  O   . ASN A 1 39 ? -9.058  2.837   -5.980  1.00  16.62 ? 230  ASN A O   1 
ATOM   257 C  CB  . ASN A 1 39 ? -7.485  0.679   -7.266  1.00  13.45 ? 230  ASN A CB  1 
ATOM   258 C  CG  . ASN A 1 39 ? -7.641  -0.509  -8.166  1.00  13.63 ? 230  ASN A CG  1 
ATOM   259 O  OD1 . ASN A 1 39 ? -8.765  -0.904  -8.501  1.00  15.16 ? 230  ASN A OD1 1 
ATOM   260 N  ND2 . ASN A 1 39 ? -6.542  -1.080  -8.612  1.00  13.69 ? 230  ASN A ND2 1 
ATOM   261 N  N   . GLY A 1 40 ? -7.794  4.266   -7.166  1.00  14.62 ? 231  GLY A N   1 
ATOM   262 C  CA  . GLY A 1 40 ? -8.176  5.444   -6.396  1.00  15.90 ? 231  GLY A CA  1 
ATOM   263 C  C   . GLY A 1 40 ? -7.620  5.497   -4.977  1.00  16.90 ? 231  GLY A C   1 
ATOM   264 O  O   . GLY A 1 40 ? -8.184  6.191   -4.133  1.00  19.11 ? 231  GLY A O   1 
ATOM   265 N  N   . LEU A 1 41 ? -6.454  4.894   -4.727  1.00  16.51 ? 232  LEU A N   1 
ATOM   266 C  CA  . LEU A 1 41 ? -5.719  5.196   -3.492  1.00  18.31 ? 232  LEU A CA  1 
ATOM   267 C  C   . LEU A 1 41 ? -5.216  6.709   -3.533  1.00  17.54 ? 232  LEU A C   1 
ATOM   268 O  O   . LEU A 1 41 ? -4.698  7.187   -4.527  1.00  21.81 ? 232  LEU A O   1 
ATOM   269 C  CB  . LEU A 1 41 ? -4.538  4.221   -3.386  1.00  16.22 ? 232  LEU A CB  1 
ATOM   270 C  CG  . LEU A 1 41 ? -3.907  4.072   -2.005  1.00  17.30 ? 232  LEU A CG  1 
ATOM   271 C  CD1 . LEU A 1 41 ? -4.830  3.296   -1.052  1.00  20.66 ? 232  LEU A CD1 1 
ATOM   272 C  CD2 . LEU A 1 41 ? -2.557  3.369   -2.126  1.00  15.51 ? 232  LEU A CD2 1 
ATOM   273 N  N   . LEU A 1 42 ? -5.283  7.433   -2.450  1.00  23.83 ? 233  LEU A N   1 
ATOM   274 C  CA  . LEU A 1 42 ? -4.967  8.850   -2.386  1.00  22.13 ? 233  LEU A CA  1 
ATOM   275 C  C   . LEU A 1 42 ? -4.111  9.063   -1.161  1.00  22.23 ? 233  LEU A C   1 
ATOM   276 O  O   . LEU A 1 42 ? -4.144  8.281   -0.197  1.00  23.66 ? 233  LEU A O   1 
ATOM   277 C  CB  . LEU A 1 42 ? -6.200  9.698   -2.145  1.00  24.02 ? 233  LEU A CB  1 
ATOM   278 C  CG  . LEU A 1 42 ? -7.332  9.606   -3.160  1.00  24.08 ? 233  LEU A CG  1 
ATOM   279 C  CD1 . LEU A 1 42 ? -8.523  10.376  -2.583  1.00  28.75 ? 233  LEU A CD1 1 
ATOM   280 C  CD2 . LEU A 1 42 ? -6.856  10.134  -4.505  1.00  25.86 ? 233  LEU A CD2 1 
ATOM   281 N  N   . THR A 1 43 ? -3.277  10.060  -1.364  1.00  24.19 ? 234  THR A N   1 
ATOM   282 C  CA  . THR A 1 43 ? -2.405  10.476  -0.320  1.00  22.83 ? 234  THR A CA  1 
ATOM   283 C  C   . THR A 1 43 ? -3.167  10.938  0.955   1.00  22.77 ? 234  THR A C   1 
ATOM   284 O  O   . THR A 1 43 ? -4.381  11.187  1.025   1.00  23.99 ? 234  THR A O   1 
ATOM   285 C  CB  . THR A 1 43 ? -1.328  11.434  -0.852  1.00  24.68 ? 234  THR A CB  1 
ATOM   286 O  OG1 . THR A 1 43 ? -1.929  12.632  -1.348  1.00  26.85 ? 234  THR A OG1 1 
ATOM   287 C  CG2 . THR A 1 43 ? -0.620  10.865  -2.096  1.00  26.59 ? 234  THR A CG2 1 
ATOM   288 N  N   . GLU A 1 44 ? -2.354  11.028  2.004   1.00  21.23 ? 235  GLU A N   1 
ATOM   289 C  CA  . GLU A 1 44 ? -2.670  11.634  3.303   1.00  21.22 ? 235  GLU A CA  1 
ATOM   290 C  C   . GLU A 1 44 ? -3.572  10.845  4.219   1.00  21.70 ? 235  GLU A C   1 
ATOM   291 O  O   . GLU A 1 44 ? -4.064  11.398  5.186   1.00  23.08 ? 235  GLU A O   1 
ATOM   292 C  CB  . GLU A 1 44 ? -3.144  13.083  3.180   1.00  22.88 ? 235  GLU A CB  1 
ATOM   293 C  CG  . GLU A 1 44 ? -2.156  13.946  2.438   1.00  27.67 ? 235  GLU A CG  1 
ATOM   294 C  CD  . GLU A 1 44 ? -0.789  13.972  3.112   1.00  34.31 ? 235  GLU A CD  1 
ATOM   295 O  OE1 . GLU A 1 44 ? -0.729  14.044  4.367   1.00  38.27 ? 235  GLU A OE1 1 
ATOM   296 O  OE2 . GLU A 1 44 ? 0.240   13.913  2.392   1.00  39.54 ? 235  GLU A OE2 1 
ATOM   297 N  N   . HIS A 1 45 ? -3.778  9.565   3.911   1.00  19.33 ? 236  HIS A N   1 
ATOM   298 C  CA  . HIS A 1 45 ? -4.527  8.675   4.751   1.00  21.00 ? 236  HIS A CA  1 
ATOM   299 C  C   . HIS A 1 45 ? -3.644  7.624   5.378   1.00  19.15 ? 236  HIS A C   1 
ATOM   300 O  O   . HIS A 1 45 ? -2.712  7.152   4.713   1.00  18.92 ? 236  HIS A O   1 
ATOM   301 C  CB  . HIS A 1 45 ? -5.671  8.077   3.922   1.00  21.05 ? 236  HIS A CB  1 
ATOM   302 C  CG  . HIS A 1 45 ? -6.908  8.919   4.010   1.00  26.97 ? 236  HIS A CG  1 
ATOM   303 N  ND1 . HIS A 1 45 ? -7.689  9.022   5.147   1.00  27.63 ? 236  HIS A ND1 1 
ATOM   304 C  CD2 . HIS A 1 45 ? -7.393  9.826   3.137   1.00  24.35 ? 236  HIS A CD2 1 
ATOM   305 C  CE1 . HIS A 1 45 ? -8.635  9.925   4.941   1.00  29.96 ? 236  HIS A CE1 1 
ATOM   306 N  NE2 . HIS A 1 45 ? -8.465  10.438  3.734   1.00  30.46 ? 236  HIS A NE2 1 
ATOM   307 N  N   . ASN A 1 46 ? -3.948  7.277   6.626   1.00  20.34 ? 237  ASN A N   1 
ATOM   308 C  CA  . ASN A 1 46 ? -3.281  6.217   7.358   1.00  19.29 ? 237  ASN A CA  1 
ATOM   309 C  C   . ASN A 1 46 ? -3.714  4.833   6.870   1.00  17.85 ? 237  ASN A C   1 
ATOM   310 O  O   . ASN A 1 46 ? -4.877  4.592   6.559   1.00  19.57 ? 237  ASN A O   1 
ATOM   311 C  CB  . ASN A 1 46 ? -3.451  6.359   8.880   1.00  20.90 ? 237  ASN A CB  1 
ATOM   312 C  CG  . ASN A 1 46 ? -2.844  7.649   9.435   1.00  23.37 ? 237  ASN A CG  1 
ATOM   313 O  OD1 . ASN A 1 46 ? -3.450  8.362   10.237  1.00  29.85 ? 237  ASN A OD1 1 
ATOM   314 N  ND2 . ASN A 1 46 ? -1.643  7.964   8.993   1.00  24.69 ? 237  ASN A ND2 1 
ATOM   315 N  N   . ILE A 1 47 ? -2.757  3.919   6.804   1.00  16.32 ? 238  ILE A N   1 
ATOM   316 C  CA  . ILE A 1 47 ? -3.003  2.523   6.437   1.00  16.07 ? 238  ILE A CA  1 
ATOM   317 C  C   . ILE A 1 47 ? -3.447  1.757   7.685   1.00  16.97 ? 238  ILE A C   1 
ATOM   318 O  O   . ILE A 1 47 ? -2.720  1.680   8.680   1.00  18.05 ? 238  ILE A O   1 
ATOM   319 C  CB  . ILE A 1 47 ? -1.740  1.857   5.859   1.00  16.02 ? 238  ILE A CB  1 
ATOM   320 C  CG1 . ILE A 1 47 ? -1.224  2.618   4.626   1.00  17.90 ? 238  ILE A CG1 1 
ATOM   321 C  CG2 . ILE A 1 47 ? -2.037  0.392   5.518   1.00  17.98 ? 238  ILE A CG2 1 
ATOM   322 C  CD1 . ILE A 1 47 ? 0.231   2.245   4.291   1.00  21.02 ? 238  ILE A CD1 1 
ATOM   323 N  N   . CYS A 1 48 ? -4.635  1.172   7.625   1.00  16.87 ? 239  CYS A N   1 
ATOM   324 C  CA  . CYS A 1 48 ? -5.207  0.410   8.749   1.00  18.68 ? 239  CYS A CA  1 
ATOM   325 C  C   . CYS A 1 48 ? -4.975  -1.087  8.638   1.00  15.73 ? 239  CYS A C   1 
ATOM   326 O  O   . CYS A 1 48 ? -4.643  -1.745  9.633   1.00  17.85 ? 239  CYS A O   1 
ATOM   327 C  CB  . CYS A 1 48 ? -6.733  0.640   8.868   1.00  22.53 ? 239  CYS A CB  1 
ATOM   328 S  SG  . CYS A 1 48 ? -7.067  2.347   9.254   1.00  32.69 ? 239  CYS A SG  1 
ATOM   329 N  N   . GLU A 1 49 ? -5.154  -1.657  7.447   1.00  16.14 ? 240  GLU A N   1 
ATOM   330 C  CA  . GLU A 1 49 ? -5.063  -3.114  7.236   1.00  16.69 ? 240  GLU A CA  1 
ATOM   331 C  C   . GLU A 1 49 ? -4.407  -3.359  5.876   1.00  15.76 ? 240  GLU A C   1 
ATOM   332 O  O   . GLU A 1 49 ? -4.651  -2.607  4.903   1.00  17.38 ? 240  GLU A O   1 
ATOM   333 C  CB  . GLU A 1 49 ? -6.432  -3.844  7.280   1.00  19.40 ? 240  GLU A CB  1 
ATOM   334 C  CG  . GLU A 1 49 ? -7.224  -3.625  8.559   1.00  23.24 ? 240  GLU A CG  1 
ATOM   335 C  CD  . GLU A 1 49 ? -8.339  -4.628  8.801   1.00  30.04 ? 240  GLU A CD  1 
ATOM   336 O  OE1 . GLU A 1 49 ? -8.574  -5.434  7.911   1.00  31.21 ? 240  GLU A OE1 1 
ATOM   337 O  OE2 . GLU A 1 49 ? -8.931  -4.619  9.906   1.00  36.43 ? 240  GLU A OE2 1 
ATOM   338 N  N   . ILE A 1 50 ? -3.686  -4.473  5.807   1.00  15.74 ? 241  ILE A N   1 
ATOM   339 C  CA  . ILE A 1 50 ? -3.158  -4.988  4.543   1.00  16.56 ? 241  ILE A CA  1 
ATOM   340 C  C   . ILE A 1 50 ? -3.441  -6.452  4.467   1.00  18.06 ? 241  ILE A C   1 
ATOM   341 O  O   . ILE A 1 50 ? -3.045  -7.180  5.366   1.00  19.85 ? 241  ILE A O   1 
ATOM   342 C  CB  . ILE A 1 50 ? -1.635  -4.771  4.413   1.00  17.73 ? 241  ILE A CB  1 
ATOM   343 C  CG1 . ILE A 1 50 ? -1.330  -3.268  4.474   1.00  17.44 ? 241  ILE A CG1 1 
ATOM   344 C  CG2 . ILE A 1 50 ? -1.102  -5.394  3.094   1.00  17.66 ? 241  ILE A CG2 1 
ATOM   345 C  CD1 . ILE A 1 50 ? 0.125   -2.994  4.530   1.00  18.56 ? 241  ILE A CD1 1 
ATOM   346 N  N   . ASN A 1 51 ? -4.182  -6.847  3.440   1.00  19.32 ? 242  ASN A N   1 
ATOM   347 C  CA  . ASN A 1 51 ? -4.611  -8.221  3.249   1.00  21.11 ? 242  ASN A CA  1 
ATOM   348 C  C   . ASN A 1 51 ? -5.334  -8.698  4.512   1.00  23.25 ? 242  ASN A C   1 
ATOM   349 O  O   . ASN A 1 51 ? -5.072  -9.798  4.953   1.00  27.00 ? 242  ASN A O   1 
ATOM   350 C  CB  . ASN A 1 51 ? -3.437  -9.103  2.820   1.00  21.75 ? 242  ASN A CB  1 
ATOM   351 C  CG  . ASN A 1 51 ? -2.965  -8.761  1.424   1.00  22.00 ? 242  ASN A CG  1 
ATOM   352 O  OD1 . ASN A 1 51 ? -3.767  -8.266  0.623   1.00  21.60 ? 242  ASN A OD1 1 
ATOM   353 N  ND2 . ASN A 1 51 ? -1.681  -9.010  1.134   1.00  25.73 ? 242  ASN A ND2 1 
ATOM   354 N  N   . GLY A 1 52 ? -6.126  -7.804  5.095   1.00  25.14 ? 243  GLY A N   1 
ATOM   355 C  CA  . GLY A 1 52 ? -6.976  -8.086  6.248   1.00  26.23 ? 243  GLY A CA  1 
ATOM   356 C  C   . GLY A 1 52 ? -6.257  -8.119  7.594   1.00  26.65 ? 243  GLY A C   1 
ATOM   357 O  O   . GLY A 1 52 ? -6.885  -8.406  8.619   1.00  28.94 ? 243  GLY A O   1 
ATOM   358 N  N   . GLN A 1 53 ? -4.958  -7.836  7.622   1.00  25.77 ? 244  GLN A N   1 
ATOM   359 C  CA  . GLN A 1 53 ? -4.158  -7.795  8.857   1.00  24.60 ? 244  GLN A CA  1 
ATOM   360 C  C   . GLN A 1 53 ? -4.059  -6.351  9.374   1.00  22.52 ? 244  GLN A C   1 
ATOM   361 O  O   . GLN A 1 53 ? -3.755  -5.443  8.597   1.00  21.13 ? 244  GLN A O   1 
ATOM   362 C  CB  . GLN A 1 53 ? -2.756  -8.307  8.566   1.00  26.33 ? 244  GLN A CB  1 
ATOM   363 C  CG  . GLN A 1 53 ? -1.742  -7.915  9.632   1.00  28.77 ? 244  GLN A CG  1 
ATOM   364 C  CD  . GLN A 1 53 ? -0.403  -8.561  9.473   1.00  28.93 ? 244  GLN A CD  1 
ATOM   365 O  OE1 . GLN A 1 53 ? 0.411   -8.470  10.404  1.00  33.49 ? 244  GLN A OE1 1 
ATOM   366 N  NE2 . GLN A 1 53 ? -0.156  -9.224  8.340   1.00  29.99 ? 244  GLN A NE2 1 
ATOM   367 N  N   . ASN A 1 54 ? -4.270  -6.117  10.659  1.00  23.98 ? 245  ASN A N   1 
ATOM   368 C  CA  . ASN A 1 54 ? -4.186  -4.803  11.264  1.00  21.96 ? 245  ASN A CA  1 
ATOM   369 C  C   . ASN A 1 54 ? -2.710  -4.429  11.288  1.00  22.49 ? 245  ASN A C   1 
ATOM   370 O  O   . ASN A 1 54 ? -1.872  -5.172  11.818  1.00  25.23 ? 245  ASN A O   1 
ATOM   371 C  CB  . ASN A 1 54 ? -4.743  -4.868  12.699  1.00  21.60 ? 245  ASN A CB  1 
ATOM   372 C  CG  . ASN A 1 54 ? -4.659  -3.540  13.411  1.00  22.18 ? 245  ASN A CG  1 
ATOM   373 O  OD1 . ASN A 1 54 ? -4.521  -2.476  12.775  1.00  23.61 ? 245  ASN A OD1 1 
ATOM   374 N  ND2 . ASN A 1 54 ? -4.795  -3.580  14.738  1.00  24.14 ? 245  ASN A ND2 1 
ATOM   375 N  N   . VAL A 1 55 ? -2.396  -3.284  10.684  1.00  19.20 ? 246  VAL A N   1 
ATOM   376 C  CA  . VAL A 1 55 ? -1.011  -2.793  10.664  1.00  18.44 ? 246  VAL A CA  1 
ATOM   377 C  C   . VAL A 1 55 ? -0.881  -1.459  11.374  1.00  15.82 ? 246  VAL A C   1 
ATOM   378 O  O   . VAL A 1 55 ? 0.174   -0.824  11.320  1.00  17.57 ? 246  VAL A O   1 
ATOM   379 C  CB  . VAL A 1 55 ? -0.458  -2.691  9.245   1.00  17.97 ? 246  VAL A CB  1 
ATOM   380 C  CG1 . VAL A 1 55 ? -0.522  -4.062  8.619   1.00  19.34 ? 246  VAL A CG1 1 
ATOM   381 C  CG2 . VAL A 1 55 ? -1.157  -1.659  8.413   1.00  17.33 ? 246  VAL A CG2 1 
ATOM   382 N  N   . ILE A 1 56 ? -1.947  -0.981  11.999  1.00  17.08 ? 247  ILE A N   1 
ATOM   383 C  CA  . ILE A 1 56 ? -1.895  0.246   12.784  1.00  18.84 ? 247  ILE A CA  1 
ATOM   384 C  C   . ILE A 1 56 ? -0.812  0.008   13.826  1.00  18.90 ? 247  ILE A C   1 
ATOM   385 O  O   . ILE A 1 56 ? -0.781  -1.045  14.510  1.00  20.65 ? 247  ILE A O   1 
ATOM   386 C  CB  . ILE A 1 56 ? -3.266  0.596   13.462  1.00  20.55 ? 247  ILE A CB  1 
ATOM   387 C  CG1 . ILE A 1 56 ? -4.425  0.753   12.462  1.00  22.99 ? 247  ILE A CG1 1 
ATOM   388 C  CG2 . ILE A 1 56 ? -3.136  1.820   14.361  1.00  23.68 ? 247  ILE A CG2 1 
ATOM   389 C  CD1 . ILE A 1 56 ? -5.820  0.693   13.120  1.00  28.15 ? 247  ILE A CD1 1 
ATOM   390 N  N   . GLY A 1 57 ? 0.014   1.019   13.975  1.00  18.92 ? 248  GLY A N   1 
ATOM   391 C  CA  . GLY A 1 57 ? 1.085   0.879   14.968  1.00  20.77 ? 248  GLY A CA  1 
ATOM   392 C  C   . GLY A 1 57 ? 2.319   0.075   14.585  1.00  17.16 ? 248  GLY A C   1 
ATOM   393 O  O   . GLY A 1 57 ? 3.307   0.105   15.317  1.00  20.42 ? 248  GLY A O   1 
ATOM   394 N  N   . LEU A 1 58 ? 2.332   -0.625  13.450  1.00  15.71 ? 249  LEU A N   1 
ATOM   395 C  CA  . LEU A 1 58 ? 3.541   -1.251  12.979  1.00  14.53 ? 249  LEU A CA  1 
ATOM   396 C  C   . LEU A 1 58 ? 4.470   -0.177  12.420  1.00  14.17 ? 249  LEU A C   1 
ATOM   397 O  O   . LEU A 1 58 ? 4.067   0.848   11.870  1.00  15.51 ? 249  LEU A O   1 
ATOM   398 C  CB  . LEU A 1 58 ? 3.256   -2.294  11.897  1.00  13.75 ? 249  LEU A CB  1 
ATOM   399 C  CG  . LEU A 1 58 ? 2.481   -3.536  12.335  1.00  14.90 ? 249  LEU A CG  1 
ATOM   400 C  CD1 . LEU A 1 58 ? 2.368   -4.475  11.156  1.00  16.96 ? 249  LEU A CD1 1 
ATOM   401 C  CD2 . LEU A 1 58 ? 3.176   -4.250  13.484  1.00  16.14 ? 249  LEU A CD2 1 
ATOM   402 N  N   . LYS A 1 59 ? 5.751   -0.459  12.520  1.00  14.07 ? 250  LYS A N   1 
ATOM   403 C  CA  . LYS A 1 59 ? 6.804   0.383   11.924  1.00  13.58 ? 250  LYS A CA  1 
ATOM   404 C  C   . LYS A 1 59 ? 6.763   0.276   10.411  1.00  13.07 ? 250  LYS A C   1 
ATOM   405 O  O   . LYS A 1 59 ? 6.251   -0.658  9.848   1.00  13.46 ? 250  LYS A O   1 
ATOM   406 C  CB  . LYS A 1 59 ? 8.212   -0.081  12.378  1.00  15.72 ? 250  LYS A CB  1 
ATOM   407 C  CG  . LYS A 1 59 ? 8.475   -0.080  13.847  1.00  16.70 ? 250  LYS A CG  1 
ATOM   408 C  CD  . LYS A 1 59 ? 9.868   -0.631  14.138  1.00  17.76 ? 250  LYS A CD  1 
ATOM   409 C  CE  . LYS A 1 59 ? 10.045  -0.619  15.622  1.00  20.35 ? 250  LYS A CE  1 
ATOM   410 N  NZ  . LYS A 1 59 ? 11.325  -1.250  16.023  1.00  22.88 ? 250  LYS A NZ  1 
ATOM   411 N  N   . ASP A 1 60 ? 7.255   1.327   9.734   1.00  12.56 ? 251  ASP A N   1 
ATOM   412 C  CA  . ASP A 1 60 ? 7.270   1.306   8.281   1.00  13.63 ? 251  ASP A CA  1 
ATOM   413 C  C   . ASP A 1 60 ? 7.987   0.081   7.715   1.00  13.35 ? 251  ASP A C   1 
ATOM   414 O  O   . ASP A 1 60 ? 7.516   -0.463  6.741   1.00  13.59 ? 251  ASP A O   1 
ATOM   415 C  CB  . ASP A 1 60 ? 7.884   2.560   7.688   1.00  13.58 ? 251  ASP A CB  1 
ATOM   416 C  CG  . ASP A 1 60 ? 7.056   3.841   7.876   1.00  12.41 ? 251  ASP A CG  1 
ATOM   417 O  OD1 . ASP A 1 60 ? 5.852   3.762   8.228   1.00  13.70 ? 251  ASP A OD1 1 
ATOM   418 O  OD2 . ASP A 1 60 ? 7.563   4.953   7.621   1.00  15.51 ? 251  ASP A OD2 1 
ATOM   419 N  N   . SER A 1 61 ? 9.094   -0.352  8.335   1.00  13.64 ? 252  SER A N   1 
ATOM   420 C  CA  . SER A 1 61 ? 9.813   -1.489  7.814   1.00  13.78 ? 252  SER A CA  1 
ATOM   421 C  C   . SER A 1 61 ? 8.955   -2.752  7.923   1.00  13.14 ? 252  SER A C   1 
ATOM   422 O  O   . SER A 1 61 ? 9.113   -3.670  7.141   1.00  14.33 ? 252  SER A O   1 
ATOM   423 C  CB  . SER A 1 61 ? 11.150  -1.694  8.547   1.00  15.24 ? 252  SER A CB  1 
ATOM   424 O  OG  . SER A 1 61 ? 10.905  -1.935  9.927   1.00  16.03 ? 252  SER A OG  1 
ATOM   425 N  N   . GLN A 1 62 ? 8.068   -2.807  8.909   1.00  13.41 ? 253  GLN A N   1 
ATOM   426 C  CA  . GLN A 1 62 ? 7.227   -3.988  9.218   1.00  12.81 ? 253  GLN A CA  1 
ATOM   427 C  C   . GLN A 1 62 ? 6.050   -4.008  8.248   1.00  13.53 ? 253  GLN A C   1 
ATOM   428 O  O   . GLN A 1 62 ? 5.717   -5.053  7.712   1.00  14.66 ? 253  GLN A O   1 
ATOM   429 C  CB  . GLN A 1 62 ? 6.777   -3.885  10.664  1.00  14.09 ? 253  GLN A CB  1 
ATOM   430 C  CG  . GLN A 1 62 ? 7.988   -3.947  11.619  1.00  13.67 ? 253  GLN A CG  1 
ATOM   431 C  CD  . GLN A 1 62 ? 7.693   -3.748  13.059  1.00  13.93 ? 253  GLN A CD  1 
ATOM   432 O  OE1 . GLN A 1 62 ? 8.570   -4.074  13.896  1.00  17.25 ? 253  GLN A OE1 1 
ATOM   433 N  NE2 . GLN A 1 62 ? 6.542   -3.199  13.390  1.00  12.07 ? 253  GLN A NE2 1 
ATOM   434 N  N   . ILE A 1 63 ? 5.511   -2.846  7.882   1.00  12.82 ? 254  ILE A N   1 
ATOM   435 C  CA  . ILE A 1 63 ? 4.529   -2.733  6.811   1.00  14.10 ? 254  ILE A CA  1 
ATOM   436 C  C   . ILE A 1 63 ? 5.185   -3.086  5.478   1.00  14.02 ? 254  ILE A C   1 
ATOM   437 O  O   . ILE A 1 63 ? 4.597   -3.794  4.662   1.00  14.56 ? 254  ILE A O   1 
ATOM   438 C  CB  . ILE A 1 63 ? 3.931   -1.302  6.815   1.00  13.44 ? 254  ILE A CB  1 
ATOM   439 C  CG1 . ILE A 1 63 ? 3.181   -1.082  8.148   1.00  15.64 ? 254  ILE A CG1 1 
ATOM   440 C  CG2 . ILE A 1 63 ? 3.073   -1.034  5.594   1.00  15.45 ? 254  ILE A CG2 1 
ATOM   441 C  CD1 . ILE A 1 63 ? 2.741   0.386   8.363   1.00  18.51 ? 254  ILE A CD1 1 
ATOM   442 N  N   . ALA A 1 64 ? 6.390   -2.585  5.228   1.00  14.28 ? 255  ALA A N   1 
ATOM   443 C  CA  . ALA A 1 64 ? 7.091   -2.870  3.989   1.00  15.03 ? 255  ALA A CA  1 
ATOM   444 C  C   . ALA A 1 64 ? 7.278   -4.382  3.831   1.00  15.03 ? 255  ALA A C   1 
ATOM   445 O  O   . ALA A 1 64 ? 7.097   -4.916  2.738   1.00  15.99 ? 255  ALA A O   1 
ATOM   446 C  CB  . ALA A 1 64 ? 8.456   -2.166  3.936   1.00  14.93 ? 255  ALA A CB  1 
ATOM   447 N  N   . ASP A 1 65 ? 7.611   -5.087  4.914   1.00  14.19 ? 256  ASP A N   1 
ATOM   448 C  CA  . ASP A 1 65 ? 7.801   -6.534  4.804   1.00  15.72 ? 256  ASP A CA  1 
ATOM   449 C  C   . ASP A 1 65 ? 6.518   -7.248  4.405   1.00  14.65 ? 256  ASP A C   1 
ATOM   450 O  O   . ASP A 1 65 ? 6.530   -8.210  3.631   1.00  15.63 ? 256  ASP A O   1 
ATOM   451 C  CB  . ASP A 1 65 ? 8.334   -7.115  6.108   1.00  18.41 ? 256  ASP A CB  1 
ATOM   452 C  CG  . ASP A 1 65 ? 8.816   -8.534  5.925   1.00  22.71 ? 256  ASP A CG  1 
ATOM   453 O  OD1 . ASP A 1 65 ? 9.800   -8.749  5.180   1.00  27.18 ? 256  ASP A OD1 1 
ATOM   454 O  OD2 . ASP A 1 65 ? 8.191   -9.445  6.477   1.00  23.98 ? 256  ASP A OD2 1 
ATOM   455 N  N   . ILE A 1 66 ? 5.396   -6.822  4.958   1.00  14.15 ? 257  ILE A N   1 
ATOM   456 C  CA  . ILE A 1 66 ? 4.095   -7.387  4.609   1.00  14.21 ? 257  ILE A CA  1 
ATOM   457 C  C   . ILE A 1 66 ? 3.846   -7.176  3.104   1.00  14.12 ? 257  ILE A C   1 
ATOM   458 O  O   . ILE A 1 66 ? 3.460   -8.063  2.355   1.00  15.70 ? 257  ILE A O   1 
ATOM   459 C  CB  . ILE A 1 66 ? 2.978   -6.779  5.430   1.00  14.38 ? 257  ILE A CB  1 
ATOM   460 C  CG1 . ILE A 1 66 ? 3.089   -7.199  6.906   1.00  16.54 ? 257  ILE A CG1 1 
ATOM   461 C  CG2 . ILE A 1 66 ? 1.611   -7.265  4.921   1.00  15.77 ? 257  ILE A CG2 1 
ATOM   462 C  CD1 . ILE A 1 66 ? 2.251   -6.426  7.853   1.00  16.63 ? 257  ILE A CD1 1 
ATOM   463 N  N   . LEU A 1 67 ? 4.075   -5.949  2.641   1.00  14.94 ? 258  LEU A N   1 
ATOM   464 C  CA  . LEU A 1 67 ? 3.806   -5.594  1.240   1.00  15.34 ? 258  LEU A CA  1 
ATOM   465 C  C   . LEU A 1 67 ? 4.706   -6.407  0.310   1.00  16.89 ? 258  LEU A C   1 
ATOM   466 O  O   . LEU A 1 67 ? 4.249   -6.928  -0.697  1.00  17.80 ? 258  LEU A O   1 
ATOM   467 C  CB  . LEU A 1 67 ? 4.005   -4.082  1.042   1.00  15.67 ? 258  LEU A CB  1 
ATOM   468 C  CG  . LEU A 1 67 ? 2.910   -3.232  1.675   1.00  15.21 ? 258  LEU A CG  1 
ATOM   469 C  CD1 . LEU A 1 67 ? 3.389   -1.779  1.758   1.00  14.78 ? 258  LEU A CD1 1 
ATOM   470 C  CD2 . LEU A 1 67 ? 1.560   -3.331  0.947   1.00  18.32 ? 258  LEU A CD2 1 
ATOM   471 N  N   . SER A 1 68 ? 5.985   -6.506  0.647   1.00  17.63 ? 259  SER A N   1 
ATOM   472 C  CA  . SER A 1 68 ? 6.961   -7.111  -0.245  1.00  19.52 ? 259  SER A CA  1 
ATOM   473 C  C   . SER A 1 68 ? 6.775   -8.611  -0.347  1.00  19.61 ? 259  SER A C   1 
ATOM   474 O  O   . SER A 1 68 ? 6.956   -9.208  -1.423  1.00  23.02 ? 259  SER A O   1 
ATOM   475 C  CB  . SER A 1 68 ? 8.364   -6.811  0.196   1.00  20.81 ? 259  SER A CB  1 
ATOM   476 O  OG  . SER A 1 68 ? 8.656   -7.240  1.480   1.00  30.80 ? 259  SER A OG  1 
ATOM   477 N  N   . THR A 1 69 ? 6.322   -9.222  0.734   1.00  18.94 ? 260  THR A N   1 
ATOM   478 C  CA  . THR A 1 69 ? 6.170   -10.675 0.798   1.00  19.98 ? 260  THR A CA  1 
ATOM   479 C  C   . THR A 1 69 ? 4.786   -11.122 0.336   1.00  19.47 ? 260  THR A C   1 
ATOM   480 O  O   . THR A 1 69 ? 4.597   -12.319 0.100   1.00  22.06 ? 260  THR A O   1 
ATOM   481 C  CB  . THR A 1 69 ? 6.528   -11.274 2.157   1.00  22.29 ? 260  THR A CB  1 
ATOM   482 O  OG1 . THR A 1 69 ? 5.694   -10.768 3.186   1.00  22.28 ? 260  THR A OG1 1 
ATOM   483 C  CG2 . THR A 1 69 ? 7.897   -10.896 2.643   1.00  22.37 ? 260  THR A CG2 1 
ATOM   484 N  N   . SER A 1 70 ? 3.843   -10.191 0.167   1.00  17.95 ? 261  SER A N   1 
ATOM   485 C  CA  . SER A 1 70 ? 2.508   -10.462 -0.345  1.00  18.15 ? 261  SER A CA  1 
ATOM   486 C  C   . SER A 1 70 ? 2.573   -11.052 -1.735  1.00  17.48 ? 261  SER A C   1 
ATOM   487 O  O   . SER A 1 70 ? 3.517   -10.788 -2.461  1.00  17.89 ? 261  SER A O   1 
ATOM   488 C  CB  . SER A 1 70 ? 1.683   -9.173  -0.433  1.00  17.25 ? 261  SER A CB  1 
ATOM   489 O  OG  . SER A 1 70 ? 0.405   -9.397  -0.990  1.00  21.43 ? 261  SER A OG  1 
ATOM   490 N  N   . GLY A 1 71 ? 1.588   -11.858 -2.090  1.00  17.02 ? 262  GLY A N   1 
ATOM   491 C  CA  . GLY A 1 71 ? 1.402   -12.238 -3.481  1.00  16.19 ? 262  GLY A CA  1 
ATOM   492 C  C   . GLY A 1 71 ? 0.872   -11.092 -4.304  1.00  15.54 ? 262  GLY A C   1 
ATOM   493 O  O   . GLY A 1 71 ? 0.860   -9.932  -3.883  1.00  17.11 ? 262  GLY A O   1 
ATOM   494 N  N   . THR A 1 72 ? 0.408   -11.432 -5.494  1.00  14.00 ? 263  THR A N   1 
ATOM   495 C  CA  . THR A 1 72 ? 0.116   -10.451 -6.544  1.00  14.16 ? 263  THR A CA  1 
ATOM   496 C  C   . THR A 1 72 ? -0.997  -9.471  -6.149  1.00  14.08 ? 263  THR A C   1 
ATOM   497 O  O   . THR A 1 72 ? -0.965  -8.274  -6.469  1.00  14.42 ? 263  THR A O   1 
ATOM   498 C  CB  . THR A 1 72 ? -0.307  -11.210 -7.777  1.00  15.24 ? 263  THR A CB  1 
ATOM   499 O  OG1 . THR A 1 72 ? 0.674   -12.206 -8.103  1.00  21.21 ? 263  THR A OG1 1 
ATOM   500 C  CG2 . THR A 1 72 ? -0.578  -10.318 -8.985  1.00  16.51 ? 263  THR A CG2 1 
ATOM   501 N  N   . VAL A 1 73 ? -2.066  -9.961  -5.553  1.00  15.45 ? 264  VAL A N   1 
ATOM   502 C  CA  . VAL A 1 73 ? -3.178  -9.141  -5.099  1.00  16.96 ? 264  VAL A CA  1 
ATOM   503 C  C   . VAL A 1 73 ? -2.916  -8.628  -3.700  1.00  16.17 ? 264  VAL A C   1 
ATOM   504 O  O   . VAL A 1 73 ? -2.593  -9.405  -2.800  1.00  20.30 ? 264  VAL A O   1 
ATOM   505 C  CB  . VAL A 1 73 ? -4.455  -9.935  -5.119  1.00  19.04 ? 264  VAL A CB  1 
ATOM   506 C  CG1 . VAL A 1 73 ? -5.646  -9.097  -4.612  1.00  20.82 ? 264  VAL A CG1 1 
ATOM   507 C  CG2 . VAL A 1 73 ? -4.778  -10.380 -6.462  1.00  22.98 ? 264  VAL A CG2 1 
ATOM   508 N  N   . VAL A 1 74 ? -3.078  -7.323  -3.509  1.00  15.52 ? 265  VAL A N   1 
ATOM   509 C  CA  . VAL A 1 74 ? -2.836  -6.617  -2.243  1.00  15.47 ? 265  VAL A CA  1 
ATOM   510 C  C   . VAL A 1 74 ? -4.082  -5.802  -1.934  1.00  15.45 ? 265  VAL A C   1 
ATOM   511 O  O   . VAL A 1 74 ? -4.442  -4.905  -2.687  1.00  16.85 ? 265  VAL A O   1 
ATOM   512 C  CB  . VAL A 1 74 ? -1.641  -5.616  -2.372  1.00  16.84 ? 265  VAL A CB  1 
ATOM   513 C  CG1 . VAL A 1 74 ? -1.431  -4.816  -1.106  1.00  20.53 ? 265  VAL A CG1 1 
ATOM   514 C  CG2 . VAL A 1 74 ? -0.330  -6.328  -2.788  1.00  17.48 ? 265  VAL A CG2 1 
ATOM   515 N  N   . THR A 1 75 ? -4.807  -6.106  -0.847  1.00  14.74 ? 266  THR A N   1 
ATOM   516 C  CA  . THR A 1 75 ? -5.928  -5.262  -0.430  1.00  15.56 ? 266  THR A CA  1 
ATOM   517 C  C   . THR A 1 75 ? -5.478  -4.382  0.715   1.00  16.95 ? 266  THR A C   1 
ATOM   518 O  O   . THR A 1 75 ? -4.750  -4.822  1.591   1.00  21.03 ? 266  THR A O   1 
ATOM   519 C  CB  . THR A 1 75 ? -7.122  -6.055  0.003   1.00  17.54 ? 266  THR A CB  1 
ATOM   520 O  OG1 . THR A 1 75 ? -6.896  -6.649  1.295   1.00  24.53 ? 266  THR A OG1 1 
ATOM   521 C  CG2 . THR A 1 75 ? -7.511  -7.060  -1.037  1.00  18.61 ? 266  THR A CG2 1 
ATOM   522 N  N   . ILE A 1 76 ? -5.857  -3.121  0.683   1.00  15.16 ? 267  ILE A N   1 
ATOM   523 C  CA  . ILE A 1 76 ? -5.455  -2.178  1.730   1.00  16.91 ? 267  ILE A CA  1 
ATOM   524 C  C   . ILE A 1 76 ? -6.714  -1.483  2.216   1.00  18.18 ? 267  ILE A C   1 
ATOM   525 O  O   . ILE A 1 76 ? -7.593  -1.110  1.436   1.00  18.44 ? 267  ILE A O   1 
ATOM   526 C  CB  . ILE A 1 76 ? -4.419  -1.142  1.211   1.00  18.65 ? 267  ILE A CB  1 
ATOM   527 C  CG1 . ILE A 1 76 ? -3.176  -1.912  0.764   1.00  25.37 ? 267  ILE A CG1 1 
ATOM   528 C  CG2 . ILE A 1 76 ? -3.907  -0.220  2.302   1.00  20.94 ? 267  ILE A CG2 1 
ATOM   529 C  CD1 . ILE A 1 76 ? -1.896  -1.107  0.624   1.00  29.29 ? 267  ILE A CD1 1 
ATOM   530 N  N   . THR A 1 77 ? -6.810  -1.336  3.532   1.00  18.53 ? 268  THR A N   1 
ATOM   531 C  CA  . THR A 1 77 ? -7.858  -0.502  4.119   1.00  19.38 ? 268  THR A CA  1 
ATOM   532 C  C   . THR A 1 77 ? -7.197  0.714   4.742   1.00  19.88 ? 268  THR A C   1 
ATOM   533 O  O   . THR A 1 77 ? -6.226  0.588   5.450   1.00  18.96 ? 268  THR A O   1 
ATOM   534 C  CB  . THR A 1 77 ? -8.541  -1.281  5.233   1.00  20.80 ? 268  THR A CB  1 
ATOM   535 O  OG1 . THR A 1 77 ? -9.039  -2.514  4.698   1.00  22.07 ? 268  THR A OG1 1 
ATOM   536 C  CG2 . THR A 1 77 ? -9.767  -0.514  5.787   1.00  21.20 ? 268  THR A CG2 1 
ATOM   537 N  N   . ILE A 1 78 ? -7.734  1.882   4.473   1.00  21.67 ? 269  ILE A N   1 
ATOM   538 C  CA  . ILE A 1 78 ? -7.263  3.109   5.082   1.00  24.71 ? 269  ILE A CA  1 
ATOM   539 C  C   . ILE A 1 78 ? -8.233  3.643   6.140   1.00  27.87 ? 269  ILE A C   1 
ATOM   540 O  O   . ILE A 1 78 ? -9.412  3.260   6.187   1.00  28.53 ? 269  ILE A O   1 
ATOM   541 C  CB  . ILE A 1 78 ? -6.961  4.150   4.019   1.00  25.77 ? 269  ILE A CB  1 
ATOM   542 C  CG1 . ILE A 1 78 ? -8.221  4.463   3.212   1.00  28.45 ? 269  ILE A CG1 1 
ATOM   543 C  CG2 . ILE A 1 78 ? -5.805  3.676   3.117   1.00  26.74 ? 269  ILE A CG2 1 
ATOM   544 C  CD1 . ILE A 1 78 ? -8.032  5.543   2.199   1.00  32.09 ? 269  ILE A CD1 1 
ATOM   545 N  N   . MET A 1 79 ? -7.738  4.471   7.055   1.00  29.60 ? 270  MET A N   1 
ATOM   546 C  CA  . MET A 1 79 ? -8.630  5.363   7.814   1.00  34.14 ? 270  MET A CA  1 
ATOM   547 C  C   . MET A 1 79 ? -8.477  6.595   6.936   1.00  35.62 ? 270  MET A C   1 
ATOM   548 O  O   . MET A 1 79 ? -7.612  7.490   7.011   1.00  37.75 ? 270  MET A O   1 
ATOM   549 C  CB  . MET A 1 79 ? -8.258  5.592   9.284   1.00  36.26 ? 270  MET A CB  1 
ATOM   550 C  CG  . MET A 1 79 ? -6.810  5.913   9.662   1.00  38.76 ? 270  MET A CG  1 
ATOM   551 S  SD  . MET A 1 79 ? -6.579  6.411   11.441  1.00  43.12 ? 270  MET A SD  1 
ATOM   552 C  CE  . MET A 1 79 ? -7.515  7.927   11.584  1.00  43.87 ? 270  MET A CE  1 
ATOM   553 O  OXT . MET A 1 79 ? -9.206  6.572   5.952   1.00  38.39 ? 270  MET A OXT 1 
ATOM   554 N  N   . ASP B 2 5  ? 12.880  7.243   -1.180  0.50  16.62 ? 5    ASP B N   1 
ATOM   555 C  CA  . ASP B 2 5  ? 11.953  6.418   -0.373  0.50  17.73 ? 5    ASP B CA  1 
ATOM   556 C  C   . ASP B 2 5  ? 11.570  5.211   -1.196  0.50  19.92 ? 5    ASP B C   1 
ATOM   557 O  O   . ASP B 2 5  ? 11.655  5.121   -2.396  0.50  21.14 ? 5    ASP B O   1 
ATOM   558 C  CB  . ASP B 2 5  ? 10.687  7.193   -0.069  0.50  17.15 ? 5    ASP B CB  1 
ATOM   559 C  CG  . ASP B 2 5  ? 10.884  8.349   0.876   0.50  21.12 ? 5    ASP B CG  1 
ATOM   560 O  OD1 . ASP B 2 5  ? 11.920  9.094   0.865   0.50  21.01 ? 5    ASP B OD1 1 
ATOM   561 O  OD2 . ASP B 2 5  ? 9.952   8.611   1.647   0.50  21.94 ? 5    ASP B OD2 1 
ATOM   562 N  N   . SER B 2 6  ? 11.046  4.225   -0.503  1.00  23.04 ? 6    SER B N   1 
ATOM   563 C  CA  . SER B 2 6  ? 10.656  2.980   -1.127  1.00  23.14 ? 6    SER B CA  1 
ATOM   564 C  C   . SER B 2 6  ? 9.237   3.109   -1.741  1.00  22.46 ? 6    SER B C   1 
ATOM   565 O  O   . SER B 2 6  ? 8.299   3.714   -1.215  1.00  20.51 ? 6    SER B O   1 
ATOM   566 C  CB  . SER B 2 6  ? 10.763  1.846   -0.090  1.00  24.06 ? 6    SER B CB  1 
ATOM   567 O  OG  . SER B 2 6  ? 12.118  1.631   0.347   1.00  29.32 ? 6    SER B OG  1 
ATOM   568 N  N   . VAL B 2 7  ? 9.112   2.490   -2.901  1.00  20.76 ? 7    VAL B N   1 
ATOM   569 C  CA  . VAL B 2 7  ? 7.811   2.315   -3.547  1.00  18.84 ? 7    VAL B CA  1 
ATOM   570 C  C   . VAL B 2 7  ? 7.415   0.866   -3.327  1.00  18.59 ? 7    VAL B C   1 
ATOM   571 O  O   . VAL B 2 7  ? 8.236   -0.023  -3.388  1.00  17.90 ? 7    VAL B O   1 
ATOM   572 C  CB  . VAL B 2 7  ? 7.803   2.712   -5.059  1.00  22.08 ? 7    VAL B CB  1 
ATOM   573 C  CG1 . VAL B 2 7  ? 8.822   2.006   -5.871  1.00  25.32 ? 7    VAL B CG1 1 
ATOM   574 C  CG2 . VAL B 2 7  ? 6.452   2.456   -5.672  1.00  21.48 ? 7    VAL B CG2 1 
ATOM   575 N  N   . PHE B 2 8  ? 6.118   0.686   -3.169  1.00  16.52 ? 8    PHE B N   1 
ATOM   576 C  CA  . PHE B 2 8  ? 5.499   -0.639  -2.979  1.00  16.23 ? 8    PHE B CA  1 
ATOM   577 C  C   . PHE B 2 8  ? 4.356   -0.854  -3.928  1.00  18.52 ? 8    PHE B C   1 
ATOM   578 O  O   . PHE B 2 8  ? 3.893   0.145   -4.501  1.00  17.93 ? 8    PHE B O   1 
ATOM   579 C  CB  . PHE B 2 8  ? 5.009   -0.793  -1.544  1.00  17.05 ? 8    PHE B CB  1 
ATOM   580 C  CG  . PHE B 2 8  ? 6.130   -0.743  -0.580  1.00  16.09 ? 8    PHE B CG  1 
ATOM   581 C  CD1 . PHE B 2 8  ? 6.515   0.442   -0.003  1.00  17.83 ? 8    PHE B CD1 1 
ATOM   582 C  CD2 . PHE B 2 8  ? 6.877   -1.874  -0.325  1.00  16.16 ? 8    PHE B CD2 1 
ATOM   583 C  CE1 . PHE B 2 8  ? 7.612   0.471   0.821   1.00  17.80 ? 8    PHE B CE1 1 
ATOM   584 C  CE2 . PHE B 2 8  ? 7.961   -1.807  0.455   1.00  19.93 ? 8    PHE B CE2 1 
ATOM   585 C  CZ  . PHE B 2 8  ? 8.322   -0.620  1.034   1.00  18.79 ? 8    PHE B CZ  1 
ATOM   586 O  OXT . PHE B 2 8  ? 3.971   -2.000  -4.081  1.00  18.79 ? 8    PHE B OXT 1 
HETATM 587 CO CO  . CO  C 3 .  ? 10.540  -2.424  -5.325  0.50  17.62 ? 1271 CO  A CO  1 
HETATM 588 CO CO  . CO  D 3 .  ? -9.740  11.936  2.126   0.50  18.24 ? 1272 CO  A CO  1 
HETATM 589 S  S   . SO4 E 4 .  ? 9.696   -4.091  17.412  1.00  15.44 ? 1273 SO4 A S   1 
HETATM 590 O  O1  . SO4 E 4 .  ? 8.371   -4.089  16.824  1.00  17.38 ? 1273 SO4 A O1  1 
HETATM 591 O  O2  . SO4 E 4 .  ? 9.787   -5.253  18.277  1.00  17.37 ? 1273 SO4 A O2  1 
HETATM 592 O  O3  . SO4 E 4 .  ? 10.701  -4.091  16.371  1.00  17.41 ? 1273 SO4 A O3  1 
HETATM 593 O  O4  . SO4 E 4 .  ? 9.888   -2.878  18.228  1.00  20.09 ? 1273 SO4 A O4  1 
HETATM 594 S  S   . SO4 F 4 .  ? 10.388  2.783   10.726  1.00  29.26 ? 1274 SO4 A S   1 
HETATM 595 O  O1  . SO4 F 4 .  ? 10.639  1.648   9.772   1.00  24.94 ? 1274 SO4 A O1  1 
HETATM 596 O  O2  . SO4 F 4 .  ? 8.967   3.254   10.916  1.00  22.88 ? 1274 SO4 A O2  1 
HETATM 597 O  O3  . SO4 F 4 .  ? 11.096  3.947   10.135  1.00  31.62 ? 1274 SO4 A O3  1 
HETATM 598 O  O4  . SO4 F 4 .  ? 10.983  2.414   12.020  1.00  31.28 ? 1274 SO4 A O4  1 
HETATM 599 O  O   . HOH G 5 .  ? -8.078  12.524  7.227   1.00  36.81 ? 2001 HOH A O   1 
HETATM 600 O  O   . HOH G 5 .  ? -8.493  -4.969  14.449  1.00  50.51 ? 2002 HOH A O   1 
HETATM 601 O  O   . HOH G 5 .  ? -2.374  -12.046 6.342   1.00  52.23 ? 2003 HOH A O   1 
HETATM 602 O  O   . HOH G 5 .  ? -10.880 -8.979  6.249   0.50  47.17 ? 2004 HOH A O   1 
HETATM 603 O  O   . HOH G 5 .  ? 0.505   -5.340  16.051  1.00  42.63 ? 2005 HOH A O   1 
HETATM 604 O  O   . HOH G 5 .  ? 6.849   3.393   14.549  1.00  39.21 ? 2006 HOH A O   1 
HETATM 605 O  O   . HOH G 5 .  ? 12.711  -6.310  6.401   1.00  33.98 ? 2007 HOH A O   1 
HETATM 606 O  O   . HOH G 5 .  ? 12.708  -2.022  5.349   1.00  42.51 ? 2008 HOH A O   1 
HETATM 607 O  O   . HOH G 5 .  ? 10.528  -12.774 3.878   1.00  32.58 ? 2009 HOH A O   1 
HETATM 608 O  O   . HOH G 5 .  ? -9.995  -7.298  4.193   1.00  48.79 ? 2010 HOH A O   1 
HETATM 609 O  O   . HOH G 5 .  ? 2.718   12.773  5.055   1.00  37.31 ? 2011 HOH A O   1 
HETATM 610 O  O   . HOH G 5 .  ? 5.615   12.179  5.753   1.00  50.00 ? 2012 HOH A O   1 
HETATM 611 O  O   . HOH G 5 .  ? 2.654   12.676  9.901   1.00  24.32 ? 2013 HOH A O   1 
HETATM 612 O  O   . HOH G 5 .  ? 8.202   10.694  9.388   1.00  40.02 ? 2014 HOH A O   1 
HETATM 613 O  O   . HOH G 5 .  ? -4.580  15.192  6.702   1.00  33.14 ? 2015 HOH A O   1 
HETATM 614 O  O   . HOH G 5 .  ? -3.397  16.655  4.572   1.00  41.58 ? 2016 HOH A O   1 
HETATM 615 O  O   . HOH G 5 .  ? 7.010   11.917  3.537   1.00  28.84 ? 2017 HOH A O   1 
HETATM 616 O  O   . HOH G 5 .  ? -14.556 -0.781  2.562   1.00  45.89 ? 2018 HOH A O   1 
HETATM 617 O  O   . HOH G 5 .  ? -13.535 -0.778  4.625   1.00  42.89 ? 2019 HOH A O   1 
HETATM 618 O  O   . HOH G 5 .  ? -15.118 0.768   6.322   1.00  50.64 ? 2020 HOH A O   1 
HETATM 619 O  O   . HOH G 5 .  ? -13.552 1.438   -1.761  1.00  46.77 ? 2021 HOH A O   1 
HETATM 620 O  O   . HOH G 5 .  ? -11.573 -4.234  -2.037  1.00  37.52 ? 2022 HOH A O   1 
HETATM 621 O  O   . HOH G 5 .  ? -9.002  -4.006  -8.532  1.00  26.44 ? 2023 HOH A O   1 
HETATM 622 O  O   . HOH G 5 .  ? -10.987 -1.924  -5.044  1.00  29.02 ? 2024 HOH A O   1 
HETATM 623 O  O   . HOH G 5 .  ? -9.789  -7.934  -8.088  1.00  50.11 ? 2025 HOH A O   1 
HETATM 624 O  O   . HOH G 5 .  ? -0.550  -3.318  -11.681 1.00  20.45 ? 2026 HOH A O   1 
HETATM 625 O  O   . HOH G 5 .  ? -0.608  -6.549  -13.007 1.00  32.06 ? 2027 HOH A O   1 
HETATM 626 O  O   . HOH G 5 .  ? 2.260   -0.027  -12.865 1.00  26.17 ? 2028 HOH A O   1 
HETATM 627 O  O   . HOH G 5 .  ? 6.332   -0.794  -14.106 1.00  38.34 ? 2029 HOH A O   1 
HETATM 628 O  O   . HOH G 5 .  ? 3.724   1.028   -10.426 1.00  34.96 ? 2030 HOH A O   1 
HETATM 629 O  O   . HOH G 5 .  ? 2.708   -4.665  -15.451 1.00  32.84 ? 2031 HOH A O   1 
HETATM 630 O  O   . HOH G 5 .  ? 9.288   -5.031  -16.016 1.00  44.81 ? 2032 HOH A O   1 
HETATM 631 O  O   . HOH G 5 .  ? 10.393  -6.754  -13.452 1.00  46.52 ? 2033 HOH A O   1 
HETATM 632 O  O   . HOH G 5 .  ? 6.738   -7.355  -4.638  1.00  38.29 ? 2034 HOH A O   1 
HETATM 633 O  O   . HOH G 5 .  ? 1.054   -1.051  -10.437 1.00  16.64 ? 2035 HOH A O   1 
HETATM 634 O  O   . HOH G 5 .  ? 8.400   2.962   3.692   1.00  29.67 ? 2036 HOH A O   1 
HETATM 635 O  O   . HOH G 5 .  ? 9.276   5.907   3.068   1.00  31.22 ? 2037 HOH A O   1 
HETATM 636 O  O   . HOH G 5 .  ? 11.286  7.953   7.956   1.00  46.61 ? 2038 HOH A O   1 
HETATM 637 O  O   . HOH G 5 .  ? 3.645   10.760  6.566   1.00  24.80 ? 2039 HOH A O   1 
HETATM 638 O  O   . HOH G 5 .  ? 3.106   11.235  9.235   1.00  39.57 ? 2040 HOH A O   1 
HETATM 639 O  O   . HOH G 5 .  ? 7.629   7.406   10.903  1.00  48.91 ? 2041 HOH A O   1 
HETATM 640 O  O   . HOH G 5 .  ? -0.732  14.562  10.045  1.00  44.07 ? 2042 HOH A O   1 
HETATM 641 O  O   . HOH G 5 .  ? -2.129  14.024  6.709   1.00  39.47 ? 2043 HOH A O   1 
HETATM 642 O  O   . HOH G 5 .  ? 7.270   9.962   1.513   1.00  23.28 ? 2044 HOH A O   1 
HETATM 643 O  O   . HOH G 5 .  ? 3.446   13.327  -3.647  1.00  29.41 ? 2045 HOH A O   1 
HETATM 644 O  O   . HOH G 5 .  ? 7.391   11.975  -3.942  1.00  33.68 ? 2046 HOH A O   1 
HETATM 645 O  O   . HOH G 5 .  ? 7.003   10.844  -1.131  1.00  30.51 ? 2047 HOH A O   1 
HETATM 646 O  O   . HOH G 5 .  ? 0.509   10.392  -18.846 1.00  51.72 ? 2048 HOH A O   1 
HETATM 647 O  O   . HOH G 5 .  ? 4.811   5.591   -14.230 1.00  15.57 ? 2049 HOH A O   1 
HETATM 648 O  O   . HOH G 5 .  ? 5.057   11.263  -16.898 1.00  33.68 ? 2050 HOH A O   1 
HETATM 649 O  O   . HOH G 5 .  ? 3.125   2.459   -13.163 1.00  22.65 ? 2051 HOH A O   1 
HETATM 650 O  O   . HOH G 5 .  ? 1.531   14.056  -15.631 1.00  38.68 ? 2052 HOH A O   1 
HETATM 651 O  O   . HOH G 5 .  ? 3.921   6.622   -16.586 1.00  28.11 ? 2053 HOH A O   1 
HETATM 652 O  O   . HOH G 5 .  ? -1.596  8.872   -16.268 1.00  47.04 ? 2054 HOH A O   1 
HETATM 653 O  O   . HOH G 5 .  ? -2.091  7.853   -13.346 1.00  21.98 ? 2055 HOH A O   1 
HETATM 654 O  O   . HOH G 5 .  ? -6.118  8.051   -9.002  1.00  39.07 ? 2056 HOH A O   1 
HETATM 655 O  O   . HOH G 5 .  ? -5.975  6.162   -12.828 1.00  33.70 ? 2057 HOH A O   1 
HETATM 656 O  O   . HOH G 5 .  ? -10.298 5.168   -10.842 1.00  21.63 ? 2058 HOH A O   1 
HETATM 657 O  O   . HOH G 5 .  ? -3.715  -0.773  -17.184 1.00  39.93 ? 2059 HOH A O   1 
HETATM 658 O  O   . HOH G 5 .  ? -3.828  -3.258  -15.922 1.00  45.91 ? 2060 HOH A O   1 
HETATM 659 O  O   . HOH G 5 .  ? 0.101   -1.101  -13.984 1.00  23.92 ? 2061 HOH A O   1 
HETATM 660 O  O   . HOH G 5 .  ? -3.142  2.911   -15.923 1.00  25.76 ? 2062 HOH A O   1 
HETATM 661 O  O   . HOH G 5 .  ? -11.513 1.413   -5.998  1.00  35.83 ? 2063 HOH A O   1 
HETATM 662 O  O   . HOH G 5 .  ? -11.237 -0.539  -7.587  1.00  22.51 ? 2064 HOH A O   1 
HETATM 663 O  O   . HOH G 5 .  ? -5.189  6.859   -6.579  1.00  26.64 ? 2065 HOH A O   1 
HETATM 664 O  O   . HOH G 5 .  ? -6.464  12.589  -0.092  1.00  43.49 ? 2066 HOH A O   1 
HETATM 665 O  O   . HOH G 5 .  ? -3.344  11.714  -4.132  1.00  30.15 ? 2067 HOH A O   1 
HETATM 666 O  O   . HOH G 5 .  ? -4.376  11.301  7.932   1.00  43.45 ? 2068 HOH A O   1 
HETATM 667 O  O   . HOH G 5 .  ? -6.118  13.210  5.590   1.00  28.01 ? 2069 HOH A O   1 
HETATM 668 O  O   . HOH G 5 .  ? 1.684   13.429  0.568   1.00  39.29 ? 2070 HOH A O   1 
HETATM 669 O  O   . HOH G 5 .  ? -5.513  9.035   8.409   1.00  40.03 ? 2071 HOH A O   1 
HETATM 670 O  O   . HOH G 5 .  ? -0.241  2.526   9.539   1.00  24.90 ? 2072 HOH A O   1 
HETATM 671 O  O   . HOH G 5 .  ? -9.557  -1.033  9.664   1.00  60.49 ? 2073 HOH A O   1 
HETATM 672 O  O   . HOH G 5 .  ? -8.011  -4.131  12.067  1.00  54.21 ? 2074 HOH A O   1 
HETATM 673 O  O   . HOH G 5 .  ? -1.272  -9.293  5.757   1.00  31.23 ? 2075 HOH A O   1 
HETATM 674 O  O   . HOH G 5 .  ? -5.622  -12.711 3.167   1.00  39.03 ? 2076 HOH A O   1 
HETATM 675 O  O   . HOH G 5 .  ? -6.470  -10.043 -0.451  1.00  51.72 ? 2077 HOH A O   1 
HETATM 676 O  O   . HOH G 5 .  ? -0.211  -10.333 3.524   1.00  29.50 ? 2078 HOH A O   1 
HETATM 677 O  O   . HOH G 5 .  ? -4.545  -10.713 7.330   1.00  73.62 ? 2079 HOH A O   1 
HETATM 678 O  O   . HOH G 5 .  ? -9.652  -8.420  8.394   1.00  48.93 ? 2080 HOH A O   1 
HETATM 679 O  O   . HOH G 5 .  ? -0.204  -11.539 12.170  1.00  45.32 ? 2081 HOH A O   1 
HETATM 680 O  O   . HOH G 5 .  ? 3.365   -8.723  10.631  1.00  31.15 ? 2082 HOH A O   1 
HETATM 681 O  O   . HOH G 5 .  ? 1.972   -10.533 7.977   1.00  42.41 ? 2083 HOH A O   1 
HETATM 682 O  O   . HOH G 5 .  ? -4.691  -8.632  12.315  1.00  33.42 ? 2084 HOH A O   1 
HETATM 683 O  O   . HOH G 5 .  ? -5.189  -6.057  16.069  1.00  45.42 ? 2085 HOH A O   1 
HETATM 684 O  O   . HOH G 5 .  ? -7.070  -2.077  11.511  1.00  31.61 ? 2086 HOH A O   1 
HETATM 685 O  O   . HOH G 5 .  ? 0.199   -6.819  13.071  1.00  45.57 ? 2087 HOH A O   1 
HETATM 686 O  O   . HOH G 5 .  ? -0.978  -3.351  14.371  1.00  26.79 ? 2088 HOH A O   1 
HETATM 687 O  O   . HOH G 5 .  ? 0.928   -2.193  16.330  1.00  41.01 ? 2089 HOH A O   1 
HETATM 688 O  O   . HOH G 5 .  ? 3.765   -2.571  17.390  1.00  31.91 ? 2090 HOH A O   1 
HETATM 689 O  O   . HOH G 5 .  ? 5.655   1.802   15.797  1.00  29.65 ? 2091 HOH A O   1 
HETATM 690 O  O   . HOH G 5 .  ? 4.632   3.222   10.624  1.00  18.21 ? 2092 HOH A O   1 
HETATM 691 O  O   . HOH G 5 .  ? 13.202  0.681   14.951  1.00  41.40 ? 2093 HOH A O   1 
HETATM 692 O  O   . HOH G 5 .  ? 11.515  -0.201  18.694  1.00  32.28 ? 2094 HOH A O   1 
HETATM 693 O  O   . HOH G 5 .  ? 9.895   4.889   5.858   1.00  33.97 ? 2095 HOH A O   1 
HETATM 694 O  O   . HOH G 5 .  ? 10.220  0.953   4.776   1.00  34.73 ? 2096 HOH A O   1 
HETATM 695 O  O   . HOH G 5 .  ? 11.306  -4.301  5.533   1.00  22.68 ? 2097 HOH A O   1 
HETATM 696 O  O   . HOH G 5 .  ? 12.421  -0.028  11.343  1.00  32.02 ? 2098 HOH A O   1 
HETATM 697 O  O   . HOH G 5 .  ? 5.950   -2.302  16.000  1.00  23.15 ? 2099 HOH A O   1 
HETATM 698 O  O   . HOH G 5 .  ? 5.868   -9.594  7.609   1.00  24.89 ? 2100 HOH A O   1 
HETATM 699 O  O   . HOH G 5 .  ? 8.976   -12.043 6.049   1.00  23.71 ? 2101 HOH A O   1 
HETATM 700 O  O   . HOH G 5 .  ? 2.438   -10.500 3.358   1.00  22.00 ? 2102 HOH A O   1 
HETATM 701 O  O   . HOH G 5 .  ? 10.423  -5.160  2.793   1.00  36.87 ? 2103 HOH A O   1 
HETATM 702 O  O   . HOH G 5 .  ? 10.094  -10.452 -0.400  1.00  50.90 ? 2104 HOH A O   1 
HETATM 703 O  O   . HOH G 5 .  ? 6.288   -12.914 5.213   1.00  41.90 ? 2105 HOH A O   1 
HETATM 704 O  O   . HOH G 5 .  ? 3.765   -10.779 6.158   1.00  27.65 ? 2106 HOH A O   1 
HETATM 705 O  O   . HOH G 5 .  ? 4.383   -11.026 -5.335  1.00  36.97 ? 2107 HOH A O   1 
HETATM 706 O  O   . HOH G 5 .  ? 2.040   -12.788 -10.385 1.00  30.88 ? 2108 HOH A O   1 
HETATM 707 O  O   . HOH G 5 .  ? -4.516  -11.000 -1.521  1.00  46.26 ? 2109 HOH A O   1 
HETATM 708 O  O   . HOH G 5 .  ? -7.064  -4.857  3.819   1.00  22.38 ? 2110 HOH A O   1 
HETATM 709 O  O   . HOH G 5 .  ? -7.290  -9.941  2.153   1.00  46.94 ? 2111 HOH A O   1 
HETATM 710 O  O   . HOH G 5 .  ? -8.789  -7.988  2.481   1.00  43.59 ? 2112 HOH A O   1 
HETATM 711 O  O   . HOH G 5 .  ? -12.195 3.471   -2.332  1.00  50.24 ? 2113 HOH A O   1 
HETATM 712 O  O   . HOH G 5 .  ? -10.870 -5.571  -7.771  1.00  49.14 ? 2114 HOH A O   1 
HETATM 713 O  O   . HOH G 5 .  ? 0.033   -3.992  -14.593 1.00  34.65 ? 2115 HOH A O   1 
HETATM 714 O  O   . HOH G 5 .  ? 10.592  -2.368  -15.581 1.00  42.75 ? 2116 HOH A O   1 
HETATM 715 O  O   . HOH G 5 .  ? 12.088  -4.741  -11.499 1.00  39.65 ? 2117 HOH A O   1 
HETATM 716 O  O   . HOH G 5 .  ? -10.713 7.413   3.796   1.00  51.70 ? 2118 HOH A O   1 
HETATM 717 O  O   . HOH G 5 .  ? -8.211  10.103  8.616   1.00  35.62 ? 2119 HOH A O   1 
HETATM 718 O  O   . HOH G 5 .  ? 9.135   -7.142  -3.566  1.00  42.01 ? 2120 HOH A O   1 
HETATM 719 O  O   . HOH G 5 .  ? 10.854  -4.634  -5.429  0.50  24.03 ? 2121 HOH A O   1 
HETATM 720 O  O   . HOH G 5 .  ? 9.144   -2.409  -3.640  0.50  16.44 ? 2122 HOH A O   1 
HETATM 721 O  O   . HOH G 5 .  ? 12.203  -3.252  -4.333  0.50  20.74 ? 2123 HOH A O   1 
HETATM 722 O  O   . HOH G 5 .  ? -9.039  12.601  0.409   1.00  28.44 ? 2124 HOH A O   1 
HETATM 723 O  O   . HOH G 5 .  ? -10.700 10.269  0.978   0.50  25.18 ? 2125 HOH A O   1 
HETATM 724 O  O   . HOH G 5 .  ? 9.864   -3.838  20.877  1.00  33.69 ? 2126 HOH A O   1 
HETATM 725 O  O   . HOH G 5 .  ? 7.305   -1.625  18.157  1.00  33.35 ? 2127 HOH A O   1 
HETATM 726 O  O   . HOH G 5 .  ? 11.074  -1.430  20.725  1.00  32.50 ? 2128 HOH A O   1 
HETATM 727 O  O   . HOH G 5 .  ? 4.609   9.109   -17.792 1.00  28.09 ? 2129 HOH A O   1 
HETATM 728 O  O   . HOH G 5 .  ? 3.056   9.364   -19.967 1.00  50.10 ? 2130 HOH A O   1 
HETATM 729 O  O   . HOH G 5 .  ? -4.049  5.596   -14.032 1.00  31.56 ? 2131 HOH A O   1 
HETATM 730 O  O   . HOH G 5 .  ? 10.066  5.623   8.399   1.00  30.69 ? 2132 HOH A O   1 
HETATM 731 O  O   . HOH G 5 .  ? 11.489  1.824   7.002   1.00  40.15 ? 2133 HOH A O   1 
HETATM 732 O  O   . HOH G 5 .  ? 9.802   3.597   14.313  1.00  35.74 ? 2134 HOH A O   1 
HETATM 733 O  O   . HOH G 5 .  ? 6.598   4.734   11.926  1.00  29.66 ? 2135 HOH A O   1 
HETATM 734 O  O   . HOH H 5 .  ? 12.695  9.699   0.887   0.50  11.22 ? 2001 HOH B O   1 
HETATM 735 O  O   . HOH H 5 .  ? 11.431  6.983   -0.179  0.50  43.90 ? 2002 HOH B O   1 
HETATM 736 O  O   . HOH H 5 .  ? 12.715  8.826   3.337   1.00  43.21 ? 2003 HOH B O   1 
HETATM 737 O  O   . HOH H 5 .  ? 11.262  4.338   2.461   1.00  30.63 ? 2004 HOH B O   1 
HETATM 738 O  O   . HOH H 5 .  ? 12.625  -0.254  -1.589  1.00  44.38 ? 2005 HOH B O   1 
HETATM 739 O  O   . HOH H 5 .  ? 7.202   3.843   1.089   1.00  21.76 ? 2006 HOH B O   1 
HETATM 740 O  O   . HOH H 5 .  ? 5.317   -4.307  -3.313  1.00  28.44 ? 2007 HOH B O   1 
HETATM 741 O  O   . HOH H 5 .  ? 13.180  6.238   2.958   1.00  45.73 ? 2008 HOH B O   1 
HETATM 742 O  O   . HOH H 5 .  ? 7.920   -4.702  -2.579  1.00  24.95 ? 2009 HOH B O   1 
# 
loop_
_atom_site_anisotrop.id 
_atom_site_anisotrop.type_symbol 
_atom_site_anisotrop.pdbx_label_atom_id 
_atom_site_anisotrop.pdbx_label_alt_id 
_atom_site_anisotrop.pdbx_label_comp_id 
_atom_site_anisotrop.pdbx_label_asym_id 
_atom_site_anisotrop.pdbx_label_seq_id 
_atom_site_anisotrop.pdbx_PDB_ins_code 
_atom_site_anisotrop.U[1][1] 
_atom_site_anisotrop.U[2][2] 
_atom_site_anisotrop.U[3][3] 
_atom_site_anisotrop.U[1][2] 
_atom_site_anisotrop.U[1][3] 
_atom_site_anisotrop.U[2][3] 
_atom_site_anisotrop.pdbx_auth_seq_id 
_atom_site_anisotrop.pdbx_auth_comp_id 
_atom_site_anisotrop.pdbx_auth_asym_id 
_atom_site_anisotrop.pdbx_auth_atom_id 
1   N  N   . ARG A 6  ? 0.3764 0.3939 0.4016 -0.0152 0.0253  -0.0118 197  ARG A N   
2   C  CA  . ARG A 6  ? 0.3551 0.3656 0.3683 0.0019  0.0073  -0.0141 197  ARG A CA  
3   C  C   . ARG A 6  ? 0.3093 0.3458 0.3344 -0.0059 0.0111  -0.0153 197  ARG A C   
4   O  O   . ARG A 6  ? 0.3061 0.3536 0.3258 -0.0071 -0.0060 -0.0222 197  ARG A O   
5   C  CB  . ARG A 6  ? 0.3788 0.3818 0.3904 -0.0018 -0.0031 -0.0208 197  ARG A CB  
6   C  CG  . ARG A 6  ? 0.4396 0.4541 0.4535 0.0074  0.0194  -0.0026 197  ARG A CG  
7   C  CD  . ARG A 6  ? 0.5300 0.5195 0.5049 -0.0066 -0.0058 -0.0193 197  ARG A CD  
8   N  NE  . ARG A 6  ? 0.5788 0.5818 0.5700 -0.0081 0.0099  0.0053  197  ARG A NE  
9   C  CZ  . ARG A 6  ? 0.6187 0.6118 0.6190 0.0033  -0.0023 0.0099  197  ARG A CZ  
10  N  NH1 . ARG A 6  ? 0.6444 0.6517 0.6434 0.0113  0.0093  -0.0042 197  ARG A NH1 
11  N  NH2 . ARG A 6  ? 0.6325 0.6433 0.6343 -0.0028 0.0031  0.0088  197  ARG A NH2 
12  N  N   . THR A 7  ? 0.2858 0.2950 0.3053 -0.0048 0.0262  0.0012  198  THR A N   
13  C  CA  . THR A 7  ? 0.2672 0.3217 0.2976 -0.0071 0.0075  0.0014  198  THR A CA  
14  C  C   . THR A 7  ? 0.2567 0.3160 0.2784 0.0021  -0.0023 0.0032  198  THR A C   
15  O  O   . THR A 7  ? 0.2590 0.3763 0.2873 0.0054  -0.0063 0.0056  198  THR A O   
16  C  CB  . THR A 7  ? 0.2956 0.3316 0.3201 -0.0250 -0.0005 0.0006  198  THR A CB  
17  O  OG1 . THR A 7  ? 0.2843 0.3575 0.3031 -0.0330 0.0309  0.0303  198  THR A OG1 
18  C  CG2 . THR A 7  ? 0.3469 0.3240 0.3435 -0.0299 0.0038  0.0018  198  THR A CG2 
19  N  N   . ILE A 8  ? 0.2407 0.2724 0.2317 0.0145  0.0175  0.0109  199  ILE A N   
20  C  CA  . ILE A 8  ? 0.2493 0.2729 0.2375 0.0227  0.0090  0.0081  199  ILE A CA  
21  C  C   . ILE A 8  ? 0.2343 0.2574 0.2331 0.0185  0.0095  0.0052  199  ILE A C   
22  O  O   . ILE A 8  ? 0.2511 0.2754 0.2151 0.0286  -0.0047 0.0074  199  ILE A O   
23  C  CB  . ILE A 8  ? 0.2788 0.2756 0.2584 0.0159  0.0188  0.0170  199  ILE A CB  
24  C  CG1 . ILE A 8  ? 0.3207 0.2945 0.3236 0.0149  0.0060  0.0164  199  ILE A CG1 
25  C  CG2 . ILE A 8  ? 0.3183 0.3186 0.2861 0.0267  0.0220  0.0130  199  ILE A CG2 
26  C  CD1 . ILE A 8  ? 0.3700 0.3397 0.3493 -0.0081 0.0161  0.0042  199  ILE A CD1 
27  N  N   . THR A 9  ? 0.1686 0.2286 0.2218 0.0082  0.0091  0.0200  200  THR A N   
28  C  CA  . THR A 9  ? 0.1889 0.2034 0.2011 -0.0217 0.0209  0.0223  200  THR A CA  
29  C  C   . THR A 9  ? 0.1764 0.1950 0.1710 -0.0075 0.0181  0.0323  200  THR A C   
30  O  O   . THR A 9  ? 0.1741 0.2447 0.2145 -0.0090 0.0268  0.0519  200  THR A O   
31  C  CB  . THR A 9  ? 0.2005 0.2437 0.2245 -0.0402 0.0229  0.0128  200  THR A CB  
32  O  OG1 . THR A 9  ? 0.2408 0.3038 0.2854 -0.0543 0.0832  0.0180  200  THR A OG1 
33  C  CG2 . THR A 9  ? 0.2063 0.2371 0.2622 -0.0711 0.0313  0.0017  200  THR A CG2 
34  N  N   . MET A 10 ? 0.1672 0.1598 0.1626 -0.0191 0.0187  0.0312  201  MET A N   
35  C  CA  . MET A 10 ? 0.1557 0.1592 0.1854 -0.0235 0.0156  0.0237  201  MET A CA  
36  C  C   . MET A 10 ? 0.1659 0.1455 0.1696 -0.0320 0.0143  0.0104  201  MET A C   
37  O  O   . MET A 10 ? 0.2011 0.1428 0.1693 -0.0367 0.0246  0.0328  201  MET A O   
38  C  CB  . MET A 10 ? 0.1620 0.1632 0.1941 -0.0250 0.0230  0.0098  201  MET A CB  
39  C  CG  . MET A 10 ? 0.2134 0.1764 0.1964 -0.0184 0.0149  0.0029  201  MET A CG  
40  S  SD  . MET A 10 ? 0.2314 0.1723 0.2096 -0.0601 0.0250  0.0053  201  MET A SD  
41  C  CE  . MET A 10 ? 0.2782 0.2101 0.1999 -0.0321 0.0065  0.0152  201  MET A CE  
42  N  N   . HIS A 11 ? 0.1602 0.1314 0.1784 -0.0260 0.0128  0.0006  202  HIS A N   
43  C  CA  . HIS A 11 ? 0.1487 0.1502 0.1692 -0.0188 0.0272  0.0133  202  HIS A CA  
44  C  C   . HIS A 11 ? 0.1457 0.1667 0.1689 -0.0165 0.0354  0.0126  202  HIS A C   
45  O  O   . HIS A 11 ? 0.1569 0.1658 0.2210 -0.0131 0.0481  0.0221  202  HIS A O   
46  C  CB  . HIS A 11 ? 0.1822 0.1948 0.2046 -0.0188 0.0157  0.0007  202  HIS A CB  
47  C  CG  . HIS A 11 ? 0.1948 0.1925 0.2268 -0.0201 0.0098  -0.0052 202  HIS A CG  
48  N  ND1 . HIS A 11 ? 0.1922 0.2726 0.2597 -0.0400 0.0273  0.0267  202  HIS A ND1 
49  C  CD2 . HIS A 11 ? 0.2654 0.2250 0.3012 -0.0165 0.0014  0.0145  202  HIS A CD2 
50  C  CE1 . HIS A 11 ? 0.1964 0.2576 0.2363 -0.0320 0.0245  0.0243  202  HIS A CE1 
51  N  NE2 . HIS A 11 ? 0.2896 0.3154 0.3439 -0.0290 0.0234  0.0014  202  HIS A NE2 
52  N  N   . LYS A 12 ? 0.1619 0.1302 0.1922 -0.0220 0.0370  0.0235  203  LYS A N   
53  C  CA  . LYS A 12 ? 0.1583 0.1746 0.1971 -0.0091 0.0219  -0.0006 203  LYS A CA  
54  C  C   . LYS A 12 ? 0.1528 0.1657 0.2193 -0.0133 0.0265  0.0042  203  LYS A C   
55  O  O   . LYS A 12 ? 0.1895 0.1812 0.2324 -0.0133 0.0475  -0.0095 203  LYS A O   
56  C  CB  . LYS A 12 ? 0.1561 0.1934 0.2258 -0.0018 0.0277  -0.0004 203  LYS A CB  
57  C  CG  . LYS A 12 ? 0.1883 0.1925 0.2324 -0.0238 -0.0012 0.0054  203  LYS A CG  
58  C  CD  . LYS A 12 ? 0.1966 0.2342 0.2287 -0.0127 0.0151  0.0044  203  LYS A CD  
59  C  CE  . LYS A 12 ? 0.2470 0.2766 0.2403 -0.0140 -0.0190 0.0062  203  LYS A CE  
60  N  NZ  . LYS A 12 ? 0.3104 0.3100 0.2875 0.0196  -0.0281 -0.0017 203  LYS A NZ  
61  N  N   . ASP A 13 ? 0.1833 0.1918 0.2322 -0.0286 0.0382  0.0050  204  ASP A N   
62  C  CA  . ASP A 13 ? 0.1884 0.1933 0.2238 -0.0218 0.0290  0.0234  204  ASP A CA  
63  C  C   . ASP A 13 ? 0.2002 0.1924 0.2319 -0.0275 0.0292  0.0122  204  ASP A C   
64  O  O   . ASP A 13 ? 0.1469 0.2041 0.2755 -0.0399 0.0563  0.0172  204  ASP A O   
65  C  CB  . ASP A 13 ? 0.1955 0.1970 0.2254 -0.0169 0.0454  0.0198  204  ASP A CB  
66  C  CG  . ASP A 13 ? 0.2305 0.2246 0.2495 -0.0162 0.0160  0.0344  204  ASP A CG  
67  O  OD1 . ASP A 13 ? 0.2119 0.2348 0.2619 -0.0397 0.0474  0.0447  204  ASP A OD1 
68  O  OD2 . ASP A 13 ? 0.2490 0.2292 0.3562 -0.0526 0.0095  0.0503  204  ASP A OD2 
69  N  N   . SER A 14 ? 0.2173 0.1841 0.2397 -0.0416 0.0505  0.0236  205  SER A N   
70  C  CA  . SER A 14 ? 0.2305 0.2302 0.2668 -0.0205 0.0418  0.0076  205  SER A CA  
71  C  C   . SER A 14 ? 0.2420 0.2454 0.2684 -0.0146 0.0353  0.0063  205  SER A C   
72  O  O   . SER A 14 ? 0.2478 0.2634 0.3378 -0.0200 0.0354  -0.0032 205  SER A O   
73  C  CB  . SER A 14 ? 0.2571 0.2350 0.2832 -0.0108 0.0230  0.0203  205  SER A CB  
74  O  OG  . SER A 14 ? 0.3294 0.2750 0.3301 -0.0526 0.0657  0.0342  205  SER A OG  
75  N  N   . THR A 15 ? 0.2391 0.2733 0.3046 -0.0129 0.0348  0.0052  206  THR A N   
76  C  CA  . THR A 15 ? 0.2652 0.2811 0.3174 -0.0162 0.0157  -0.0017 206  THR A CA  
77  C  C   . THR A 15 ? 0.2425 0.3135 0.3202 -0.0203 0.0148  0.0017  206  THR A C   
78  O  O   . THR A 15 ? 0.2690 0.3806 0.3549 -0.0521 0.0168  0.0032  206  THR A O   
79  C  CB  . THR A 15 ? 0.2863 0.2900 0.3335 -0.0206 0.0154  -0.0096 206  THR A CB  
80  O  OG1 . THR A 15 ? 0.2821 0.2677 0.3974 -0.0453 0.0050  -0.0231 206  THR A OG1 
81  C  CG2 . THR A 15 ? 0.3199 0.3150 0.3544 -0.0206 0.0046  0.0077  206  THR A CG2 
82  N  N   . GLY A 16 ? 0.1798 0.2554 0.2832 -0.0173 0.0364  0.0029  207  GLY A N   
83  C  CA  . GLY A 16 ? 0.2072 0.2476 0.2781 -0.0115 0.0060  0.0047  207  GLY A CA  
84  C  C   . GLY A 16 ? 0.1573 0.2250 0.2247 -0.0317 0.0184  0.0088  207  GLY A C   
85  O  O   . GLY A 16 ? 0.2152 0.2700 0.2802 -0.0365 0.0066  0.0244  207  GLY A O   
86  N  N   . HIS A 17 ? 0.1573 0.2130 0.2345 -0.0241 0.0140  -0.0017 208  HIS A N   
87  C  CA  . HIS A 17 ? 0.1790 0.1986 0.2159 -0.0257 0.0159  0.0043  208  HIS A CA  
88  C  C   . HIS A 17 ? 0.1831 0.1930 0.2130 -0.0243 0.0036  0.0050  208  HIS A C   
89  O  O   . HIS A 17 ? 0.1683 0.1952 0.2195 -0.0522 0.0186  -0.0050 208  HIS A O   
90  C  CB  . HIS A 17 ? 0.2171 0.2393 0.2442 -0.0468 0.0252  -0.0011 208  HIS A CB  
91  C  CG  . HIS A 17 ? 0.2571 0.3065 0.2743 -0.0298 0.0163  0.0042  208  HIS A CG  
92  N  ND1 . HIS A 17 ? 0.3246 0.4729 0.3465 -0.0292 0.0205  0.0254  208  HIS A ND1 
93  C  CD2 . HIS A 17 ? 0.2221 0.2672 0.2914 0.0085  -0.0025 0.0468  208  HIS A CD2 
94  C  CE1 . HIS A 17 ? 0.2818 0.3991 0.3309 -0.0473 0.0159  0.0207  208  HIS A CE1 
95  N  NE2 . HIS A 17 ? 0.2229 0.4002 0.3127 -0.0245 0.0117  0.0230  208  HIS A NE2 
96  N  N   . VAL A 18 ? 0.1704 0.1550 0.2081 -0.0305 0.0086  -0.0030 209  VAL A N   
97  C  CA  . VAL A 18 ? 0.1639 0.1572 0.1899 -0.0217 0.0057  0.0119  209  VAL A CA  
98  C  C   . VAL A 18 ? 0.1655 0.1613 0.1940 -0.0173 0.0024  0.0118  209  VAL A C   
99  O  O   . VAL A 18 ? 0.1701 0.1564 0.2320 -0.0155 0.0028  0.0107  209  VAL A O   
100 C  CB  . VAL A 18 ? 0.1822 0.1532 0.2074 -0.0201 0.0301  0.0043  209  VAL A CB  
101 C  CG1 . VAL A 18 ? 0.1840 0.1628 0.2169 -0.0480 0.0116  0.0157  209  VAL A CG1 
102 C  CG2 . VAL A 18 ? 0.1995 0.1829 0.2022 -0.0261 0.0302  0.0317  209  VAL A CG2 
103 N  N   . GLY A 19 ? 0.1757 0.1417 0.1784 -0.0305 0.0016  0.0260  210  GLY A N   
104 C  CA  . GLY A 19 ? 0.1774 0.1426 0.1867 -0.0247 0.0018  0.0159  210  GLY A CA  
105 C  C   . GLY A 19 ? 0.1431 0.1467 0.1596 -0.0438 0.0091  0.0225  210  GLY A C   
106 O  O   . GLY A 19 ? 0.1924 0.1409 0.1760 -0.0453 0.0140  0.0284  210  GLY A O   
107 N  N   . PHE A 20 ? 0.1835 0.1296 0.1695 -0.0201 -0.0010 0.0177  211  PHE A N   
108 C  CA  . PHE A 20 ? 0.1682 0.1440 0.1555 -0.0200 0.0231  0.0186  211  PHE A CA  
109 C  C   . PHE A 20 ? 0.1765 0.1390 0.1638 -0.0269 0.0239  0.0190  211  PHE A C   
110 O  O   . PHE A 20 ? 0.1627 0.1438 0.2036 -0.0464 0.0163  0.0098  211  PHE A O   
111 C  CB  . PHE A 20 ? 0.1509 0.1736 0.1622 -0.0263 0.0128  0.0143  211  PHE A CB  
112 C  CG  . PHE A 20 ? 0.1932 0.1597 0.1803 -0.0357 0.0202  0.0042  211  PHE A CG  
113 C  CD1 . PHE A 20 ? 0.2066 0.1571 0.1564 -0.0345 0.0068  0.0185  211  PHE A CD1 
114 C  CD2 . PHE A 20 ? 0.2263 0.1726 0.1783 -0.0551 0.0298  0.0092  211  PHE A CD2 
115 C  CE1 . PHE A 20 ? 0.2339 0.1699 0.2031 -0.0554 0.0115  0.0164  211  PHE A CE1 
116 C  CE2 . PHE A 20 ? 0.1997 0.2179 0.1885 -0.0613 0.0184  0.0214  211  PHE A CE2 
117 C  CZ  . PHE A 20 ? 0.1993 0.1766 0.2172 -0.0383 0.0103  0.0448  211  PHE A CZ  
118 N  N   . ILE A 21 ? 0.1841 0.1508 0.1616 -0.0295 0.0283  0.0174  212  ILE A N   
119 C  CA  . ILE A 21 ? 0.1694 0.1408 0.1844 -0.0455 0.0120  0.0249  212  ILE A CA  
120 C  C   . ILE A 21 ? 0.1718 0.1406 0.1819 -0.0357 0.0120  0.0227  212  ILE A C   
121 O  O   . ILE A 21 ? 0.1797 0.1463 0.1623 -0.0270 0.0055  0.0185  212  ILE A O   
122 C  CB  . ILE A 21 ? 0.2025 0.1795 0.2299 -0.0505 0.0151  0.0185  212  ILE A CB  
123 C  CG1 . ILE A 21 ? 0.1945 0.2319 0.2371 -0.0698 0.0215  0.0293  212  ILE A CG1 
124 C  CG2 . ILE A 21 ? 0.2251 0.1787 0.2275 -0.0662 0.0246  0.0157  212  ILE A CG2 
125 C  CD1 . ILE A 21 ? 0.3533 0.3417 0.3058 -0.0075 -0.0052 0.0088  212  ILE A CD1 
126 N  N   . PHE A 22 ? 0.1569 0.1479 0.1922 -0.0240 0.0081  0.0231  213  PHE A N   
127 C  CA  . PHE A 22 ? 0.1886 0.1606 0.1642 -0.0295 0.0137  0.0414  213  PHE A CA  
128 C  C   . PHE A 22 ? 0.1907 0.1717 0.1594 -0.0273 0.0156  0.0513  213  PHE A C   
129 O  O   . PHE A 22 ? 0.1929 0.2021 0.1836 -0.0487 0.0143  0.0322  213  PHE A O   
130 C  CB  . PHE A 22 ? 0.1866 0.1774 0.1920 -0.0296 0.0224  0.0257  213  PHE A CB  
131 C  CG  . PHE A 22 ? 0.1774 0.1612 0.1699 -0.0507 0.0206  0.0177  213  PHE A CG  
132 C  CD1 . PHE A 22 ? 0.2004 0.1689 0.1603 -0.0443 0.0110  0.0114  213  PHE A CD1 
133 C  CD2 . PHE A 22 ? 0.2240 0.2196 0.1812 -0.0081 0.0200  0.0173  213  PHE A CD2 
134 C  CE1 . PHE A 22 ? 0.2070 0.1591 0.2005 -0.0599 -0.0014 0.0057  213  PHE A CE1 
135 C  CE2 . PHE A 22 ? 0.2210 0.2079 0.2170 -0.0274 0.0311  0.0136  213  PHE A CE2 
136 C  CZ  . PHE A 22 ? 0.1877 0.1573 0.2300 -0.0458 0.0148  0.0393  213  PHE A CZ  
137 N  N   . LYS A 23 ? 0.1690 0.1597 0.1698 -0.0526 0.0112  0.0388  214  LYS A N   
138 C  CA  . LYS A 23 ? 0.1843 0.1579 0.1907 -0.0178 -0.0121 0.0311  214  LYS A CA  
139 C  C   . LYS A 23 ? 0.1962 0.1551 0.1964 -0.0224 -0.0124 0.0098  214  LYS A C   
140 O  O   . LYS A 23 ? 0.2129 0.1585 0.1955 -0.0226 -0.0179 0.0357  214  LYS A O   
141 C  CB  . LYS A 23 ? 0.2283 0.1804 0.2211 -0.0408 0.0146  0.0351  214  LYS A CB  
142 C  CG  . LYS A 23 ? 0.2806 0.2553 0.2853 -0.0584 -0.0044 0.0112  214  LYS A CG  
143 C  CD  . LYS A 23 ? 0.2429 0.2367 0.2452 -0.0107 0.0028  0.0044  214  LYS A CD  
144 C  CE  . LYS A 23 ? 0.2451 0.2443 0.2456 -0.0030 0.0005  0.0004  214  LYS A CE  
145 N  NZ  . LYS A 23 ? 0.2440 0.2428 0.2444 -0.0011 -0.0008 0.0001  214  LYS A NZ  
146 N  N   . ASN A 24 ? 0.1871 0.1367 0.1823 -0.0172 -0.0092 0.0157  215  ASN A N   
147 C  CA  . ASN A 24 ? 0.2104 0.1882 0.1906 -0.0014 -0.0027 -0.0061 215  ASN A CA  
148 C  C   . ASN A 24 ? 0.2105 0.1992 0.1472 -0.0033 0.0039  0.0027  215  ASN A C   
149 O  O   . ASN A 24 ? 0.2312 0.2356 0.1688 0.0227  0.0123  0.0031  215  ASN A O   
150 C  CB  . ASN A 24 ? 0.2343 0.1919 0.2353 -0.0178 -0.0003 -0.0013 215  ASN A CB  
151 C  CG  . ASN A 24 ? 0.2349 0.2339 0.2522 -0.0388 0.0002  0.0220  215  ASN A CG  
152 O  OD1 . ASN A 24 ? 0.3578 0.2569 0.3487 -0.0353 -0.0180 0.0307  215  ASN A OD1 
153 N  ND2 . ASN A 24 ? 0.2616 0.2145 0.1945 -0.0087 -0.0067 -0.0019 215  ASN A ND2 
154 N  N   . GLY A 25 ? 0.1805 0.1605 0.1445 -0.0276 0.0230  0.0274  216  GLY A N   
155 C  CA  . GLY A 25 ? 0.1746 0.1794 0.1699 -0.0304 0.0399  0.0125  216  GLY A CA  
156 C  C   . GLY A 25 ? 0.1711 0.1881 0.2015 -0.0209 0.0263  -0.0065 216  GLY A C   
157 O  O   . GLY A 25 ? 0.1726 0.2269 0.2512 -0.0511 0.0299  0.0143  216  GLY A O   
158 N  N   . LYS A 26 ? 0.1635 0.1877 0.1641 -0.0166 0.0226  0.0088  217  LYS A N   
159 C  CA  . LYS A 26 ? 0.1700 0.2007 0.1706 0.0003  0.0234  0.0050  217  LYS A CA  
160 C  C   . LYS A 26 ? 0.1810 0.1965 0.1753 0.0001  0.0138  0.0071  217  LYS A C   
161 O  O   . LYS A 26 ? 0.1783 0.2277 0.1771 -0.0120 0.0068  0.0298  217  LYS A O   
162 C  CB  . LYS A 26 ? 0.2440 0.2270 0.2393 -0.0034 0.0108  0.0103  217  LYS A CB  
163 C  CG  . LYS A 26 ? 0.2753 0.2819 0.2653 0.0076  0.0083  0.0049  217  LYS A CG  
164 C  CD  . LYS A 26 ? 0.3276 0.3078 0.3074 0.0023  -0.0106 -0.0078 217  LYS A CD  
165 C  CE  . LYS A 26 ? 0.3449 0.3170 0.3148 -0.0158 0.0115  0.0024  217  LYS A CE  
166 N  NZ  . LYS A 26 ? 0.4184 0.3456 0.3489 0.0166  0.0200  -0.0213 217  LYS A NZ  
167 N  N   . ILE A 27 ? 0.1898 0.1985 0.1681 -0.0030 0.0100  0.0123  218  ILE A N   
168 C  CA  . ILE A 27 ? 0.1802 0.1920 0.1658 0.0081  0.0153  0.0178  218  ILE A CA  
169 C  C   . ILE A 27 ? 0.2027 0.1909 0.1926 0.0125  0.0013  0.0118  218  ILE A C   
170 O  O   . ILE A 27 ? 0.2633 0.2260 0.2070 0.0208  -0.0045 -0.0094 218  ILE A O   
171 C  CB  . ILE A 27 ? 0.1846 0.2268 0.1709 0.0252  0.0031  -0.0071 218  ILE A CB  
172 C  CG1 . ILE A 27 ? 0.2450 0.2886 0.2155 -0.0424 0.0015  0.0020  218  ILE A CG1 
173 C  CG2 . ILE A 27 ? 0.2156 0.2039 0.1942 0.0029  -0.0100 -0.0052 218  ILE A CG2 
174 C  CD1 . ILE A 27 ? 0.2822 0.3010 0.2778 0.0044  -0.0019 -0.0220 218  ILE A CD1 
175 N  N   . THR A 28 ? 0.2102 0.1547 0.1847 -0.0008 0.0088  0.0094  219  THR A N   
176 C  CA  . THR A 28 ? 0.2582 0.1768 0.1934 -0.0117 0.0219  0.0190  219  THR A CA  
177 C  C   . THR A 28 ? 0.3011 0.1604 0.1885 -0.0125 0.0067  0.0165  219  THR A C   
178 O  O   . THR A 28 ? 0.3896 0.1821 0.2046 -0.0150 -0.0012 0.0366  219  THR A O   
179 C  CB  . THR A 28 ? 0.2796 0.1990 0.2206 -0.0276 0.0175  0.0162  219  THR A CB  
180 O  OG1 . THR A 28 ? 0.2423 0.2368 0.2891 -0.0642 -0.0020 -0.0065 219  THR A OG1 
181 C  CG2 . THR A 28 ? 0.2920 0.2267 0.2432 -0.0222 0.0014  -0.0024 219  THR A CG2 
182 N  N   . SER A 29 ? 0.2855 0.1478 0.1764 -0.0314 0.0089  0.0286  220  SER A N   
183 C  CA  . SER A 29 ? 0.2540 0.1617 0.1627 -0.0376 0.0060  0.0019  220  SER A CA  
184 C  C   . SER A 29 ? 0.2281 0.1431 0.1575 -0.0298 0.0064  0.0071  220  SER A C   
185 O  O   . SER A 29 ? 0.2063 0.1322 0.1785 -0.0429 0.0201  0.0339  220  SER A O   
186 C  CB  . SER A 29 ? 0.2742 0.1868 0.2280 -0.0659 0.0090  0.0019  220  SER A CB  
187 O  OG  . SER A 29 ? 0.3416 0.2621 0.2699 -0.0623 -0.0206 -0.0162 220  SER A OG  
188 N  N   . ILE A 30 ? 0.2047 0.1355 0.1675 -0.0471 0.0275  0.0269  221  ILE A N   
189 C  CA  . ILE A 30 ? 0.1900 0.1330 0.1466 -0.0313 0.0335  0.0216  221  ILE A CA  
190 C  C   . ILE A 30 ? 0.1640 0.1250 0.1540 -0.0351 0.0365  0.0247  221  ILE A C   
191 O  O   . ILE A 30 ? 0.2152 0.1408 0.2101 -0.0330 0.0429  0.0275  221  ILE A O   
192 C  CB  . ILE A 30 ? 0.2049 0.1656 0.1578 -0.0300 0.0218  0.0168  221  ILE A CB  
193 C  CG1 . ILE A 30 ? 0.1935 0.1513 0.1725 -0.0351 0.0365  0.0268  221  ILE A CG1 
194 C  CG2 . ILE A 30 ? 0.1638 0.1852 0.1544 -0.0207 0.0361  0.0113  221  ILE A CG2 
195 C  CD1 . ILE A 30 ? 0.1965 0.1856 0.1726 -0.0338 0.0232  0.0392  221  ILE A CD1 
196 N  N   . VAL A 31 ? 0.1667 0.1392 0.1561 -0.0357 0.0422  0.0187  222  VAL A N   
197 C  CA  . VAL A 31 ? 0.1406 0.1380 0.1615 -0.0451 0.0205  0.0039  222  VAL A CA  
198 C  C   . VAL A 31 ? 0.1605 0.1315 0.1478 -0.0374 0.0090  0.0118  222  VAL A C   
199 O  O   . VAL A 31 ? 0.1516 0.1507 0.1641 -0.0540 0.0448  0.0205  222  VAL A O   
200 C  CB  . VAL A 31 ? 0.1496 0.1622 0.1779 -0.0327 0.0145  0.0116  222  VAL A CB  
201 C  CG1 . VAL A 31 ? 0.1691 0.1825 0.1995 -0.0109 0.0259  0.0123  222  VAL A CG1 
202 C  CG2 . VAL A 31 ? 0.1531 0.1972 0.2107 -0.0348 0.0247  0.0264  222  VAL A CG2 
203 N  N   . LYS A 32 ? 0.1451 0.1412 0.1656 -0.0400 0.0326  0.0255  223  LYS A N   
204 C  CA  . LYS A 32 ? 0.1437 0.1796 0.1735 -0.0223 0.0388  0.0140  223  LYS A CA  
205 C  C   . LYS A 32 ? 0.1613 0.1724 0.1592 -0.0263 0.0221  0.0348  223  LYS A C   
206 O  O   . LYS A 32 ? 0.1737 0.1574 0.1892 -0.0435 0.0332  0.0132  223  LYS A O   
207 C  CB  . LYS A 32 ? 0.1714 0.2020 0.1943 -0.0377 0.0419  0.0305  223  LYS A CB  
208 C  CG  . LYS A 32 ? 0.2744 0.2721 0.2788 -0.0326 0.0344  0.0146  223  LYS A CG  
209 C  CD  . LYS A 32 ? 0.2411 0.2603 0.3298 -0.0530 0.0389  0.0381  223  LYS A CD  
210 C  CE  . LYS A 32 ? 0.3239 0.3356 0.3319 -0.0649 0.0488  0.0310  223  LYS A CE  
211 N  NZ  . LYS A 32 ? 0.3592 0.3917 0.3566 -0.0490 0.0249  0.0519  223  LYS A NZ  
212 N  N   . ASP A 33 ? 0.1616 0.1938 0.1634 -0.0410 0.0229  0.0310  224  ASP A N   
213 C  CA  . ASP A 33 ? 0.1892 0.2071 0.2030 -0.0357 0.0115  0.0232  224  ASP A CA  
214 C  C   . ASP A 33 ? 0.1855 0.1797 0.1943 -0.0356 0.0129  0.0239  224  ASP A C   
215 O  O   . ASP A 33 ? 0.2577 0.2314 0.1752 -0.0202 0.0149  0.0182  224  ASP A O   
216 C  CB  . ASP A 33 ? 0.2414 0.2390 0.2158 -0.0426 0.0075  0.0107  224  ASP A CB  
217 C  CG  . ASP A 33 ? 0.3070 0.3068 0.3086 -0.0187 -0.0095 0.0205  224  ASP A CG  
218 O  OD1 . ASP A 33 ? 0.3350 0.3523 0.3045 -0.0109 -0.0029 0.0662  224  ASP A OD1 
219 O  OD2 . ASP A 33 ? 0.3786 0.4279 0.3797 -0.0407 0.0503  0.0408  224  ASP A OD2 
220 N  N   . SER A 34 ? 0.1696 0.1776 0.1869 -0.0270 0.0086  0.0198  225  SER A N   
221 C  CA  . SER A 34 ? 0.1436 0.1465 0.1875 -0.0359 0.0111  0.0157  225  SER A CA  
222 C  C   . SER A 34 ? 0.1336 0.1456 0.1499 -0.0258 0.0095  0.0190  225  SER A C   
223 O  O   . SER A 34 ? 0.1581 0.1412 0.1571 -0.0412 -0.0007 0.0281  225  SER A O   
224 C  CB  . SER A 34 ? 0.1488 0.1479 0.1705 -0.0472 0.0200  0.0208  225  SER A CB  
225 O  OG  . SER A 34 ? 0.1723 0.1617 0.1542 -0.0476 0.0246  0.0144  225  SER A OG  
226 N  N   . SER A 35 ? 0.1484 0.1353 0.1757 -0.0306 0.0115  0.0206  226  SER A N   
227 C  CA  . SER A 35 ? 0.1264 0.1500 0.1627 -0.0326 -0.0017 0.0124  226  SER A CA  
228 C  C   . SER A 35 ? 0.1348 0.1203 0.1526 -0.0427 0.0145  0.0283  226  SER A C   
229 O  O   . SER A 35 ? 0.1311 0.1280 0.1634 -0.0336 0.0116  0.0177  226  SER A O   
230 C  CB  . SER A 35 ? 0.1336 0.1450 0.1784 -0.0302 0.0063  0.0193  226  SER A CB  
231 O  OG  . SER A 35 ? 0.1240 0.1388 0.2054 -0.0368 0.0191  0.0243  226  SER A OG  
232 N  N   . ALA A 36 ? 0.1285 0.1332 0.1625 -0.0471 0.0160  0.0204  227  ALA A N   
233 C  CA  . ALA A 36 ? 0.1302 0.1435 0.1621 -0.0421 0.0203  0.0133  227  ALA A CA  
234 C  C   . ALA A 36 ? 0.1166 0.1500 0.1744 -0.0383 0.0136  0.0048  227  ALA A C   
235 O  O   . ALA A 36 ? 0.1331 0.1535 0.1877 -0.0285 0.0206  0.0144  227  ALA A O   
236 C  CB  . ALA A 36 ? 0.1435 0.1455 0.1638 -0.0319 0.0170  0.0215  227  ALA A CB  
237 N  N   . ALA A 37 ? 0.1322 0.1418 0.1690 -0.0305 0.0192  0.0115  228  ALA A N   
238 C  CA  . ALA A 37 ? 0.1734 0.1477 0.1615 -0.0165 0.0118  0.0148  228  ALA A CA  
239 C  C   . ALA A 37 ? 0.1664 0.1344 0.1762 -0.0202 0.0162  0.0279  228  ALA A C   
240 O  O   . ALA A 37 ? 0.1825 0.1540 0.2335 -0.0219 0.0116  0.0112  228  ALA A O   
241 C  CB  . ALA A 37 ? 0.1842 0.1557 0.1642 -0.0302 0.0141  0.0440  228  ALA A CB  
242 N  N   . ARG A 38 ? 0.1605 0.1280 0.1798 -0.0317 0.0093  0.0227  229  ARG A N   
243 C  CA  . ARG A 38 ? 0.1595 0.1559 0.1667 -0.0080 -0.0055 0.0124  229  ARG A CA  
244 C  C   . ARG A 38 ? 0.1505 0.1424 0.1826 -0.0129 -0.0049 0.0068  229  ARG A C   
245 O  O   . ARG A 38 ? 0.1368 0.1715 0.2290 -0.0272 -0.0137 0.0018  229  ARG A O   
246 C  CB  . ARG A 38 ? 0.1638 0.1509 0.1827 -0.0284 -0.0083 0.0283  229  ARG A CB  
247 C  CG  . ARG A 38 ? 0.1974 0.1965 0.1695 -0.0122 -0.0026 -0.0049 229  ARG A CG  
248 C  CD  . ARG A 38 ? 0.2228 0.2116 0.1794 -0.0003 -0.0009 -0.0087 229  ARG A CD  
249 N  NE  . ARG A 38 ? 0.1863 0.2216 0.2006 -0.0016 -0.0083 -0.0244 229  ARG A NE  
250 C  CZ  . ARG A 38 ? 0.1851 0.1890 0.1864 -0.0209 0.0185  -0.0218 229  ARG A CZ  
251 N  NH1 . ARG A 38 ? 0.2089 0.2398 0.2018 -0.0248 0.0128  -0.0055 229  ARG A NH1 
252 N  NH2 . ARG A 38 ? 0.1569 0.2358 0.1973 -0.0237 0.0258  -0.0107 229  ARG A NH2 
253 N  N   . ASN A 39 ? 0.1539 0.1463 0.1845 -0.0136 0.0018  0.0065  230  ASN A N   
254 C  CA  . ASN A 39 ? 0.1416 0.1759 0.1894 -0.0206 0.0071  0.0038  230  ASN A CA  
255 C  C   . ASN A 39 ? 0.1508 0.2011 0.2046 -0.0078 0.0102  0.0059  230  ASN A C   
256 O  O   . ASN A 39 ? 0.1778 0.2218 0.2316 -0.0287 0.0491  -0.0058 230  ASN A O   
257 C  CB  . ASN A 39 ? 0.1498 0.1908 0.1703 -0.0322 0.0373  0.0316  230  ASN A CB  
258 C  CG  . ASN A 39 ? 0.1604 0.1754 0.1821 -0.0198 -0.0096 0.0394  230  ASN A CG  
259 O  OD1 . ASN A 39 ? 0.1399 0.1997 0.2362 -0.0348 -0.0214 0.0365  230  ASN A OD1 
260 N  ND2 . ASN A 39 ? 0.1493 0.1593 0.2115 -0.0382 0.0198  0.0331  230  ASN A ND2 
261 N  N   . GLY A 40 ? 0.1613 0.1834 0.2108 -0.0057 0.0057  -0.0165 231  GLY A N   
262 C  CA  . GLY A 40 ? 0.1720 0.2075 0.2246 0.0031  0.0051  -0.0297 231  GLY A CA  
263 C  C   . GLY A 40 ? 0.1845 0.2241 0.2335 0.0020  -0.0040 -0.0272 231  GLY A C   
264 O  O   . GLY A 40 ? 0.2135 0.2437 0.2686 0.0226  -0.0216 -0.0745 231  GLY A O   
265 N  N   . LEU A 41 ? 0.1743 0.2164 0.2366 0.0062  -0.0015 -0.0279 232  LEU A N   
266 C  CA  . LEU A 41 ? 0.2057 0.2412 0.2486 0.0036  -0.0056 -0.0118 232  LEU A CA  
267 C  C   . LEU A 41 ? 0.1898 0.2381 0.2384 -0.0025 -0.0041 -0.0162 232  LEU A C   
268 O  O   . LEU A 41 ? 0.2751 0.2412 0.3123 -0.0154 -0.0284 -0.0171 232  LEU A O   
269 C  CB  . LEU A 41 ? 0.1951 0.1991 0.2221 0.0057  -0.0013 -0.0166 232  LEU A CB  
270 C  CG  . LEU A 41 ? 0.2061 0.2286 0.2226 -0.0043 0.0083  -0.0090 232  LEU A CG  
271 C  CD1 . LEU A 41 ? 0.2519 0.3047 0.2283 -0.0006 0.0260  0.0187  232  LEU A CD1 
272 C  CD2 . LEU A 41 ? 0.1978 0.2106 0.1807 0.0011  0.0084  0.0216  232  LEU A CD2 
273 N  N   . LEU A 42 ? 0.2897 0.2966 0.3188 0.0044  -0.0031 -0.0073 233  LEU A N   
274 C  CA  . LEU A 42 ? 0.2879 0.2844 0.2684 -0.0046 -0.0069 0.0004  233  LEU A CA  
275 C  C   . LEU A 42 ? 0.2630 0.2898 0.2916 -0.0025 -0.0148 -0.0105 233  LEU A C   
276 O  O   . LEU A 42 ? 0.2849 0.3385 0.2756 0.0162  0.0055  -0.0574 233  LEU A O   
277 C  CB  . LEU A 42 ? 0.3098 0.2826 0.3201 -0.0128 0.0025  -0.0034 233  LEU A CB  
278 C  CG  . LEU A 42 ? 0.3163 0.2949 0.3035 0.0033  0.0023  0.0053  233  LEU A CG  
279 C  CD1 . LEU A 42 ? 0.3339 0.3800 0.3781 0.0151  0.0010  -0.0096 233  LEU A CD1 
280 C  CD2 . LEU A 42 ? 0.3181 0.3546 0.3096 -0.0029 0.0056  0.0128  233  LEU A CD2 
281 N  N   . THR A 43 ? 0.3281 0.2796 0.3114 0.0187  -0.0271 -0.0152 234  THR A N   
282 C  CA  . THR A 43 ? 0.3020 0.2715 0.2938 0.0391  -0.0323 -0.0188 234  THR A CA  
283 C  C   . THR A 43 ? 0.2855 0.2823 0.2972 0.0229  -0.0188 -0.0301 234  THR A C   
284 O  O   . THR A 43 ? 0.3197 0.2583 0.3334 0.0413  -0.0521 -0.0667 234  THR A O   
285 C  CB  . THR A 43 ? 0.3353 0.2963 0.3060 0.0439  -0.0243 0.0055  234  THR A CB  
286 O  OG1 . THR A 43 ? 0.3897 0.2754 0.3550 0.0505  -0.0382 0.0201  234  THR A OG1 
287 C  CG2 . THR A 43 ? 0.3612 0.3209 0.3280 0.0154  0.0031  0.0220  234  THR A CG2 
288 N  N   . GLU A 44 ? 0.2821 0.2611 0.2633 0.0201  -0.0250 -0.0336 235  GLU A N   
289 C  CA  . GLU A 44 ? 0.2807 0.2553 0.2700 0.0025  -0.0010 -0.0254 235  GLU A CA  
290 C  C   . GLU A 44 ? 0.2704 0.2659 0.2881 -0.0134 -0.0037 -0.0314 235  GLU A C   
291 O  O   . GLU A 44 ? 0.2748 0.2676 0.3346 -0.0434 0.0373  -0.0258 235  GLU A O   
292 C  CB  . GLU A 44 ? 0.3071 0.2698 0.2925 0.0159  -0.0044 -0.0313 235  GLU A CB  
293 C  CG  . GLU A 44 ? 0.3783 0.3208 0.3521 0.0116  0.0235  -0.0099 235  GLU A CG  
294 C  CD  . GLU A 44 ? 0.4300 0.4232 0.4504 -0.0224 -0.0001 -0.0010 235  GLU A CD  
295 O  OE1 . GLU A 44 ? 0.5051 0.4747 0.4741 -0.0236 -0.0031 0.0039  235  GLU A OE1 
296 O  OE2 . GLU A 44 ? 0.5055 0.4970 0.4995 -0.0114 0.0429  -0.0126 235  GLU A OE2 
297 N  N   . HIS A 45 ? 0.2358 0.2321 0.2665 0.0016  -0.0062 -0.0268 236  HIS A N   
298 C  CA  . HIS A 45 ? 0.2582 0.2583 0.2811 0.0031  -0.0027 -0.0230 236  HIS A CA  
299 C  C   . HIS A 45 ? 0.2264 0.2434 0.2576 -0.0124 -0.0015 -0.0189 236  HIS A C   
300 O  O   . HIS A 45 ? 0.1987 0.2671 0.2529 -0.0078 0.0071  -0.0425 236  HIS A O   
301 C  CB  . HIS A 45 ? 0.2577 0.2476 0.2943 -0.0059 -0.0105 -0.0065 236  HIS A CB  
302 C  CG  . HIS A 45 ? 0.3307 0.3406 0.3534 0.0231  -0.0045 -0.0132 236  HIS A CG  
303 N  ND1 . HIS A 45 ? 0.3417 0.3391 0.3689 -0.0050 0.0058  0.0408  236  HIS A ND1 
304 C  CD2 . HIS A 45 ? 0.3385 0.2923 0.2941 -0.0296 0.0239  0.0163  236  HIS A CD2 
305 C  CE1 . HIS A 45 ? 0.3791 0.3804 0.3789 0.0271  0.0069  0.0184  236  HIS A CE1 
306 N  NE2 . HIS A 45 ? 0.3802 0.3761 0.4009 0.0048  0.0155  0.0112  236  HIS A NE2 
307 N  N   . ASN A 46 ? 0.2316 0.2560 0.2853 -0.0262 0.0155  -0.0154 237  ASN A N   
308 C  CA  . ASN A 46 ? 0.2293 0.2525 0.2509 -0.0285 0.0185  -0.0141 237  ASN A CA  
309 C  C   . ASN A 46 ? 0.2063 0.2368 0.2350 -0.0268 0.0130  -0.0128 237  ASN A C   
310 O  O   . ASN A 46 ? 0.2025 0.2724 0.2687 -0.0345 0.0127  -0.0060 237  ASN A O   
311 C  CB  . ASN A 46 ? 0.2528 0.2804 0.2608 -0.0374 0.0136  -0.0189 237  ASN A CB  
312 C  CG  . ASN A 46 ? 0.2794 0.2896 0.3189 -0.0512 0.0420  -0.0343 237  ASN A CG  
313 O  OD1 . ASN A 46 ? 0.3883 0.3689 0.3769 -0.0220 0.0474  -0.0421 237  ASN A OD1 
314 N  ND2 . ASN A 46 ? 0.2975 0.3190 0.3215 -0.0421 0.0621  -0.0508 237  ASN A ND2 
315 N  N   . ILE A 47 ? 0.1912 0.2233 0.2052 -0.0247 0.0069  0.0038  238  ILE A N   
316 C  CA  . ILE A 47 ? 0.1875 0.2165 0.2065 -0.0206 0.0089  0.0071  238  ILE A CA  
317 C  C   . ILE A 47 ? 0.2016 0.2296 0.2133 -0.0392 0.0080  0.0142  238  ILE A C   
318 O  O   . ILE A 47 ? 0.2142 0.2460 0.2253 -0.0631 0.0239  0.0313  238  ILE A O   
319 C  CB  . ILE A 47 ? 0.1874 0.2074 0.2136 -0.0283 0.0030  0.0166  238  ILE A CB  
320 C  CG1 . ILE A 47 ? 0.2208 0.2438 0.2154 -0.0041 0.0171  0.0215  238  ILE A CG1 
321 C  CG2 . ILE A 47 ? 0.2415 0.2233 0.2183 -0.0201 0.0095  0.0139  238  ILE A CG2 
322 C  CD1 . ILE A 47 ? 0.2663 0.2672 0.2649 0.0065  0.0259  0.0270  238  ILE A CD1 
323 N  N   . CYS A 48 ? 0.1898 0.2379 0.2130 -0.0387 0.0151  -0.0040 239  CYS A N   
324 C  CA  . CYS A 48 ? 0.2289 0.2541 0.2264 -0.0215 0.0360  0.0004  239  CYS A CA  
325 C  C   . CYS A 48 ? 0.1726 0.2235 0.2015 -0.0506 0.0331  0.0168  239  CYS A C   
326 O  O   . CYS A 48 ? 0.1975 0.2642 0.2165 -0.0680 0.0250  0.0104  239  CYS A O   
327 C  CB  . CYS A 48 ? 0.2761 0.2932 0.2865 -0.0250 0.0283  0.0056  239  CYS A CB  
328 S  SG  . CYS A 48 ? 0.3491 0.4148 0.4781 0.0123  0.0755  -0.0452 239  CYS A SG  
329 N  N   . GLU A 49 ? 0.1830 0.2262 0.2037 -0.0401 0.0278  0.0087  240  GLU A N   
330 C  CA  . GLU A 49 ? 0.1866 0.2354 0.2122 -0.0302 0.0157  -0.0001 240  GLU A CA  
331 C  C   . GLU A 49 ? 0.1837 0.2145 0.2003 -0.0439 0.0123  0.0090  240  GLU A C   
332 O  O   . GLU A 49 ? 0.1859 0.2531 0.2214 -0.0448 0.0371  0.0275  240  GLU A O   
333 C  CB  . GLU A 49 ? 0.2383 0.2428 0.2558 -0.0340 0.0158  -0.0009 240  GLU A CB  
334 C  CG  . GLU A 49 ? 0.2826 0.3138 0.2866 -0.0402 0.0209  0.0041  240  GLU A CG  
335 C  CD  . GLU A 49 ? 0.3623 0.3747 0.4044 -0.0500 0.0274  0.0005  240  GLU A CD  
336 O  OE1 . GLU A 49 ? 0.3711 0.4026 0.4119 -0.0548 0.0022  -0.0084 240  GLU A OE1 
337 O  OE2 . GLU A 49 ? 0.4709 0.4619 0.4510 -0.0381 0.0528  0.0137  240  GLU A OE2 
338 N  N   . ILE A 50 ? 0.1781 0.2222 0.1977 -0.0468 0.0111  0.0071  241  ILE A N   
339 C  CA  . ILE A 50 ? 0.2043 0.2115 0.2132 -0.0181 0.0144  0.0053  241  ILE A CA  
340 C  C   . ILE A 50 ? 0.2254 0.2281 0.2325 -0.0248 -0.0013 0.0190  241  ILE A C   
341 O  O   . ILE A 50 ? 0.2916 0.2250 0.2374 -0.0550 0.0009  0.0445  241  ILE A O   
342 C  CB  . ILE A 50 ? 0.2144 0.2459 0.2132 -0.0051 0.0104  0.0081  241  ILE A CB  
343 C  CG1 . ILE A 50 ? 0.2009 0.2599 0.2016 -0.0264 0.0245  -0.0204 241  ILE A CG1 
344 C  CG2 . ILE A 50 ? 0.1808 0.2466 0.2434 -0.0287 0.0183  -0.0072 241  ILE A CG2 
345 C  CD1 . ILE A 50 ? 0.1914 0.2588 0.2546 -0.0183 0.0371  0.0028  241  ILE A CD1 
346 N  N   . ASN A 51 ? 0.2748 0.2309 0.2284 -0.0432 -0.0057 0.0126  242  ASN A N   
347 C  CA  . ASN A 51 ? 0.2871 0.2516 0.2630 -0.0308 0.0047  0.0122  242  ASN A CA  
348 C  C   . ASN A 51 ? 0.2973 0.2923 0.2936 -0.0405 0.0111  0.0076  242  ASN A C   
349 O  O   . ASN A 51 ? 0.3761 0.3263 0.3235 -0.0235 0.0070  0.0137  242  ASN A O   
350 C  CB  . ASN A 51 ? 0.3029 0.2545 0.2689 -0.0323 0.0027  0.0185  242  ASN A CB  
351 C  CG  . ASN A 51 ? 0.2906 0.2880 0.2573 0.0078  0.0105  -0.0229 242  ASN A CG  
352 O  OD1 . ASN A 51 ? 0.3282 0.2553 0.2369 0.0374  0.0318  0.0059  242  ASN A OD1 
353 N  ND2 . ASN A 51 ? 0.3222 0.2965 0.3587 -0.0262 0.0349  0.0063  242  ASN A ND2 
354 N  N   . GLY A 52 ? 0.3190 0.3151 0.3209 -0.0434 0.0210  0.0111  243  GLY A N   
355 C  CA  . GLY A 52 ? 0.3345 0.3443 0.3175 -0.0251 0.0140  0.0027  243  GLY A CA  
356 C  C   . GLY A 52 ? 0.3461 0.3486 0.3177 -0.0275 0.0104  0.0006  243  GLY A C   
357 O  O   . GLY A 52 ? 0.3758 0.3761 0.3475 -0.0510 0.0403  0.0154  243  GLY A O   
358 N  N   . GLN A 53 ? 0.3441 0.3328 0.3021 -0.0302 0.0105  0.0018  244  GLN A N   
359 C  CA  . GLN A 53 ? 0.3364 0.3079 0.2904 -0.0263 0.0036  0.0136  244  GLN A CA  
360 C  C   . GLN A 53 ? 0.3055 0.2884 0.2616 -0.0382 0.0118  0.0124  244  GLN A C   
361 O  O   . GLN A 53 ? 0.3077 0.2543 0.2409 -0.0576 0.0040  0.0233  244  GLN A O   
362 C  CB  . GLN A 53 ? 0.3630 0.3258 0.3117 -0.0133 0.0004  0.0175  244  GLN A CB  
363 C  CG  . GLN A 53 ? 0.3721 0.3491 0.3717 -0.0215 -0.0034 0.0153  244  GLN A CG  
364 C  CD  . GLN A 53 ? 0.3796 0.3363 0.3831 -0.0219 0.0118  0.0336  244  GLN A CD  
365 O  OE1 . GLN A 53 ? 0.4147 0.4214 0.4363 -0.0467 -0.0041 0.0233  244  GLN A OE1 
366 N  NE2 . GLN A 53 ? 0.4111 0.3538 0.3743 -0.0257 -0.0081 0.0308  244  GLN A NE2 
367 N  N   . ASN A 54 ? 0.3217 0.2968 0.2925 -0.0316 0.0050  -0.0022 245  ASN A N   
368 C  CA  . ASN A 54 ? 0.2933 0.2768 0.2642 -0.0221 0.0196  0.0040  245  ASN A CA  
369 C  C   . ASN A 54 ? 0.2875 0.2857 0.2810 -0.0093 0.0132  0.0063  245  ASN A C   
370 O  O   . ASN A 54 ? 0.3186 0.3218 0.3182 -0.0247 0.0024  0.0136  245  ASN A O   
371 C  CB  . ASN A 54 ? 0.2905 0.2686 0.2614 -0.0463 0.0242  0.0173  245  ASN A CB  
372 C  CG  . ASN A 54 ? 0.2965 0.2809 0.2651 -0.0201 0.0229  0.0045  245  ASN A CG  
373 O  OD1 . ASN A 54 ? 0.3193 0.2700 0.3077 -0.0717 0.0317  0.0018  245  ASN A OD1 
374 N  ND2 . ASN A 54 ? 0.3354 0.2984 0.2833 -0.0651 0.0164  0.0136  245  ASN A ND2 
375 N  N   . VAL A 55 ? 0.2425 0.2549 0.2319 -0.0292 0.0010  -0.0030 246  VAL A N   
376 C  CA  . VAL A 55 ? 0.2153 0.2615 0.2238 -0.0138 0.0134  -0.0071 246  VAL A CA  
377 C  C   . VAL A 55 ? 0.1898 0.2289 0.1821 -0.0301 0.0130  0.0102  246  VAL A C   
378 O  O   . VAL A 55 ? 0.1951 0.2616 0.2106 -0.0602 0.0152  -0.0084 246  VAL A O   
379 C  CB  . VAL A 55 ? 0.2018 0.2528 0.2282 -0.0216 0.0069  0.0043  246  VAL A CB  
380 C  CG1 . VAL A 55 ? 0.2555 0.2552 0.2241 -0.0247 -0.0033 0.0141  246  VAL A CG1 
381 C  CG2 . VAL A 55 ? 0.1819 0.2419 0.2344 -0.0422 0.0156  -0.0014 246  VAL A CG2 
382 N  N   . ILE A 56 ? 0.1869 0.2402 0.2217 -0.0145 0.0082  0.0050  247  ILE A N   
383 C  CA  . ILE A 56 ? 0.2217 0.2630 0.2309 -0.0162 0.0035  -0.0018 247  ILE A CA  
384 C  C   . ILE A 56 ? 0.2414 0.2503 0.2264 -0.0104 0.0184  -0.0077 247  ILE A C   
385 O  O   . ILE A 56 ? 0.2584 0.3067 0.2193 -0.0085 0.0131  0.0064  247  ILE A O   
386 C  CB  . ILE A 56 ? 0.2374 0.2788 0.2645 0.0096  -0.0056 -0.0182 247  ILE A CB  
387 C  CG1 . ILE A 56 ? 0.2921 0.3282 0.2533 0.0029  0.0126  -0.0071 247  ILE A CG1 
388 C  CG2 . ILE A 56 ? 0.2931 0.3030 0.3033 0.0007  -0.0059 -0.0077 247  ILE A CG2 
389 C  CD1 . ILE A 56 ? 0.3262 0.3842 0.3590 -0.0036 0.0138  -0.0092 247  ILE A CD1 
390 N  N   . GLY A 57 ? 0.2276 0.2950 0.1963 -0.0247 0.0248  -0.0170 248  GLY A N   
391 C  CA  . GLY A 57 ? 0.2537 0.2810 0.2541 -0.0038 -0.0042 -0.0084 248  GLY A CA  
392 C  C   . GLY A 57 ? 0.2149 0.2357 0.2013 -0.0173 0.0017  -0.0027 248  GLY A C   
393 O  O   . GLY A 57 ? 0.2507 0.2982 0.2267 0.0110  -0.0155 -0.0164 248  GLY A O   
394 N  N   . LEU A 58 ? 0.2013 0.2044 0.1911 -0.0214 0.0164  0.0105  249  LEU A N   
395 C  CA  . LEU A 58 ? 0.1901 0.1794 0.1825 -0.0237 0.0109  0.0169  249  LEU A CA  
396 C  C   . LEU A 58 ? 0.1999 0.1629 0.1756 -0.0187 0.0144  0.0179  249  LEU A C   
397 O  O   . LEU A 58 ? 0.1903 0.1812 0.2177 -0.0085 0.0200  0.0206  249  LEU A O   
398 C  CB  . LEU A 58 ? 0.1771 0.1688 0.1765 -0.0346 0.0250  0.0290  249  LEU A CB  
399 C  CG  . LEU A 58 ? 0.1876 0.1841 0.1941 -0.0380 0.0272  0.0279  249  LEU A CG  
400 C  CD1 . LEU A 58 ? 0.2016 0.2106 0.2321 -0.0283 0.0109  0.0166  249  LEU A CD1 
401 C  CD2 . LEU A 58 ? 0.2077 0.1908 0.2145 -0.0471 0.0353  0.0424  249  LEU A CD2 
402 N  N   . LYS A 59 ? 0.1925 0.1494 0.1928 -0.0298 0.0022  0.0191  250  LYS A N   
403 C  CA  . LYS A 59 ? 0.1601 0.1677 0.1883 -0.0236 0.0059  0.0129  250  LYS A CA  
404 C  C   . LYS A 59 ? 0.1705 0.1376 0.1882 -0.0225 0.0099  0.0222  250  LYS A C   
405 O  O   . LYS A 59 ? 0.1629 0.1467 0.2018 -0.0433 -0.0015 0.0248  250  LYS A O   
406 C  CB  . LYS A 59 ? 0.1861 0.1825 0.2284 -0.0210 -0.0035 0.0055  250  LYS A CB  
407 C  CG  . LYS A 59 ? 0.1931 0.1976 0.2437 -0.0355 -0.0035 0.0136  250  LYS A CG  
408 C  CD  . LYS A 59 ? 0.1824 0.2204 0.2721 -0.0545 -0.0234 0.0080  250  LYS A CD  
409 C  CE  . LYS A 59 ? 0.2483 0.2423 0.2823 -0.0348 -0.0327 0.0087  250  LYS A CE  
410 N  NZ  . LYS A 59 ? 0.2520 0.2829 0.3344 0.0011  -0.0241 0.0164  250  LYS A NZ  
411 N  N   . ASP A 60 ? 0.1534 0.1252 0.1985 -0.0381 0.0172  0.0379  251  ASP A N   
412 C  CA  . ASP A 60 ? 0.1648 0.1529 0.2002 -0.0197 0.0082  0.0148  251  ASP A CA  
413 C  C   . ASP A 60 ? 0.1709 0.1573 0.1789 -0.0231 0.0182  0.0337  251  ASP A C   
414 O  O   . ASP A 60 ? 0.1709 0.1578 0.1874 -0.0310 0.0125  0.0495  251  ASP A O   
415 C  CB  . ASP A 60 ? 0.1636 0.1486 0.2037 -0.0303 0.0045  0.0200  251  ASP A CB  
416 C  CG  . ASP A 60 ? 0.1483 0.1418 0.1814 -0.0490 0.0300  0.0320  251  ASP A CG  
417 O  OD1 . ASP A 60 ? 0.1823 0.1585 0.1795 -0.0270 0.0131  0.0396  251  ASP A OD1 
418 O  OD2 . ASP A 60 ? 0.1995 0.1631 0.2267 -0.0504 -0.0060 0.0311  251  ASP A OD2 
419 N  N   . SER A 61 ? 0.1606 0.1678 0.1898 -0.0391 0.0310  0.0424  252  SER A N   
420 C  CA  . SER A 61 ? 0.1658 0.1559 0.2016 -0.0229 0.0071  0.0269  252  SER A CA  
421 C  C   . SER A 61 ? 0.1420 0.1605 0.1968 -0.0141 0.0130  0.0230  252  SER A C   
422 O  O   . SER A 61 ? 0.1807 0.1674 0.1962 -0.0202 0.0192  0.0258  252  SER A O   
423 C  CB  . SER A 61 ? 0.1729 0.1673 0.2387 -0.0195 0.0156  0.0359  252  SER A CB  
424 O  OG  . SER A 61 ? 0.1571 0.2017 0.2500 -0.0326 0.0080  0.0342  252  SER A OG  
425 N  N   . GLN A 62 ? 0.1648 0.1505 0.1941 -0.0252 0.0128  0.0280  253  GLN A N   
426 C  CA  . GLN A 62 ? 0.1729 0.1242 0.1895 -0.0206 0.0050  0.0253  253  GLN A CA  
427 C  C   . GLN A 62 ? 0.1696 0.1558 0.1883 -0.0278 0.0029  0.0301  253  GLN A C   
428 O  O   . GLN A 62 ? 0.1931 0.1609 0.2029 -0.0296 -0.0106 0.0179  253  GLN A O   
429 C  CB  . GLN A 62 ? 0.1936 0.1486 0.1927 -0.0184 -0.0026 0.0189  253  GLN A CB  
430 C  CG  . GLN A 62 ? 0.1974 0.1208 0.2009 -0.0088 -0.0015 0.0173  253  GLN A CG  
431 C  CD  . GLN A 62 ? 0.1762 0.1672 0.1859 -0.0251 0.0031  0.0186  253  GLN A CD  
432 O  OE1 . GLN A 62 ? 0.2309 0.2083 0.2162 -0.0261 -0.0182 0.0321  253  GLN A OE1 
433 N  NE2 . GLN A 62 ? 0.1663 0.1281 0.1640 -0.0317 0.0043  0.0629  253  GLN A NE2 
434 N  N   . ILE A 63 ? 0.1646 0.1328 0.1894 -0.0383 0.0036  0.0356  254  ILE A N   
435 C  CA  . ILE A 63 ? 0.1730 0.1598 0.2028 -0.0315 0.0045  0.0194  254  ILE A CA  
436 C  C   . ILE A 63 ? 0.1806 0.1581 0.1941 -0.0048 -0.0066 0.0239  254  ILE A C   
437 O  O   . ILE A 63 ? 0.1919 0.1712 0.1901 -0.0151 0.0008  0.0248  254  ILE A O   
438 C  CB  . ILE A 63 ? 0.1410 0.1853 0.1842 -0.0156 0.0009  0.0198  254  ILE A CB  
439 C  CG1 . ILE A 63 ? 0.1768 0.2194 0.1978 -0.0090 0.0304  0.0274  254  ILE A CG1 
440 C  CG2 . ILE A 63 ? 0.1873 0.2054 0.1942 -0.0123 0.0000  0.0130  254  ILE A CG2 
441 C  CD1 . ILE A 63 ? 0.2085 0.2556 0.2388 0.0176  0.0211  0.0236  254  ILE A CD1 
442 N  N   . ALA A 64 ? 0.1842 0.1578 0.2004 -0.0210 -0.0017 0.0183  255  ALA A N   
443 C  CA  . ALA A 64 ? 0.1856 0.1785 0.2067 -0.0153 -0.0079 0.0061  255  ALA A CA  
444 C  C   . ALA A 64 ? 0.1984 0.1770 0.1957 -0.0248 0.0078  0.0135  255  ALA A C   
445 O  O   . ALA A 64 ? 0.2088 0.1796 0.2190 -0.0133 0.0105  0.0115  255  ALA A O   
446 C  CB  . ALA A 64 ? 0.1862 0.1695 0.2113 -0.0291 0.0042  0.0238  255  ALA A CB  
447 N  N   . ASP A 65 ? 0.1822 0.1716 0.1853 -0.0075 0.0030  0.0069  256  ASP A N   
448 C  CA  . ASP A 65 ? 0.2110 0.1882 0.1977 -0.0035 0.0059  0.0187  256  ASP A CA  
449 C  C   . ASP A 65 ? 0.2088 0.1688 0.1788 -0.0020 0.0121  0.0186  256  ASP A C   
450 O  O   . ASP A 65 ? 0.2299 0.1775 0.1863 0.0100  0.0170  0.0080  256  ASP A O   
451 C  CB  . ASP A 65 ? 0.2368 0.2286 0.2339 0.0029  -0.0187 0.0010  256  ASP A CB  
452 C  CG  . ASP A 65 ? 0.2979 0.2763 0.2885 0.0058  -0.0246 0.0153  256  ASP A CG  
453 O  OD1 . ASP A 65 ? 0.3433 0.3160 0.3733 0.0691  -0.0177 -0.0024 256  ASP A OD1 
454 O  OD2 . ASP A 65 ? 0.3345 0.2586 0.3179 -0.0110 -0.0603 0.0407  256  ASP A OD2 
455 N  N   . ILE A 66 ? 0.1818 0.1539 0.2020 -0.0194 0.0159  0.0104  257  ILE A N   
456 C  CA  . ILE A 66 ? 0.1857 0.1477 0.2063 -0.0233 0.0057  0.0105  257  ILE A CA  
457 C  C   . ILE A 66 ? 0.1749 0.1635 0.1980 -0.0249 0.0101  0.0030  257  ILE A C   
458 O  O   . ILE A 66 ? 0.2118 0.1936 0.1912 -0.0260 -0.0034 0.0024  257  ILE A O   
459 C  CB  . ILE A 66 ? 0.1766 0.1596 0.2098 -0.0391 0.0098  0.0236  257  ILE A CB  
460 C  CG1 . ILE A 66 ? 0.2112 0.1974 0.2199 -0.0183 0.0018  0.0139  257  ILE A CG1 
461 C  CG2 . ILE A 66 ? 0.1759 0.1952 0.2279 -0.0232 0.0057  0.0071  257  ILE A CG2 
462 C  CD1 . ILE A 66 ? 0.2188 0.1858 0.2270 -0.0632 0.0118  0.0059  257  ILE A CD1 
463 N  N   . LEU A 67 ? 0.1827 0.1808 0.2037 -0.0389 -0.0073 0.0240  258  LEU A N   
464 C  CA  . LEU A 67 ? 0.2022 0.1910 0.1895 -0.0241 0.0106  0.0111  258  LEU A CA  
465 C  C   . LEU A 67 ? 0.2152 0.2203 0.2061 -0.0191 0.0070  0.0143  258  LEU A C   
466 O  O   . LEU A 67 ? 0.2226 0.2344 0.2192 -0.0265 0.0216  -0.0017 258  LEU A O   
467 C  CB  . LEU A 67 ? 0.1914 0.1961 0.2076 -0.0210 -0.0038 0.0228  258  LEU A CB  
468 C  CG  . LEU A 67 ? 0.2015 0.1893 0.1871 -0.0207 -0.0065 0.0116  258  LEU A CG  
469 C  CD1 . LEU A 67 ? 0.1808 0.1778 0.2027 -0.0243 0.0305  0.0320  258  LEU A CD1 
470 C  CD2 . LEU A 67 ? 0.2189 0.2190 0.2579 -0.0351 -0.0096 -0.0014 258  LEU A CD2 
471 N  N   . SER A 68 ? 0.2282 0.2451 0.1962 -0.0055 0.0129  0.0082  259  SER A N   
472 C  CA  . SER A 68 ? 0.2500 0.2518 0.2398 -0.0004 0.0158  0.0009  259  SER A CA  
473 C  C   . SER A 68 ? 0.2589 0.2450 0.2410 0.0033  0.0116  -0.0108 259  SER A C   
474 O  O   . SER A 68 ? 0.3237 0.2868 0.2639 -0.0140 0.0501  -0.0292 259  SER A O   
475 C  CB  . SER A 68 ? 0.2446 0.2739 0.2720 0.0081  0.0155  -0.0111 259  SER A CB  
476 O  OG  . SER A 68 ? 0.4136 0.3904 0.3662 0.0080  0.0085  -0.0006 259  SER A OG  
477 N  N   . THR A 69 ? 0.2367 0.2406 0.2420 0.0121  0.0036  -0.0001 260  THR A N   
478 C  CA  . THR A 69 ? 0.2627 0.2436 0.2527 0.0045  -0.0106 -0.0085 260  THR A CA  
479 C  C   . THR A 69 ? 0.2515 0.2339 0.2542 -0.0020 0.0053  -0.0067 260  THR A C   
480 O  O   . THR A 69 ? 0.2933 0.2424 0.3022 -0.0073 -0.0240 -0.0276 260  THR A O   
481 C  CB  . THR A 69 ? 0.2885 0.2787 0.2793 0.0071  0.0004  0.0012  260  THR A CB  
482 O  OG1 . THR A 69 ? 0.3124 0.2643 0.2695 -0.0141 0.0080  0.0010  260  THR A OG1 
483 C  CG2 . THR A 69 ? 0.3015 0.3022 0.2463 0.0125  -0.0306 -0.0053 260  THR A CG2 
484 N  N   . SER A 70 ? 0.2431 0.2225 0.2163 0.0011  -0.0070 -0.0128 261  SER A N   
485 C  CA  . SER A 70 ? 0.2352 0.2241 0.2303 -0.0069 0.0051  -0.0063 261  SER A CA  
486 C  C   . SER A 70 ? 0.2198 0.2200 0.2243 -0.0017 0.0011  -0.0062 261  SER A C   
487 O  O   . SER A 70 ? 0.2242 0.2245 0.2307 -0.0042 0.0053  -0.0207 261  SER A O   
488 C  CB  . SER A 70 ? 0.2044 0.2255 0.2254 -0.0114 0.0083  -0.0128 261  SER A CB  
489 O  OG  . SER A 70 ? 0.2767 0.2307 0.3069 -0.0258 -0.0040 0.0069  261  SER A OG  
490 N  N   . GLY A 71 ? 0.2422 0.1989 0.2054 0.0085  -0.0035 -0.0001 262  GLY A N   
491 C  CA  . GLY A 71 ? 0.2178 0.1957 0.2015 0.0045  0.0043  0.0016  262  GLY A CA  
492 C  C   . GLY A 71 ? 0.2104 0.1752 0.2050 -0.0073 0.0039  -0.0030 262  GLY A C   
493 O  O   . GLY A 71 ? 0.2401 0.1734 0.2366 -0.0003 0.0111  -0.0085 262  GLY A O   
494 N  N   . THR A 72 ? 0.1920 0.1544 0.1854 -0.0073 0.0033  0.0091  263  THR A N   
495 C  CA  . THR A 72 ? 0.1781 0.1682 0.1916 -0.0170 0.0290  0.0274  263  THR A CA  
496 C  C   . THR A 72 ? 0.1791 0.1594 0.1962 -0.0031 0.0285  0.0161  263  THR A C   
497 O  O   . THR A 72 ? 0.1962 0.1411 0.2108 -0.0037 0.0183  0.0309  263  THR A O   
498 C  CB  . THR A 72 ? 0.2082 0.2089 0.1619 0.0244  0.0425  0.0239  263  THR A CB  
499 O  OG1 . THR A 72 ? 0.3076 0.2729 0.2253 0.0660  0.0358  0.0296  263  THR A OG1 
500 C  CG2 . THR A 72 ? 0.2166 0.2188 0.1919 -0.0012 0.0187  0.0352  263  THR A CG2 
501 N  N   . VAL A 73 ? 0.1976 0.1451 0.2440 -0.0043 0.0339  0.0111  264  VAL A N   
502 C  CA  . VAL A 73 ? 0.2078 0.1908 0.2457 -0.0022 0.0164  -0.0012 264  VAL A CA  
503 C  C   . VAL A 73 ? 0.2137 0.1954 0.2052 -0.0050 0.0414  0.0323  264  VAL A C   
504 O  O   . VAL A 73 ? 0.2811 0.2496 0.2406 0.0380  0.0311  0.0398  264  VAL A O   
505 C  CB  . VAL A 73 ? 0.2185 0.2161 0.2884 -0.0135 0.0273  0.0118  264  VAL A CB  
506 C  CG1 . VAL A 73 ? 0.2182 0.2581 0.3146 -0.0140 0.0440  -0.0067 264  VAL A CG1 
507 C  CG2 . VAL A 73 ? 0.2469 0.2824 0.3439 -0.0025 0.0135  -0.0244 264  VAL A CG2 
508 N  N   . VAL A 74 ? 0.2057 0.1850 0.1988 -0.0129 0.0238  0.0163  265  VAL A N   
509 C  CA  . VAL A 74 ? 0.2162 0.1911 0.1800 -0.0031 0.0244  0.0188  265  VAL A CA  
510 C  C   . VAL A 74 ? 0.1991 0.1910 0.1967 -0.0069 0.0165  0.0259  265  VAL A C   
511 O  O   . VAL A 74 ? 0.2003 0.2335 0.2062 0.0122  0.0228  0.0336  265  VAL A O   
512 C  CB  . VAL A 74 ? 0.2228 0.1933 0.2234 0.0066  0.0139  0.0145  265  VAL A CB  
513 C  CG1 . VAL A 74 ? 0.2594 0.2581 0.2627 -0.0075 0.0001  -0.0060 265  VAL A CG1 
514 C  CG2 . VAL A 74 ? 0.2169 0.2435 0.2037 -0.0054 0.0421  0.0265  265  VAL A CG2 
515 N  N   . THR A 75 ? 0.1936 0.1773 0.1891 -0.0125 0.0232  0.0235  266  THR A N   
516 C  CA  . THR A 75 ? 0.2045 0.1923 0.1941 -0.0127 0.0140  0.0029  266  THR A CA  
517 C  C   . THR A 75 ? 0.2139 0.2236 0.2065 0.0125  0.0018  -0.0049 266  THR A C   
518 O  O   . THR A 75 ? 0.2975 0.2616 0.2399 0.0616  -0.0348 -0.0291 266  THR A O   
519 C  CB  . THR A 75 ? 0.2203 0.2158 0.2303 -0.0117 0.0085  0.0118  266  THR A CB  
520 O  OG1 . THR A 75 ? 0.3077 0.3293 0.2948 -0.0118 -0.0008 0.0260  266  THR A OG1 
521 C  CG2 . THR A 75 ? 0.2305 0.2371 0.2395 -0.0282 0.0341  -0.0001 266  THR A CG2 
522 N  N   . ILE A 76 ? 0.1769 0.2020 0.1968 -0.0027 0.0233  0.0028  267  ILE A N   
523 C  CA  . ILE A 76 ? 0.2075 0.2283 0.2065 -0.0118 0.0275  -0.0127 267  ILE A CA  
524 C  C   . ILE A 76 ? 0.2101 0.2559 0.2247 0.0025  0.0092  -0.0199 267  ILE A C   
525 O  O   . ILE A 76 ? 0.2246 0.2613 0.2146 0.0023  0.0272  -0.0138 267  ILE A O   
526 C  CB  . ILE A 76 ? 0.2181 0.2556 0.2349 -0.0226 0.0353  -0.0151 267  ILE A CB  
527 C  CG1 . ILE A 76 ? 0.2927 0.3413 0.3296 0.0092  0.0307  -0.0223 267  ILE A CG1 
528 C  CG2 . ILE A 76 ? 0.2434 0.2871 0.2650 -0.0519 0.0430  -0.0067 267  ILE A CG2 
529 C  CD1 . ILE A 76 ? 0.3562 0.3828 0.3737 -0.0132 -0.0035 0.0185  267  ILE A CD1 
530 N  N   . THR A 77 ? 0.2186 0.2627 0.2225 -0.0029 0.0130  -0.0113 268  THR A N   
531 C  CA  . THR A 77 ? 0.2246 0.2587 0.2527 -0.0018 0.0175  -0.0015 268  THR A CA  
532 C  C   . THR A 77 ? 0.2289 0.2900 0.2364 -0.0045 0.0166  -0.0229 268  THR A C   
533 O  O   . THR A 77 ? 0.2207 0.2749 0.2246 0.0011  0.0205  -0.0180 268  THR A O   
534 C  CB  . THR A 77 ? 0.2542 0.2837 0.2525 -0.0130 0.0313  0.0003  268  THR A CB  
535 O  OG1 . THR A 77 ? 0.2432 0.2958 0.2994 -0.0470 0.0645  -0.0025 268  THR A OG1 
536 C  CG2 . THR A 77 ? 0.2361 0.2950 0.2743 -0.0218 0.0165  0.0037  268  THR A CG2 
537 N  N   . ILE A 78 ? 0.2449 0.3111 0.2673 -0.0033 -0.0008 -0.0224 269  ILE A N   
538 C  CA  . ILE A 78 ? 0.3029 0.3121 0.3235 -0.0023 0.0025  -0.0165 269  ILE A CA  
539 C  C   . ILE A 78 ? 0.3219 0.3691 0.3680 -0.0022 0.0165  -0.0168 269  ILE A C   
540 O  O   . ILE A 78 ? 0.3081 0.3560 0.4197 -0.0121 0.0158  -0.0265 269  ILE A O   
541 C  CB  . ILE A 78 ? 0.3147 0.3332 0.3312 -0.0056 -0.0132 -0.0129 269  ILE A CB  
542 C  CG1 . ILE A 78 ? 0.3402 0.3652 0.3755 -0.0004 -0.0190 0.0022  269  ILE A CG1 
543 C  CG2 . ILE A 78 ? 0.3368 0.3585 0.3203 -0.0243 0.0094  0.0165  269  ILE A CG2 
544 C  CD1 . ILE A 78 ? 0.4031 0.4111 0.4049 -0.0047 -0.0275 0.0185  269  ILE A CD1 
545 N  N   . MET A 79 ? 0.3514 0.3754 0.3978 -0.0114 0.0081  -0.0131 270  MET A N   
546 C  CA  . MET A 79 ? 0.4275 0.4317 0.4379 0.0008  0.0071  -0.0136 270  MET A CA  
547 C  C   . MET A 79 ? 0.4533 0.4384 0.4615 0.0024  0.0022  -0.0092 270  MET A C   
548 O  O   . MET A 79 ? 0.4961 0.4552 0.4830 -0.0080 0.0010  -0.0318 270  MET A O   
549 C  CB  . MET A 79 ? 0.4576 0.4606 0.4595 0.0005  -0.0003 -0.0059 270  MET A CB  
550 C  CG  . MET A 79 ? 0.4856 0.4951 0.4919 -0.0029 0.0038  -0.0076 270  MET A CG  
551 S  SD  . MET A 79 ? 0.5377 0.5996 0.5007 -0.0060 -0.0078 -0.0077 270  MET A SD  
552 C  CE  . MET A 79 ? 0.5579 0.5632 0.5458 -0.0063 -0.0066 0.0037  270  MET A CE  
553 O  OXT . MET A 79 ? 0.4910 0.4676 0.4997 0.0037  -0.0030 -0.0055 270  MET A OXT 
554 N  N   . ASP B 5  ? 0.2181 0.1856 0.2276 -0.0293 0.0091  0.0205  5    ASP B N   
555 C  CA  . ASP B 5  ? 0.2177 0.2345 0.2212 -0.0213 0.0034  0.0290  5    ASP B CA  
556 C  C   . ASP B 5  ? 0.2721 0.2429 0.2416 -0.0115 -0.0023 0.0200  5    ASP B C   
557 O  O   . ASP B 5  ? 0.2803 0.2551 0.2676 -0.0161 0.0298  0.0452  5    ASP B O   
558 C  CB  . ASP B 5  ? 0.2150 0.2191 0.2173 -0.0261 0.0143  0.0342  5    ASP B CB  
559 C  CG  . ASP B 5  ? 0.2716 0.2829 0.2477 -0.0005 -0.0082 0.0182  5    ASP B CG  
560 O  OD1 . ASP B 5  ? 0.2959 0.2786 0.2235 -0.0023 -0.0457 -0.0017 5    ASP B OD1 
561 O  OD2 . ASP B 5  ? 0.2462 0.3136 0.2736 -0.0397 0.0005  0.0416  5    ASP B OD2 
562 N  N   . SER B 6  ? 0.2933 0.3046 0.2775 -0.0550 0.0334  0.0111  6    SER B N   
563 C  CA  . SER B 6  ? 0.2811 0.3058 0.2921 -0.0304 0.0072  -0.0033 6    SER B CA  
564 C  C   . SER B 6  ? 0.2827 0.2963 0.2741 -0.0259 0.0032  0.0042  6    SER B C   
565 O  O   . SER B 6  ? 0.2905 0.2328 0.2559 -0.0835 -0.0004 0.0091  6    SER B O   
566 C  CB  . SER B 6  ? 0.2874 0.3225 0.3038 -0.0242 -0.0052 -0.0044 6    SER B CB  
567 O  OG  . SER B 6  ? 0.3276 0.3948 0.3915 0.0037  -0.0202 -0.0050 6    SER B OG  
568 N  N   . VAL B 7  ? 0.2373 0.2791 0.2722 -0.0449 0.0039  -0.0075 7    VAL B N   
569 C  CA  . VAL B 7  ? 0.2307 0.2296 0.2554 -0.0326 -0.0044 0.0083  7    VAL B CA  
570 C  C   . VAL B 7  ? 0.2418 0.2121 0.2521 -0.0167 0.0089  0.0163  7    VAL B C   
571 O  O   . VAL B 7  ? 0.1898 0.2392 0.2507 -0.0462 0.0260  0.0152  7    VAL B O   
572 C  CB  . VAL B 7  ? 0.2839 0.2784 0.2766 -0.0283 0.0032  0.0072  7    VAL B CB  
573 C  CG1 . VAL B 7  ? 0.3138 0.3094 0.3388 -0.0222 0.0120  0.0121  7    VAL B CG1 
574 C  CG2 . VAL B 7  ? 0.2844 0.3064 0.2251 -0.0324 0.0124  0.0322  7    VAL B CG2 
575 N  N   . PHE B 8  ? 0.2110 0.1675 0.2492 -0.0275 0.0101  0.0351  8    PHE B N   
576 C  CA  . PHE B 8  ? 0.2098 0.1722 0.2344 -0.0342 0.0081  0.0215  8    PHE B CA  
577 C  C   . PHE B 8  ? 0.2441 0.1995 0.2598 -0.0342 0.0029  0.0325  8    PHE B C   
578 O  O   . PHE B 8  ? 0.2115 0.1956 0.2743 -0.0217 -0.0183 0.0230  8    PHE B O   
579 C  CB  . PHE B 8  ? 0.2210 0.1827 0.2439 -0.0260 0.0155  0.0042  8    PHE B CB  
580 C  CG  . PHE B 8  ? 0.1995 0.2006 0.2109 -0.0229 0.0326  0.0175  8    PHE B CG  
581 C  CD1 . PHE B 8  ? 0.2274 0.2126 0.2373 -0.0110 0.0197  -0.0019 8    PHE B CD1 
582 C  CD2 . PHE B 8  ? 0.2173 0.1616 0.2349 -0.0486 0.0069  0.0260  8    PHE B CD2 
583 C  CE1 . PHE B 8  ? 0.2319 0.2088 0.2355 -0.0493 0.0256  0.0015  8    PHE B CE1 
584 C  CE2 . PHE B 8  ? 0.2692 0.2248 0.2629 -0.0181 -0.0244 0.0356  8    PHE B CE2 
585 C  CZ  . PHE B 8  ? 0.2355 0.2359 0.2422 -0.0399 0.0017  0.0319  8    PHE B CZ  
586 O  OXT . PHE B 8  ? 0.2315 0.1961 0.2861 -0.0710 0.0134  0.0339  8    PHE B OXT 
587 CO CO  . CO  C .  ? 0.2104 0.1879 0.2710 -0.0823 0.0198  0.0277  1271 CO  A CO  
588 CO CO  . CO  D .  ? 0.2021 0.2260 0.2649 -0.0002 0.0190  0.0417  1272 CO  A CO  
589 S  S   . SO4 E .  ? 0.2267 0.1606 0.1993 -0.0374 0.0111  0.0060  1273 SO4 A S   
590 O  O1  . SO4 E .  ? 0.2263 0.2168 0.2172 -0.0126 -0.0005 0.0442  1273 SO4 A O1  
591 O  O2  . SO4 E .  ? 0.2290 0.2065 0.2243 -0.0130 0.0223  0.0487  1273 SO4 A O2  
592 O  O3  . SO4 E .  ? 0.2332 0.2115 0.2166 -0.0678 0.0029  -0.0268 1273 SO4 A O3  
593 O  O4  . SO4 E .  ? 0.2785 0.2240 0.2607 -0.0190 0.0065  -0.0095 1273 SO4 A O4  
594 S  S   . SO4 F .  ? 0.3601 0.3519 0.3995 -0.0316 0.0048  0.0104  1274 SO4 A S   
595 O  O1  . SO4 F .  ? 0.2956 0.2798 0.3721 -0.0085 -0.0027 -0.0052 1274 SO4 A O1  
596 O  O2  . SO4 F .  ? 0.2883 0.2591 0.3218 -0.0630 0.0151  0.0276  1274 SO4 A O2  
597 O  O3  . SO4 F .  ? 0.3919 0.3892 0.4202 -0.0513 -0.0130 0.0394  1274 SO4 A O3  
598 O  O4  . SO4 F .  ? 0.3796 0.4027 0.4061 0.0028  -0.0140 0.0092  1274 SO4 A O4  
599 O  O   . HOH G .  ? 0.4693 0.4706 0.4588 0.0391  -0.0329 0.0061  2001 HOH A O   
600 O  O   . HOH G .  ? 0.6322 0.6431 0.6436 0.0079  0.0007  0.0009  2002 HOH A O   
601 O  O   . HOH G .  ? 0.6603 0.6586 0.6653 -0.0019 -0.0025 -0.0033 2003 HOH A O   
602 O  O   . HOH G .  ? 0.6004 0.5962 0.5955 0.0027  -0.0005 -0.0049 2004 HOH A O   
603 O  O   . HOH G .  ? 0.5634 0.5177 0.5386 -0.0044 0.0300  -0.0002 2005 HOH A O   
604 O  O   . HOH G .  ? 0.4875 0.4990 0.5031 0.0132  0.0162  -0.0002 2006 HOH A O   
605 O  O   . HOH G .  ? 0.4401 0.4325 0.4184 0.0107  0.0122  0.0234  2007 HOH A O   
606 O  O   . HOH G .  ? 0.5474 0.5294 0.5383 -0.0025 0.0150  -0.0124 2008 HOH A O   
607 O  O   . HOH G .  ? 0.4497 0.3696 0.4184 -0.0141 -0.0009 -0.0055 2009 HOH A O   
608 O  O   . HOH G .  ? 0.6314 0.6043 0.6182 -0.0011 -0.0009 0.0005  2010 HOH A O   
609 O  O   . HOH G .  ? 0.4803 0.4694 0.4677 -0.0057 0.0045  0.0031  2011 HOH A O   
610 O  O   . HOH G .  ? 0.6378 0.6174 0.6443 -0.0132 0.0062  -0.0131 2012 HOH A O   
611 O  O   . HOH G .  ? 0.3177 0.3477 0.2582 0.0339  0.0688  0.0012  2013 HOH A O   
612 O  O   . HOH G .  ? 0.4974 0.4987 0.5245 -0.0301 0.0069  -0.0045 2014 HOH A O   
613 O  O   . HOH G .  ? 0.4188 0.4288 0.4115 0.0239  0.0069  -0.0051 2015 HOH A O   
614 O  O   . HOH G .  ? 0.5102 0.5294 0.5401 0.0228  -0.0091 0.0091  2016 HOH A O   
615 O  O   . HOH G .  ? 0.3986 0.2773 0.4198 -0.0638 0.0537  0.0084  2017 HOH A O   
616 O  O   . HOH G .  ? 0.5694 0.5810 0.5931 0.0112  -0.0074 -0.0065 2018 HOH A O   
617 O  O   . HOH G .  ? 0.5391 0.5644 0.5263 -0.0091 0.0241  -0.0090 2019 HOH A O   
618 O  O   . HOH G .  ? 0.6393 0.6454 0.6393 -0.0031 -0.0081 -0.0008 2020 HOH A O   
619 O  O   . HOH G .  ? 0.5961 0.5900 0.5910 0.0029  0.0039  0.0126  2021 HOH A O   
620 O  O   . HOH G .  ? 0.4404 0.4834 0.5017 -0.0346 0.0687  0.0098  2022 HOH A O   
621 O  O   . HOH G .  ? 0.3391 0.2792 0.3861 -0.0243 0.0236  0.0017  2023 HOH A O   
622 O  O   . HOH G .  ? 0.3231 0.4310 0.3486 0.0230  -0.0431 0.0299  2024 HOH A O   
623 O  O   . HOH G .  ? 0.6366 0.6461 0.6211 0.0115  0.0078  -0.0010 2025 HOH A O   
624 O  O   . HOH G .  ? 0.2226 0.2775 0.2770 0.0197  0.0481  0.0142  2026 HOH A O   
625 O  O   . HOH G .  ? 0.4461 0.4007 0.3714 0.0157  -0.0471 -0.0074 2027 HOH A O   
626 O  O   . HOH G .  ? 0.3107 0.2896 0.3939 -0.0357 0.0022  0.0485  2028 HOH A O   
627 O  O   . HOH G .  ? 0.4777 0.4842 0.4948 -0.0177 0.0348  0.0162  2029 HOH A O   
628 O  O   . HOH G .  ? 0.4414 0.4208 0.4660 -0.0055 0.0148  0.0523  2030 HOH A O   
629 O  O   . HOH G .  ? 0.4399 0.4191 0.3886 0.0249  0.0202  -0.0378 2031 HOH A O   
630 O  O   . HOH G .  ? 0.5619 0.5650 0.5754 -0.0173 0.0183  0.0008  2032 HOH A O   
631 O  O   . HOH G .  ? 0.5850 0.6025 0.5798 0.0010  0.0056  -0.0139 2033 HOH A O   
632 O  O   . HOH G .  ? 0.4780 0.5024 0.4745 0.0050  0.0214  -0.0046 2034 HOH A O   
633 O  O   . HOH G .  ? 0.1936 0.1932 0.2454 -0.0148 0.0380  0.0147  2035 HOH A O   
634 O  O   . HOH G .  ? 0.3860 0.3844 0.3567 -0.0317 0.0073  0.0141  2036 HOH A O   
635 O  O   . HOH G .  ? 0.3582 0.4049 0.4229 -0.0431 0.0381  0.0361  2037 HOH A O   
636 O  O   . HOH G .  ? 0.5841 0.5755 0.6111 -0.0212 0.0088  0.0086  2038 HOH A O   
637 O  O   . HOH G .  ? 0.3432 0.2288 0.3700 -0.0127 0.0456  0.0289  2039 HOH A O   
638 O  O   . HOH G .  ? 0.4994 0.4820 0.5220 -0.0140 -0.0136 0.0403  2040 HOH A O   
639 O  O   . HOH G .  ? 0.6315 0.6223 0.6043 -0.0156 0.0136  -0.0110 2041 HOH A O   
640 O  O   . HOH G .  ? 0.5754 0.5266 0.5723 -0.0039 0.0159  -0.0301 2042 HOH A O   
641 O  O   . HOH G .  ? 0.5323 0.4804 0.4869 0.0304  -0.0237 -0.0132 2043 HOH A O   
642 O  O   . HOH G .  ? 0.3204 0.2689 0.2952 -0.1055 -0.0350 0.0163  2044 HOH A O   
643 O  O   . HOH G .  ? 0.4481 0.3564 0.3129 -0.0221 0.0376  0.0554  2045 HOH A O   
644 O  O   . HOH G .  ? 0.4373 0.4832 0.3592 -0.0007 0.0198  0.0372  2046 HOH A O   
645 O  O   . HOH G .  ? 0.4304 0.3047 0.4241 -0.0547 0.0154  0.0381  2047 HOH A O   
646 O  O   . HOH G .  ? 0.6466 0.6569 0.6616 -0.0134 0.0090  -0.0078 2048 HOH A O   
647 O  O   . HOH G .  ? 0.1601 0.1821 0.2491 -0.0626 0.0378  -0.0309 2049 HOH A O   
648 O  O   . HOH G .  ? 0.3605 0.4321 0.4868 0.0234  0.0207  -0.0378 2050 HOH A O   
649 O  O   . HOH G .  ? 0.2157 0.2585 0.3862 -0.0426 0.0595  0.0026  2051 HOH A O   
650 O  O   . HOH G .  ? 0.4604 0.4953 0.5140 -0.0340 -0.0165 0.0289  2052 HOH A O   
651 O  O   . HOH G .  ? 0.3330 0.4078 0.3270 -0.0376 0.0101  0.0188  2053 HOH A O   
652 O  O   . HOH G .  ? 0.5879 0.6019 0.5975 0.0057  -0.0084 0.0147  2054 HOH A O   
653 O  O   . HOH G .  ? 0.1641 0.3322 0.3385 -0.0417 0.0390  0.0594  2055 HOH A O   
654 O  O   . HOH G .  ? 0.5369 0.4416 0.5059 0.0142  -0.0082 -0.0207 2056 HOH A O   
655 O  O   . HOH G .  ? 0.4417 0.4035 0.4351 -0.0176 0.0474  0.0579  2057 HOH A O   
656 O  O   . HOH G .  ? 0.2432 0.2233 0.3551 -0.0255 -0.0304 0.0134  2058 HOH A O   
657 O  O   . HOH G .  ? 0.4819 0.5402 0.4950 -0.0065 0.0180  -0.0219 2059 HOH A O   
658 O  O   . HOH G .  ? 0.5889 0.5876 0.5677 0.0062  0.0056  -0.0059 2060 HOH A O   
659 O  O   . HOH G .  ? 0.2326 0.2930 0.3832 -0.0113 0.0346  0.0051  2061 HOH A O   
660 O  O   . HOH G .  ? 0.3253 0.3416 0.3118 -0.0622 0.0141  0.0938  2062 HOH A O   
661 O  O   . HOH G .  ? 0.4235 0.4677 0.4702 -0.0311 -0.0073 -0.0527 2063 HOH A O   
662 O  O   . HOH G .  ? 0.2213 0.3194 0.3144 -0.0382 0.0331  -0.0506 2064 HOH A O   
663 O  O   . HOH G .  ? 0.3541 0.2948 0.3634 -0.0403 0.0590  -0.0016 2065 HOH A O   
664 O  O   . HOH G .  ? 0.5319 0.5594 0.5609 0.0275  -0.0113 0.0032  2066 HOH A O   
665 O  O   . HOH G .  ? 0.3786 0.3412 0.4256 -0.0506 0.0069  0.0467  2067 HOH A O   
666 O  O   . HOH G .  ? 0.5610 0.5484 0.5415 0.0074  -0.0139 -0.0246 2068 HOH A O   
667 O  O   . HOH G .  ? 0.3714 0.3258 0.3668 0.0296  0.0324  -0.0020 2069 HOH A O   
668 O  O   . HOH G .  ? 0.5143 0.4754 0.5029 0.0074  -0.0041 -0.0295 2070 HOH A O   
669 O  O   . HOH G .  ? 0.4898 0.5149 0.5161 -0.0236 0.0427  0.0146  2071 HOH A O   
670 O  O   . HOH G .  ? 0.2880 0.3427 0.3151 -0.0709 0.0209  0.0466  2072 HOH A O   
671 O  O   . HOH G .  ? 0.7615 0.7665 0.7701 -0.0064 -0.0027 -0.0044 2073 HOH A O   
672 O  O   . HOH G .  ? 0.6786 0.6904 0.6907 -0.0070 0.0102  0.0063  2074 HOH A O   
673 O  O   . HOH G .  ? 0.3933 0.4031 0.3902 0.0142  -0.0168 0.0009  2075 HOH A O   
674 O  O   . HOH G .  ? 0.4784 0.4850 0.5193 -0.0302 0.0093  -0.0166 2076 HOH A O   
675 O  O   . HOH G .  ? 0.6581 0.6556 0.6513 -0.0046 0.0065  -0.0053 2077 HOH A O   
676 O  O   . HOH G .  ? 0.3457 0.3687 0.4061 -0.0196 -0.0215 0.0293  2078 HOH A O   
677 O  O   . HOH G .  ? 0.9288 0.9371 0.9313 -0.0041 0.0032  0.0030  2079 HOH A O   
678 O  O   . HOH G .  ? 0.6160 0.6282 0.6148 -0.0091 0.0071  0.0077  2080 HOH A O   
679 O  O   . HOH G .  ? 0.5716 0.5853 0.5648 0.0076  -0.0009 0.0043  2081 HOH A O   
680 O  O   . HOH G .  ? 0.3893 0.4025 0.3916 -0.0247 0.0078  0.0830  2082 HOH A O   
681 O  O   . HOH G .  ? 0.5464 0.5173 0.5476 -0.0081 0.0227  -0.0002 2083 HOH A O   
682 O  O   . HOH G .  ? 0.4480 0.4359 0.3858 -0.0589 0.0448  0.0563  2084 HOH A O   
683 O  O   . HOH G .  ? 0.5903 0.5689 0.5666 -0.0063 0.0013  0.0001  2085 HOH A O   
684 O  O   . HOH G .  ? 0.3801 0.4358 0.3848 -0.0127 0.0373  0.0375  2086 HOH A O   
685 O  O   . HOH G .  ? 0.5625 0.5849 0.5839 -0.0133 0.0021  0.0094  2087 HOH A O   
686 O  O   . HOH G .  ? 0.3575 0.3554 0.3051 -0.0240 0.0568  0.0307  2088 HOH A O   
687 O  O   . HOH G .  ? 0.4939 0.5534 0.5108 -0.0071 0.0154  0.0295  2089 HOH A O   
688 O  O   . HOH G .  ? 0.4118 0.4146 0.3858 0.0054  0.0239  -0.0335 2090 HOH A O   
689 O  O   . HOH G .  ? 0.3487 0.4143 0.3635 -0.0178 0.0193  -0.0104 2091 HOH A O   
690 O  O   . HOH G .  ? 0.2563 0.1923 0.2431 -0.0050 0.0025  0.0559  2092 HOH A O   
691 O  O   . HOH G .  ? 0.5050 0.5301 0.5379 -0.0217 -0.0101 0.0147  2093 HOH A O   
692 O  O   . HOH G .  ? 0.4288 0.4267 0.3709 0.0395  -0.0444 -0.0438 2094 HOH A O   
693 O  O   . HOH G .  ? 0.4516 0.4081 0.4308 -0.0101 0.0375  0.0236  2095 HOH A O   
694 O  O   . HOH G .  ? 0.4470 0.4076 0.4648 -0.0437 0.0040  -0.0132 2096 HOH A O   
695 O  O   . HOH G .  ? 0.2501 0.3006 0.3110 -0.0248 0.0651  0.0079  2097 HOH A O   
696 O  O   . HOH G .  ? 0.3944 0.3905 0.4313 -0.0244 -0.0301 -0.0077 2098 HOH A O   
697 O  O   . HOH G .  ? 0.3004 0.2868 0.2920 -0.0090 0.0382  -0.0099 2099 HOH A O   
698 O  O   . HOH G .  ? 0.3501 0.2351 0.3604 -0.0335 -0.0204 0.0003  2100 HOH A O   
699 O  O   . HOH G .  ? 0.3602 0.2739 0.2665 0.0484  -0.0509 0.0163  2101 HOH A O   
700 O  O   . HOH G .  ? 0.3010 0.2408 0.2940 -0.0630 0.0516  0.0314  2102 HOH A O   
701 O  O   . HOH G .  ? 0.4369 0.4855 0.4783 -0.0350 0.0378  0.0089  2103 HOH A O   
702 O  O   . HOH G .  ? 0.6442 0.6484 0.6413 -0.0134 -0.0001 0.0054  2104 HOH A O   
703 O  O   . HOH G .  ? 0.5356 0.5219 0.5344 -0.0123 0.0123  -0.0025 2105 HOH A O   
704 O  O   . HOH G .  ? 0.4193 0.2962 0.3349 -0.0005 -0.0126 -0.0034 2106 HOH A O   
705 O  O   . HOH G .  ? 0.4973 0.4633 0.4440 -0.0309 0.0188  -0.0092 2107 HOH A O   
706 O  O   . HOH G .  ? 0.4284 0.3718 0.3732 -0.0042 -0.0173 -0.0013 2108 HOH A O   
707 O  O   . HOH G .  ? 0.5735 0.6035 0.5804 -0.0191 0.0189  0.0075  2109 HOH A O   
708 O  O   . HOH G .  ? 0.2271 0.3279 0.2951 -0.0686 0.0192  0.0088  2110 HOH A O   
709 O  O   . HOH G .  ? 0.5853 0.6037 0.5943 -0.0140 -0.0061 0.0038  2111 HOH A O   
710 O  O   . HOH G .  ? 0.5242 0.5763 0.5556 -0.0196 0.0112  0.0161  2112 HOH A O   
711 O  O   . HOH G .  ? 0.6343 0.6486 0.6259 0.0049  -0.0167 0.0009  2113 HOH A O   
712 O  O   . HOH G .  ? 0.6151 0.6149 0.6372 -0.0162 -0.0151 0.0070  2114 HOH A O   
713 O  O   . HOH G .  ? 0.4623 0.4337 0.4205 0.0042  -0.0099 -0.0054 2115 HOH A O   
714 O  O   . HOH G .  ? 0.5600 0.5267 0.5376 -0.0273 0.0126  -0.0087 2116 HOH A O   
715 O  O   . HOH G .  ? 0.5043 0.4829 0.5193 -0.0140 0.0256  0.0200  2117 HOH A O   
716 O  O   . HOH G .  ? 0.6407 0.6644 0.6593 -0.0123 -0.0132 0.0063  2118 HOH A O   
717 O  O   . HOH G .  ? 0.4618 0.4311 0.4601 -0.0125 0.0109  0.0309  2119 HOH A O   
718 O  O   . HOH G .  ? 0.5564 0.5115 0.5281 0.0158  0.0014  -0.0049 2120 HOH A O   
719 O  O   . HOH G .  ? 0.3017 0.2872 0.3241 -0.0456 0.0407  -0.0017 2121 HOH A O   
720 O  O   . HOH G .  ? 0.1739 0.1980 0.2526 -0.0279 0.0520  0.0522  2122 HOH A O   
721 O  O   . HOH G .  ? 0.2712 0.2252 0.2915 -0.0040 0.0278  0.0416  2123 HOH A O   
722 O  O   . HOH G .  ? 0.3273 0.3556 0.3977 -0.0533 0.0716  -0.0639 2124 HOH A O   
723 O  O   . HOH G .  ? 0.3217 0.3149 0.3198 0.0061  0.0195  -0.0090 2125 HOH A O   
724 O  O   . HOH G .  ? 0.4456 0.4462 0.3880 0.0010  0.0100  0.0160  2126 HOH A O   
725 O  O   . HOH G .  ? 0.3998 0.4148 0.4523 0.0211  0.0322  0.0014  2127 HOH A O   
726 O  O   . HOH G .  ? 0.3949 0.3841 0.4558 -0.0211 0.0024  -0.0204 2128 HOH A O   
727 O  O   . HOH G .  ? 0.3379 0.3788 0.3503 -0.0255 0.0072  0.0084  2129 HOH A O   
728 O  O   . HOH G .  ? 0.6319 0.6445 0.6273 -0.0015 0.0000  0.0148  2130 HOH A O   
729 O  O   . HOH G .  ? 0.3910 0.3645 0.4436 -0.0725 0.0170  0.0363  2131 HOH A O   
730 O  O   . HOH G .  ? 0.3335 0.3852 0.4472 -0.0536 -0.0240 0.0480  2132 HOH A O   
731 O  O   . HOH G .  ? 0.4870 0.5137 0.5245 -0.0043 0.0094  0.0028  2133 HOH A O   
732 O  O   . HOH G .  ? 0.4403 0.4490 0.4685 -0.0215 0.0240  0.0034  2134 HOH A O   
733 O  O   . HOH G .  ? 0.4105 0.3403 0.3759 -0.0214 0.0076  -0.0447 2135 HOH A O   
734 O  O   . HOH H .  ? 0.0687 0.1032 0.2543 -0.0227 0.0877  0.0078  2001 HOH B O   
735 O  O   . HOH H .  ? 0.5434 0.5663 0.5581 0.0107  -0.0033 0.0069  2002 HOH B O   
736 O  O   . HOH H .  ? 0.5405 0.5326 0.5683 -0.0213 -0.0020 -0.0173 2003 HOH B O   
737 O  O   . HOH H .  ? 0.4458 0.3992 0.3186 -0.0316 0.0338  0.0381  2004 HOH B O   
738 O  O   . HOH H .  ? 0.5530 0.5783 0.5550 0.0182  -0.0172 -0.0063 2005 HOH B O   
739 O  O   . HOH H .  ? 0.2886 0.2749 0.2630 0.0436  0.0093  0.0437  2006 HOH B O   
740 O  O   . HOH H .  ? 0.3849 0.2943 0.4010 -0.0237 -0.0059 0.0065  2007 HOH B O   
741 O  O   . HOH H .  ? 0.5782 0.5894 0.5698 0.0021  -0.0153 0.0023  2008 HOH B O   
742 O  O   . HOH H .  ? 0.3365 0.2993 0.3122 -0.0197 0.0564  0.0278  2009 HOH B O   
# 
loop_
_pdbx_poly_seq_scheme.asym_id 
_pdbx_poly_seq_scheme.entity_id 
_pdbx_poly_seq_scheme.seq_id 
_pdbx_poly_seq_scheme.mon_id 
_pdbx_poly_seq_scheme.ndb_seq_num 
_pdbx_poly_seq_scheme.pdb_seq_num 
_pdbx_poly_seq_scheme.auth_seq_num 
_pdbx_poly_seq_scheme.pdb_mon_id 
_pdbx_poly_seq_scheme.auth_mon_id 
_pdbx_poly_seq_scheme.pdb_strand_id 
_pdbx_poly_seq_scheme.pdb_ins_code 
_pdbx_poly_seq_scheme.hetero 
A 1 1  GLY 1  192 ?   ?   ?   A . n 
A 1 2  ALA 2  193 ?   ?   ?   A . n 
A 1 3  MET 3  194 ?   ?   ?   A . n 
A 1 4  ASP 4  195 ?   ?   ?   A . n 
A 1 5  PRO 5  196 ?   ?   ?   A . n 
A 1 6  ARG 6  197 197 ARG ARG A . n 
A 1 7  THR 7  198 198 THR THR A . n 
A 1 8  ILE 8  199 199 ILE ILE A . n 
A 1 9  THR 9  200 200 THR THR A . n 
A 1 10 MET 10 201 201 MET MET A . n 
A 1 11 HIS 11 202 202 HIS HIS A . n 
A 1 12 LYS 12 203 203 LYS LYS A . n 
A 1 13 ASP 13 204 204 ASP ASP A . n 
A 1 14 SER 14 205 205 SER SER A . n 
A 1 15 THR 15 206 206 THR THR A . n 
A 1 16 GLY 16 207 207 GLY GLY A . n 
A 1 17 HIS 17 208 208 HIS HIS A . n 
A 1 18 VAL 18 209 209 VAL VAL A . n 
A 1 19 GLY 19 210 210 GLY GLY A . n 
A 1 20 PHE 20 211 211 PHE PHE A . n 
A 1 21 ILE 21 212 212 ILE ILE A . n 
A 1 22 PHE 22 213 213 PHE PHE A . n 
A 1 23 LYS 23 214 214 LYS LYS A . n 
A 1 24 ASN 24 215 215 ASN ASN A . n 
A 1 25 GLY 25 216 216 GLY GLY A . n 
A 1 26 LYS 26 217 217 LYS LYS A . n 
A 1 27 ILE 27 218 218 ILE ILE A . n 
A 1 28 THR 28 219 219 THR THR A . n 
A 1 29 SER 29 220 220 SER SER A . n 
A 1 30 ILE 30 221 221 ILE ILE A . n 
A 1 31 VAL 31 222 222 VAL VAL A . n 
A 1 32 LYS 32 223 223 LYS LYS A . n 
A 1 33 ASP 33 224 224 ASP ASP A . n 
A 1 34 SER 34 225 225 SER SER A . n 
A 1 35 SER 35 226 226 SER SER A . n 
A 1 36 ALA 36 227 227 ALA ALA A . n 
A 1 37 ALA 37 228 228 ALA ALA A . n 
A 1 38 ARG 38 229 229 ARG ARG A . n 
A 1 39 ASN 39 230 230 ASN ASN A . n 
A 1 40 GLY 40 231 231 GLY GLY A . n 
A 1 41 LEU 41 232 232 LEU LEU A . n 
A 1 42 LEU 42 233 233 LEU LEU A . n 
A 1 43 THR 43 234 234 THR THR A . n 
A 1 44 GLU 44 235 235 GLU GLU A . n 
A 1 45 HIS 45 236 236 HIS HIS A . n 
A 1 46 ASN 46 237 237 ASN ASN A . n 
A 1 47 ILE 47 238 238 ILE ILE A . n 
A 1 48 CYS 48 239 239 CYS CYS A . n 
A 1 49 GLU 49 240 240 GLU GLU A . n 
A 1 50 ILE 50 241 241 ILE ILE A . n 
A 1 51 ASN 51 242 242 ASN ASN A . n 
A 1 52 GLY 52 243 243 GLY GLY A . n 
A 1 53 GLN 53 244 244 GLN GLN A . n 
A 1 54 ASN 54 245 245 ASN ASN A . n 
A 1 55 VAL 55 246 246 VAL VAL A . n 
A 1 56 ILE 56 247 247 ILE ILE A . n 
A 1 57 GLY 57 248 248 GLY GLY A . n 
A 1 58 LEU 58 249 249 LEU LEU A . n 
A 1 59 LYS 59 250 250 LYS LYS A . n 
A 1 60 ASP 60 251 251 ASP ASP A . n 
A 1 61 SER 61 252 252 SER SER A . n 
A 1 62 GLN 62 253 253 GLN GLN A . n 
A 1 63 ILE 63 254 254 ILE ILE A . n 
A 1 64 ALA 64 255 255 ALA ALA A . n 
A 1 65 ASP 65 256 256 ASP ASP A . n 
A 1 66 ILE 66 257 257 ILE ILE A . n 
A 1 67 LEU 67 258 258 LEU LEU A . n 
A 1 68 SER 68 259 259 SER SER A . n 
A 1 69 THR 69 260 260 THR THR A . n 
A 1 70 SER 70 261 261 SER SER A . n 
A 1 71 GLY 71 262 262 GLY GLY A . n 
A 1 72 THR 72 263 263 THR THR A . n 
A 1 73 VAL 73 264 264 VAL VAL A . n 
A 1 74 VAL 74 265 265 VAL VAL A . n 
A 1 75 THR 75 266 266 THR THR A . n 
A 1 76 ILE 76 267 267 ILE ILE A . n 
A 1 77 THR 77 268 268 THR THR A . n 
A 1 78 ILE 78 269 269 ILE ILE A . n 
A 1 79 MET 79 270 270 MET MET A . n 
B 2 1  GLU 1  1   ?   ?   ?   B . n 
B 2 2  THR 2  2   ?   ?   ?   B . n 
B 2 3  LEU 3  3   ?   ?   ?   B . n 
B 2 4  GLU 4  4   ?   ?   ?   B . n 
B 2 5  ASP 5  5   5   ASP ASP B . n 
B 2 6  SER 6  6   6   SER SER B . n 
B 2 7  VAL 7  7   7   VAL VAL B . n 
B 2 8  PHE 8  8   8   PHE PHE B . n 
# 
loop_
_pdbx_nonpoly_scheme.asym_id 
_pdbx_nonpoly_scheme.entity_id 
_pdbx_nonpoly_scheme.mon_id 
_pdbx_nonpoly_scheme.ndb_seq_num 
_pdbx_nonpoly_scheme.pdb_seq_num 
_pdbx_nonpoly_scheme.auth_seq_num 
_pdbx_nonpoly_scheme.pdb_mon_id 
_pdbx_nonpoly_scheme.auth_mon_id 
_pdbx_nonpoly_scheme.pdb_strand_id 
_pdbx_nonpoly_scheme.pdb_ins_code 
C 3 CO  1   1271 1271 CO  CO  A . 
D 3 CO  1   1272 1272 CO  CO  A . 
E 4 SO4 1   1273 1273 SO4 SO4 A . 
F 4 SO4 1   1274 1274 SO4 SO4 A . 
G 5 HOH 1   2001 2001 HOH HOH A . 
G 5 HOH 2   2002 2002 HOH HOH A . 
G 5 HOH 3   2003 2003 HOH HOH A . 
G 5 HOH 4   2004 2004 HOH HOH A . 
G 5 HOH 5   2005 2005 HOH HOH A . 
G 5 HOH 6   2006 2006 HOH HOH A . 
G 5 HOH 7   2007 2007 HOH HOH A . 
G 5 HOH 8   2008 2008 HOH HOH A . 
G 5 HOH 9   2009 2009 HOH HOH A . 
G 5 HOH 10  2010 2010 HOH HOH A . 
G 5 HOH 11  2011 2011 HOH HOH A . 
G 5 HOH 12  2012 2012 HOH HOH A . 
G 5 HOH 13  2013 2013 HOH HOH A . 
G 5 HOH 14  2014 2014 HOH HOH A . 
G 5 HOH 15  2015 2015 HOH HOH A . 
G 5 HOH 16  2016 2016 HOH HOH A . 
G 5 HOH 17  2017 2017 HOH HOH A . 
G 5 HOH 18  2018 2018 HOH HOH A . 
G 5 HOH 19  2019 2019 HOH HOH A . 
G 5 HOH 20  2020 2020 HOH HOH A . 
G 5 HOH 21  2021 2021 HOH HOH A . 
G 5 HOH 22  2022 2022 HOH HOH A . 
G 5 HOH 23  2023 2023 HOH HOH A . 
G 5 HOH 24  2024 2024 HOH HOH A . 
G 5 HOH 25  2025 2025 HOH HOH A . 
G 5 HOH 26  2026 2026 HOH HOH A . 
G 5 HOH 27  2027 2027 HOH HOH A . 
G 5 HOH 28  2028 2028 HOH HOH A . 
G 5 HOH 29  2029 2029 HOH HOH A . 
G 5 HOH 30  2030 2030 HOH HOH A . 
G 5 HOH 31  2031 2031 HOH HOH A . 
G 5 HOH 32  2032 2032 HOH HOH A . 
G 5 HOH 33  2033 2033 HOH HOH A . 
G 5 HOH 34  2034 2034 HOH HOH A . 
G 5 HOH 35  2035 2035 HOH HOH A . 
G 5 HOH 36  2036 2036 HOH HOH A . 
G 5 HOH 37  2037 2037 HOH HOH A . 
G 5 HOH 38  2038 2038 HOH HOH A . 
G 5 HOH 39  2039 2039 HOH HOH A . 
G 5 HOH 40  2040 2040 HOH HOH A . 
G 5 HOH 41  2041 2041 HOH HOH A . 
G 5 HOH 42  2042 2042 HOH HOH A . 
G 5 HOH 43  2043 2043 HOH HOH A . 
G 5 HOH 44  2044 2044 HOH HOH A . 
G 5 HOH 45  2045 2045 HOH HOH A . 
G 5 HOH 46  2046 2046 HOH HOH A . 
G 5 HOH 47  2047 2047 HOH HOH A . 
G 5 HOH 48  2048 2048 HOH HOH A . 
G 5 HOH 49  2049 2049 HOH HOH A . 
G 5 HOH 50  2050 2050 HOH HOH A . 
G 5 HOH 51  2051 2051 HOH HOH A . 
G 5 HOH 52  2052 2052 HOH HOH A . 
G 5 HOH 53  2053 2053 HOH HOH A . 
G 5 HOH 54  2054 2054 HOH HOH A . 
G 5 HOH 55  2055 2055 HOH HOH A . 
G 5 HOH 56  2056 2056 HOH HOH A . 
G 5 HOH 57  2057 2057 HOH HOH A . 
G 5 HOH 58  2058 2058 HOH HOH A . 
G 5 HOH 59  2059 2059 HOH HOH A . 
G 5 HOH 60  2060 2060 HOH HOH A . 
G 5 HOH 61  2061 2061 HOH HOH A . 
G 5 HOH 62  2062 2062 HOH HOH A . 
G 5 HOH 63  2063 2063 HOH HOH A . 
G 5 HOH 64  2064 2064 HOH HOH A . 
G 5 HOH 65  2065 2065 HOH HOH A . 
G 5 HOH 66  2066 2066 HOH HOH A . 
G 5 HOH 67  2067 2067 HOH HOH A . 
G 5 HOH 68  2068 2068 HOH HOH A . 
G 5 HOH 69  2069 2069 HOH HOH A . 
G 5 HOH 70  2070 2070 HOH HOH A . 
G 5 HOH 71  2071 2071 HOH HOH A . 
G 5 HOH 72  2072 2072 HOH HOH A . 
G 5 HOH 73  2073 2073 HOH HOH A . 
G 5 HOH 74  2074 2074 HOH HOH A . 
G 5 HOH 75  2075 2075 HOH HOH A . 
G 5 HOH 76  2076 2076 HOH HOH A . 
G 5 HOH 77  2077 2077 HOH HOH A . 
G 5 HOH 78  2078 2078 HOH HOH A . 
G 5 HOH 79  2079 2079 HOH HOH A . 
G 5 HOH 80  2080 2080 HOH HOH A . 
G 5 HOH 81  2081 2081 HOH HOH A . 
G 5 HOH 82  2082 2082 HOH HOH A . 
G 5 HOH 83  2083 2083 HOH HOH A . 
G 5 HOH 84  2084 2084 HOH HOH A . 
G 5 HOH 85  2085 2085 HOH HOH A . 
G 5 HOH 86  2086 2086 HOH HOH A . 
G 5 HOH 87  2087 2087 HOH HOH A . 
G 5 HOH 88  2088 2088 HOH HOH A . 
G 5 HOH 89  2089 2089 HOH HOH A . 
G 5 HOH 90  2090 2090 HOH HOH A . 
G 5 HOH 91  2091 2091 HOH HOH A . 
G 5 HOH 92  2092 2092 HOH HOH A . 
G 5 HOH 93  2093 2093 HOH HOH A . 
G 5 HOH 94  2094 2094 HOH HOH A . 
G 5 HOH 95  2095 2095 HOH HOH A . 
G 5 HOH 96  2096 2096 HOH HOH A . 
G 5 HOH 97  2097 2097 HOH HOH A . 
G 5 HOH 98  2098 2098 HOH HOH A . 
G 5 HOH 99  2099 2099 HOH HOH A . 
G 5 HOH 100 2100 2100 HOH HOH A . 
G 5 HOH 101 2101 2101 HOH HOH A . 
G 5 HOH 102 2102 2102 HOH HOH A . 
G 5 HOH 103 2103 2103 HOH HOH A . 
G 5 HOH 104 2104 2104 HOH HOH A . 
G 5 HOH 105 2105 2105 HOH HOH A . 
G 5 HOH 106 2106 2106 HOH HOH A . 
G 5 HOH 107 2107 2107 HOH HOH A . 
G 5 HOH 108 2108 2108 HOH HOH A . 
G 5 HOH 109 2109 2109 HOH HOH A . 
G 5 HOH 110 2110 2110 HOH HOH A . 
G 5 HOH 111 2111 2111 HOH HOH A . 
G 5 HOH 112 2112 2112 HOH HOH A . 
G 5 HOH 113 2113 2113 HOH HOH A . 
G 5 HOH 114 2114 2114 HOH HOH A . 
G 5 HOH 115 2115 2115 HOH HOH A . 
G 5 HOH 116 2116 2116 HOH HOH A . 
G 5 HOH 117 2117 2117 HOH HOH A . 
G 5 HOH 118 2118 2118 HOH HOH A . 
G 5 HOH 119 2119 2119 HOH HOH A . 
G 5 HOH 120 2120 2120 HOH HOH A . 
G 5 HOH 121 2121 2121 HOH HOH A . 
G 5 HOH 122 2122 2122 HOH HOH A . 
G 5 HOH 123 2123 2123 HOH HOH A . 
G 5 HOH 124 2124 2124 HOH HOH A . 
G 5 HOH 125 2125 2125 HOH HOH A . 
G 5 HOH 126 2126 2126 HOH HOH A . 
G 5 HOH 127 2127 2127 HOH HOH A . 
G 5 HOH 128 2128 2128 HOH HOH A . 
G 5 HOH 129 2129 2129 HOH HOH A . 
G 5 HOH 130 2130 2130 HOH HOH A . 
G 5 HOH 131 2131 2131 HOH HOH A . 
G 5 HOH 132 2132 2132 HOH HOH A . 
G 5 HOH 133 2133 2133 HOH HOH A . 
G 5 HOH 134 2134 2134 HOH HOH A . 
G 5 HOH 135 2135 2135 HOH HOH A . 
H 5 HOH 1   2001 2001 HOH HOH B . 
H 5 HOH 2   2002 2002 HOH HOH B . 
H 5 HOH 3   2003 2003 HOH HOH B . 
H 5 HOH 4   2004 2004 HOH HOH B . 
H 5 HOH 5   2005 2005 HOH HOH B . 
H 5 HOH 6   2006 2006 HOH HOH B . 
H 5 HOH 7   2007 2007 HOH HOH B . 
H 5 HOH 8   2008 2008 HOH HOH B . 
H 5 HOH 9   2009 2009 HOH HOH B . 
# 
_pdbx_struct_assembly.id                   1 
_pdbx_struct_assembly.details              author_and_software_defined_assembly 
_pdbx_struct_assembly.method_details       PQS 
_pdbx_struct_assembly.oligomeric_details   tetrameric 
_pdbx_struct_assembly.oligomeric_count     4 
# 
_pdbx_struct_assembly_gen.assembly_id       1 
_pdbx_struct_assembly_gen.oper_expression   1,2 
_pdbx_struct_assembly_gen.asym_id_list      A,B,C,D,E,F,G,H 
# 
loop_
_pdbx_struct_oper_list.id 
_pdbx_struct_oper_list.type 
_pdbx_struct_oper_list.name 
_pdbx_struct_oper_list.symmetry_operation 
_pdbx_struct_oper_list.matrix[1][1] 
_pdbx_struct_oper_list.matrix[1][2] 
_pdbx_struct_oper_list.matrix[1][3] 
_pdbx_struct_oper_list.vector[1] 
_pdbx_struct_oper_list.matrix[2][1] 
_pdbx_struct_oper_list.matrix[2][2] 
_pdbx_struct_oper_list.matrix[2][3] 
_pdbx_struct_oper_list.vector[2] 
_pdbx_struct_oper_list.matrix[3][1] 
_pdbx_struct_oper_list.matrix[3][2] 
_pdbx_struct_oper_list.matrix[3][3] 
_pdbx_struct_oper_list.vector[3] 
1 'identity operation'         1_555 x,y,z         1.0000000000 0.0000000000  0.0000000000 0.0000000000  0.0000000000  1.0000000000  0.0000000000  0.0000000000  0.0000000000 0.0000000000  1.0000000000  0.0000000000   
2 'crystal symmetry operation' 3_655 -x+1,y,-z+1/2 0.0026211828 -0.5822708460 0.8129906465 16.1874000762 -0.5822708460 -0.6618470227 -0.4721431780 11.1699154128 0.8129906465 -0.4721431780 -0.3407741601 -11.9631316239 
# 
_pdbx_struct_special_symmetry.id              1 
_pdbx_struct_special_symmetry.PDB_model_num   1 
_pdbx_struct_special_symmetry.auth_asym_id    A 
_pdbx_struct_special_symmetry.auth_comp_id    HOH 
_pdbx_struct_special_symmetry.auth_seq_id     2004 
_pdbx_struct_special_symmetry.PDB_ins_code    ? 
_pdbx_struct_special_symmetry.label_asym_id   G 
_pdbx_struct_special_symmetry.label_comp_id   HOH 
_pdbx_struct_special_symmetry.label_seq_id    . 
# 
loop_
_pdbx_struct_conn_angle.id 
_pdbx_struct_conn_angle.ptnr1_label_atom_id 
_pdbx_struct_conn_angle.ptnr1_label_alt_id 
_pdbx_struct_conn_angle.ptnr1_label_asym_id 
_pdbx_struct_conn_angle.ptnr1_label_comp_id 
_pdbx_struct_conn_angle.ptnr1_label_seq_id 
_pdbx_struct_conn_angle.ptnr1_auth_atom_id 
_pdbx_struct_conn_angle.ptnr1_auth_asym_id 
_pdbx_struct_conn_angle.ptnr1_auth_comp_id 
_pdbx_struct_conn_angle.ptnr1_auth_seq_id 
_pdbx_struct_conn_angle.ptnr1_PDB_ins_code 
_pdbx_struct_conn_angle.ptnr1_symmetry 
_pdbx_struct_conn_angle.ptnr2_label_atom_id 
_pdbx_struct_conn_angle.ptnr2_label_alt_id 
_pdbx_struct_conn_angle.ptnr2_label_asym_id 
_pdbx_struct_conn_angle.ptnr2_label_comp_id 
_pdbx_struct_conn_angle.ptnr2_label_seq_id 
_pdbx_struct_conn_angle.ptnr2_auth_atom_id 
_pdbx_struct_conn_angle.ptnr2_auth_asym_id 
_pdbx_struct_conn_angle.ptnr2_auth_comp_id 
_pdbx_struct_conn_angle.ptnr2_auth_seq_id 
_pdbx_struct_conn_angle.ptnr2_PDB_ins_code 
_pdbx_struct_conn_angle.ptnr2_symmetry 
_pdbx_struct_conn_angle.ptnr3_label_atom_id 
_pdbx_struct_conn_angle.ptnr3_label_alt_id 
_pdbx_struct_conn_angle.ptnr3_label_asym_id 
_pdbx_struct_conn_angle.ptnr3_label_comp_id 
_pdbx_struct_conn_angle.ptnr3_label_seq_id 
_pdbx_struct_conn_angle.ptnr3_auth_atom_id 
_pdbx_struct_conn_angle.ptnr3_auth_asym_id 
_pdbx_struct_conn_angle.ptnr3_auth_comp_id 
_pdbx_struct_conn_angle.ptnr3_auth_seq_id 
_pdbx_struct_conn_angle.ptnr3_PDB_ins_code 
_pdbx_struct_conn_angle.ptnr3_symmetry 
_pdbx_struct_conn_angle.value 
_pdbx_struct_conn_angle.value_esd 
1  NE2 ? A HIS 17 ? A HIS 208  ? 1_555 CO ? C CO . ? A CO 1271 ? 1_555 O   ? G HOH .  ? A HOH 2121 ? 1_555 112.1 ? 
2  NE2 ? A HIS 17 ? A HIS 208  ? 1_555 CO ? C CO . ? A CO 1271 ? 1_555 O   ? G HOH .  ? A HOH 2122 ? 1_555 87.0  ? 
3  O   ? G HOH .  ? A HOH 2121 ? 1_555 CO ? C CO . ? A CO 1271 ? 1_555 O   ? G HOH .  ? A HOH 2122 ? 1_555 97.6  ? 
4  NE2 ? A HIS 17 ? A HIS 208  ? 1_555 CO ? C CO . ? A CO 1271 ? 1_555 O   ? G HOH .  ? A HOH 2123 ? 1_555 172.1 ? 
5  O   ? G HOH .  ? A HOH 2121 ? 1_555 CO ? C CO . ? A CO 1271 ? 1_555 O   ? G HOH .  ? A HOH 2123 ? 1_555 61.5  ? 
6  O   ? G HOH .  ? A HOH 2122 ? 1_555 CO ? C CO . ? A CO 1271 ? 1_555 O   ? G HOH .  ? A HOH 2123 ? 1_555 98.3  ? 
7  NE2 ? A HIS 17 ? A HIS 208  ? 1_555 CO ? C CO . ? A CO 1271 ? 1_555 OD1 ? B ASP 5  ? B ASP 5    ? 3_655 86.7  ? 
8  O   ? G HOH .  ? A HOH 2121 ? 1_555 CO ? C CO . ? A CO 1271 ? 1_555 OD1 ? B ASP 5  ? B ASP 5    ? 3_655 90.0  ? 
9  O   ? G HOH .  ? A HOH 2122 ? 1_555 CO ? C CO . ? A CO 1271 ? 1_555 OD1 ? B ASP 5  ? B ASP 5    ? 3_655 171.6 ? 
10 O   ? G HOH .  ? A HOH 2123 ? 1_555 CO ? C CO . ? A CO 1271 ? 1_555 OD1 ? B ASP 5  ? B ASP 5    ? 3_655 88.6  ? 
11 NE2 ? A HIS 17 ? A HIS 208  ? 1_555 CO ? C CO . ? A CO 1271 ? 1_555 N   ? B ASP 5  ? B ASP 5    ? 3_655 98.1  ? 
12 O   ? G HOH .  ? A HOH 2121 ? 1_555 CO ? C CO . ? A CO 1271 ? 1_555 N   ? B ASP 5  ? B ASP 5    ? 3_655 149.7 ? 
13 O   ? G HOH .  ? A HOH 2122 ? 1_555 CO ? C CO . ? A CO 1271 ? 1_555 N   ? B ASP 5  ? B ASP 5    ? 3_655 81.2  ? 
14 O   ? G HOH .  ? A HOH 2123 ? 1_555 CO ? C CO . ? A CO 1271 ? 1_555 N   ? B ASP 5  ? B ASP 5    ? 3_655 88.6  ? 
15 OD1 ? B ASP 5  ? B ASP 5    ? 3_655 CO ? C CO . ? A CO 1271 ? 1_555 N   ? B ASP 5  ? B ASP 5    ? 3_655 94.1  ? 
16 NE2 ? A HIS 17 ? A HIS 208  ? 1_555 CO ? C CO . ? A CO 1271 ? 1_555 O   ? H HOH .  ? B HOH 2001 ? 3_655 93.2  ? 
17 O   ? G HOH .  ? A HOH 2121 ? 1_555 CO ? C CO . ? A CO 1271 ? 1_555 O   ? H HOH .  ? B HOH 2001 ? 3_655 59.4  ? 
18 O   ? G HOH .  ? A HOH 2122 ? 1_555 CO ? C CO . ? A CO 1271 ? 1_555 O   ? H HOH .  ? B HOH 2001 ? 3_655 155.1 ? 
19 O   ? G HOH .  ? A HOH 2123 ? 1_555 CO ? C CO . ? A CO 1271 ? 1_555 O   ? H HOH .  ? B HOH 2001 ? 3_655 79.6  ? 
20 OD1 ? B ASP 5  ? B ASP 5    ? 3_655 CO ? C CO . ? A CO 1271 ? 1_555 O   ? H HOH .  ? B HOH 2001 ? 3_655 31.2  ? 
21 N   ? B ASP 5  ? B ASP 5    ? 3_655 CO ? C CO . ? A CO 1271 ? 1_555 O   ? H HOH .  ? B HOH 2001 ? 3_655 123.2 ? 
22 NE2 ? A HIS 45 ? A HIS 236  ? 4_555 CO ? D CO . ? A CO 1272 ? 1_555 NE2 ? A HIS 45 ? A HIS 236  ? 1_555 136.0 ? 
23 NE2 ? A HIS 45 ? A HIS 236  ? 4_555 CO ? D CO . ? A CO 1272 ? 1_555 O   ? G HOH .  ? A HOH 2124 ? 1_555 98.6  ? 
24 NE2 ? A HIS 45 ? A HIS 236  ? 1_555 CO ? D CO . ? A CO 1272 ? 1_555 O   ? G HOH .  ? A HOH 2124 ? 1_555 124.9 ? 
25 NE2 ? A HIS 45 ? A HIS 236  ? 4_555 CO ? D CO . ? A CO 1272 ? 1_555 O   ? G HOH .  ? A HOH 2125 ? 1_555 92.5  ? 
26 NE2 ? A HIS 45 ? A HIS 236  ? 1_555 CO ? D CO . ? A CO 1272 ? 1_555 O   ? G HOH .  ? A HOH 2125 ? 1_555 95.8  ? 
27 O   ? G HOH .  ? A HOH 2124 ? 1_555 CO ? D CO . ? A CO 1272 ? 1_555 O   ? G HOH .  ? A HOH 2125 ? 1_555 87.6  ? 
# 
loop_
_pdbx_audit_revision_history.ordinal 
_pdbx_audit_revision_history.data_content_type 
_pdbx_audit_revision_history.major_revision 
_pdbx_audit_revision_history.minor_revision 
_pdbx_audit_revision_history.revision_date 
1 'Structure model' 1 0 2003-07-10 
2 'Structure model' 1 1 2011-05-08 
3 'Structure model' 1 2 2011-07-13 
4 'Structure model' 1 3 2019-05-08 
5 'Structure model' 1 4 2023-12-13 
# 
_pdbx_audit_revision_details.ordinal             1 
_pdbx_audit_revision_details.revision_ordinal    1 
_pdbx_audit_revision_details.data_content_type   'Structure model' 
_pdbx_audit_revision_details.provider            repository 
_pdbx_audit_revision_details.type                'Initial release' 
_pdbx_audit_revision_details.description         ? 
_pdbx_audit_revision_details.details             ? 
# 
loop_
_pdbx_audit_revision_group.ordinal 
_pdbx_audit_revision_group.revision_ordinal 
_pdbx_audit_revision_group.data_content_type 
_pdbx_audit_revision_group.group 
1  2 'Structure model' 'Version format compliance' 
2  3 'Structure model' 'Version format compliance' 
3  4 'Structure model' 'Data collection'           
4  4 'Structure model' 'Experimental preparation'  
5  4 'Structure model' Other                       
6  5 'Structure model' 'Data collection'           
7  5 'Structure model' 'Database references'       
8  5 'Structure model' 'Derived calculations'      
9  5 'Structure model' Other                       
10 5 'Structure model' 'Refinement description'    
# 
loop_
_pdbx_audit_revision_category.ordinal 
_pdbx_audit_revision_category.revision_ordinal 
_pdbx_audit_revision_category.data_content_type 
_pdbx_audit_revision_category.category 
1  4 'Structure model' exptl_crystal_grow            
2  4 'Structure model' pdbx_database_proc            
3  4 'Structure model' pdbx_database_status          
4  5 'Structure model' chem_comp_atom                
5  5 'Structure model' chem_comp_bond                
6  5 'Structure model' database_2                    
7  5 'Structure model' pdbx_database_status          
8  5 'Structure model' pdbx_initial_refinement_model 
9  5 'Structure model' pdbx_struct_conn_angle        
10 5 'Structure model' struct_conn                   
# 
loop_
_pdbx_audit_revision_item.ordinal 
_pdbx_audit_revision_item.revision_ordinal 
_pdbx_audit_revision_item.data_content_type 
_pdbx_audit_revision_item.item 
1  4 'Structure model' '_exptl_crystal_grow.method'                  
2  4 'Structure model' '_pdbx_database_status.recvd_author_approval' 
3  5 'Structure model' '_database_2.pdbx_DOI'                        
4  5 'Structure model' '_database_2.pdbx_database_accession'         
5  5 'Structure model' '_pdbx_database_status.status_code_sf'        
6  5 'Structure model' '_pdbx_struct_conn_angle.ptnr1_auth_asym_id'  
7  5 'Structure model' '_pdbx_struct_conn_angle.ptnr1_auth_comp_id'  
8  5 'Structure model' '_pdbx_struct_conn_angle.ptnr1_auth_seq_id'   
9  5 'Structure model' '_pdbx_struct_conn_angle.ptnr1_label_asym_id' 
10 5 'Structure model' '_pdbx_struct_conn_angle.ptnr1_label_atom_id' 
11 5 'Structure model' '_pdbx_struct_conn_angle.ptnr1_label_comp_id' 
12 5 'Structure model' '_pdbx_struct_conn_angle.ptnr1_label_seq_id'  
13 5 'Structure model' '_pdbx_struct_conn_angle.ptnr1_symmetry'      
14 5 'Structure model' '_pdbx_struct_conn_angle.ptnr3_auth_asym_id'  
15 5 'Structure model' '_pdbx_struct_conn_angle.ptnr3_auth_comp_id'  
16 5 'Structure model' '_pdbx_struct_conn_angle.ptnr3_auth_seq_id'   
17 5 'Structure model' '_pdbx_struct_conn_angle.ptnr3_label_asym_id' 
18 5 'Structure model' '_pdbx_struct_conn_angle.ptnr3_label_atom_id' 
19 5 'Structure model' '_pdbx_struct_conn_angle.ptnr3_label_comp_id' 
20 5 'Structure model' '_pdbx_struct_conn_angle.ptnr3_label_seq_id'  
21 5 'Structure model' '_pdbx_struct_conn_angle.ptnr3_symmetry'      
22 5 'Structure model' '_pdbx_struct_conn_angle.value'               
23 5 'Structure model' '_struct_conn.pdbx_dist_value'                
24 5 'Structure model' '_struct_conn.ptnr1_auth_comp_id'             
25 5 'Structure model' '_struct_conn.ptnr1_auth_seq_id'              
26 5 'Structure model' '_struct_conn.ptnr1_label_asym_id'            
27 5 'Structure model' '_struct_conn.ptnr1_label_atom_id'            
28 5 'Structure model' '_struct_conn.ptnr1_label_comp_id'            
29 5 'Structure model' '_struct_conn.ptnr1_label_seq_id'             
30 5 'Structure model' '_struct_conn.ptnr1_symmetry'                 
31 5 'Structure model' '_struct_conn.ptnr2_auth_asym_id'             
32 5 'Structure model' '_struct_conn.ptnr2_auth_comp_id'             
33 5 'Structure model' '_struct_conn.ptnr2_auth_seq_id'              
34 5 'Structure model' '_struct_conn.ptnr2_label_asym_id'            
35 5 'Structure model' '_struct_conn.ptnr2_label_atom_id'            
36 5 'Structure model' '_struct_conn.ptnr2_label_comp_id'            
37 5 'Structure model' '_struct_conn.ptnr2_label_seq_id'             
38 5 'Structure model' '_struct_conn.ptnr2_symmetry'                 
# 
loop_
_software.name 
_software.classification 
_software.version 
_software.citation_id 
_software.pdbx_ordinal 
REFMAC   refinement       5.1.24 ? 1 
HKL-2000 'data reduction' .      ? 2 
HKL-2000 'data scaling'   .      ? 3 
AMoRE    phasing          .      ? 4 
# 
_pdbx_entry_details.entry_id                 1OBX 
_pdbx_entry_details.compound_details         
;MOL_ID 1: FUNCTIONS AS AN ADAPTER PROTEIN.
  MAY ALSO FUNCTION TO COUPLE SYNDECANS TO CYTOSKELETAL
  TRANSCRIPTION PROTEINS OR SIGNALING COMPONENTS. ALSO SEEMS
  TO COUPLE FACTOR SOX4 TO THE IL-5 RECEPTOR (IL5RA)
  (MOL_ID 2 IN THIS ENTRY)
;
_pdbx_entry_details.source_details           ? 
_pdbx_entry_details.nonpolymer_details       ? 
_pdbx_entry_details.sequence_details         ? 
_pdbx_entry_details.has_ligand_of_interest   ? 
# 
loop_
_pdbx_validate_close_contact.id 
_pdbx_validate_close_contact.PDB_model_num 
_pdbx_validate_close_contact.auth_atom_id_1 
_pdbx_validate_close_contact.auth_asym_id_1 
_pdbx_validate_close_contact.auth_comp_id_1 
_pdbx_validate_close_contact.auth_seq_id_1 
_pdbx_validate_close_contact.PDB_ins_code_1 
_pdbx_validate_close_contact.label_alt_id_1 
_pdbx_validate_close_contact.auth_atom_id_2 
_pdbx_validate_close_contact.auth_asym_id_2 
_pdbx_validate_close_contact.auth_comp_id_2 
_pdbx_validate_close_contact.auth_seq_id_2 
_pdbx_validate_close_contact.PDB_ins_code_2 
_pdbx_validate_close_contact.label_alt_id_2 
_pdbx_validate_close_contact.dist 
1 1 O A HOH 2013 ? ? O A HOH 2040 ? ? 1.65 
2 1 O A LEU 232  ? ? O A HOH 2065 ? ? 2.14 
# 
loop_
_pdbx_unobs_or_zero_occ_residues.id 
_pdbx_unobs_or_zero_occ_residues.PDB_model_num 
_pdbx_unobs_or_zero_occ_residues.polymer_flag 
_pdbx_unobs_or_zero_occ_residues.occupancy_flag 
_pdbx_unobs_or_zero_occ_residues.auth_asym_id 
_pdbx_unobs_or_zero_occ_residues.auth_comp_id 
_pdbx_unobs_or_zero_occ_residues.auth_seq_id 
_pdbx_unobs_or_zero_occ_residues.PDB_ins_code 
_pdbx_unobs_or_zero_occ_residues.label_asym_id 
_pdbx_unobs_or_zero_occ_residues.label_comp_id 
_pdbx_unobs_or_zero_occ_residues.label_seq_id 
1 1 Y 1 A GLY 192 ? A GLY 1 
2 1 Y 1 A ALA 193 ? A ALA 2 
3 1 Y 1 A MET 194 ? A MET 3 
4 1 Y 1 A ASP 195 ? A ASP 4 
5 1 Y 1 A PRO 196 ? A PRO 5 
6 1 Y 1 B GLU 1   ? B GLU 1 
7 1 Y 1 B THR 2   ? B THR 2 
8 1 Y 1 B LEU 3   ? B LEU 3 
9 1 Y 1 B GLU 4   ? B GLU 4 
# 
loop_
_chem_comp_atom.comp_id 
_chem_comp_atom.atom_id 
_chem_comp_atom.type_symbol 
_chem_comp_atom.pdbx_aromatic_flag 
_chem_comp_atom.pdbx_stereo_config 
_chem_comp_atom.pdbx_ordinal 
ALA N    N  N N 1   
ALA CA   C  N S 2   
ALA C    C  N N 3   
ALA O    O  N N 4   
ALA CB   C  N N 5   
ALA OXT  O  N N 6   
ALA H    H  N N 7   
ALA H2   H  N N 8   
ALA HA   H  N N 9   
ALA HB1  H  N N 10  
ALA HB2  H  N N 11  
ALA HB3  H  N N 12  
ALA HXT  H  N N 13  
ARG N    N  N N 14  
ARG CA   C  N S 15  
ARG C    C  N N 16  
ARG O    O  N N 17  
ARG CB   C  N N 18  
ARG CG   C  N N 19  
ARG CD   C  N N 20  
ARG NE   N  N N 21  
ARG CZ   C  N N 22  
ARG NH1  N  N N 23  
ARG NH2  N  N N 24  
ARG OXT  O  N N 25  
ARG H    H  N N 26  
ARG H2   H  N N 27  
ARG HA   H  N N 28  
ARG HB2  H  N N 29  
ARG HB3  H  N N 30  
ARG HG2  H  N N 31  
ARG HG3  H  N N 32  
ARG HD2  H  N N 33  
ARG HD3  H  N N 34  
ARG HE   H  N N 35  
ARG HH11 H  N N 36  
ARG HH12 H  N N 37  
ARG HH21 H  N N 38  
ARG HH22 H  N N 39  
ARG HXT  H  N N 40  
ASN N    N  N N 41  
ASN CA   C  N S 42  
ASN C    C  N N 43  
ASN O    O  N N 44  
ASN CB   C  N N 45  
ASN CG   C  N N 46  
ASN OD1  O  N N 47  
ASN ND2  N  N N 48  
ASN OXT  O  N N 49  
ASN H    H  N N 50  
ASN H2   H  N N 51  
ASN HA   H  N N 52  
ASN HB2  H  N N 53  
ASN HB3  H  N N 54  
ASN HD21 H  N N 55  
ASN HD22 H  N N 56  
ASN HXT  H  N N 57  
ASP N    N  N N 58  
ASP CA   C  N S 59  
ASP C    C  N N 60  
ASP O    O  N N 61  
ASP CB   C  N N 62  
ASP CG   C  N N 63  
ASP OD1  O  N N 64  
ASP OD2  O  N N 65  
ASP OXT  O  N N 66  
ASP H    H  N N 67  
ASP H2   H  N N 68  
ASP HA   H  N N 69  
ASP HB2  H  N N 70  
ASP HB3  H  N N 71  
ASP HD2  H  N N 72  
ASP HXT  H  N N 73  
CO  CO   CO N N 74  
CYS N    N  N N 75  
CYS CA   C  N R 76  
CYS C    C  N N 77  
CYS O    O  N N 78  
CYS CB   C  N N 79  
CYS SG   S  N N 80  
CYS OXT  O  N N 81  
CYS H    H  N N 82  
CYS H2   H  N N 83  
CYS HA   H  N N 84  
CYS HB2  H  N N 85  
CYS HB3  H  N N 86  
CYS HG   H  N N 87  
CYS HXT  H  N N 88  
GLN N    N  N N 89  
GLN CA   C  N S 90  
GLN C    C  N N 91  
GLN O    O  N N 92  
GLN CB   C  N N 93  
GLN CG   C  N N 94  
GLN CD   C  N N 95  
GLN OE1  O  N N 96  
GLN NE2  N  N N 97  
GLN OXT  O  N N 98  
GLN H    H  N N 99  
GLN H2   H  N N 100 
GLN HA   H  N N 101 
GLN HB2  H  N N 102 
GLN HB3  H  N N 103 
GLN HG2  H  N N 104 
GLN HG3  H  N N 105 
GLN HE21 H  N N 106 
GLN HE22 H  N N 107 
GLN HXT  H  N N 108 
GLU N    N  N N 109 
GLU CA   C  N S 110 
GLU C    C  N N 111 
GLU O    O  N N 112 
GLU CB   C  N N 113 
GLU CG   C  N N 114 
GLU CD   C  N N 115 
GLU OE1  O  N N 116 
GLU OE2  O  N N 117 
GLU OXT  O  N N 118 
GLU H    H  N N 119 
GLU H2   H  N N 120 
GLU HA   H  N N 121 
GLU HB2  H  N N 122 
GLU HB3  H  N N 123 
GLU HG2  H  N N 124 
GLU HG3  H  N N 125 
GLU HE2  H  N N 126 
GLU HXT  H  N N 127 
GLY N    N  N N 128 
GLY CA   C  N N 129 
GLY C    C  N N 130 
GLY O    O  N N 131 
GLY OXT  O  N N 132 
GLY H    H  N N 133 
GLY H2   H  N N 134 
GLY HA2  H  N N 135 
GLY HA3  H  N N 136 
GLY HXT  H  N N 137 
HIS N    N  N N 138 
HIS CA   C  N S 139 
HIS C    C  N N 140 
HIS O    O  N N 141 
HIS CB   C  N N 142 
HIS CG   C  Y N 143 
HIS ND1  N  Y N 144 
HIS CD2  C  Y N 145 
HIS CE1  C  Y N 146 
HIS NE2  N  Y N 147 
HIS OXT  O  N N 148 
HIS H    H  N N 149 
HIS H2   H  N N 150 
HIS HA   H  N N 151 
HIS HB2  H  N N 152 
HIS HB3  H  N N 153 
HIS HD1  H  N N 154 
HIS HD2  H  N N 155 
HIS HE1  H  N N 156 
HIS HE2  H  N N 157 
HIS HXT  H  N N 158 
HOH O    O  N N 159 
HOH H1   H  N N 160 
HOH H2   H  N N 161 
ILE N    N  N N 162 
ILE CA   C  N S 163 
ILE C    C  N N 164 
ILE O    O  N N 165 
ILE CB   C  N S 166 
ILE CG1  C  N N 167 
ILE CG2  C  N N 168 
ILE CD1  C  N N 169 
ILE OXT  O  N N 170 
ILE H    H  N N 171 
ILE H2   H  N N 172 
ILE HA   H  N N 173 
ILE HB   H  N N 174 
ILE HG12 H  N N 175 
ILE HG13 H  N N 176 
ILE HG21 H  N N 177 
ILE HG22 H  N N 178 
ILE HG23 H  N N 179 
ILE HD11 H  N N 180 
ILE HD12 H  N N 181 
ILE HD13 H  N N 182 
ILE HXT  H  N N 183 
LEU N    N  N N 184 
LEU CA   C  N S 185 
LEU C    C  N N 186 
LEU O    O  N N 187 
LEU CB   C  N N 188 
LEU CG   C  N N 189 
LEU CD1  C  N N 190 
LEU CD2  C  N N 191 
LEU OXT  O  N N 192 
LEU H    H  N N 193 
LEU H2   H  N N 194 
LEU HA   H  N N 195 
LEU HB2  H  N N 196 
LEU HB3  H  N N 197 
LEU HG   H  N N 198 
LEU HD11 H  N N 199 
LEU HD12 H  N N 200 
LEU HD13 H  N N 201 
LEU HD21 H  N N 202 
LEU HD22 H  N N 203 
LEU HD23 H  N N 204 
LEU HXT  H  N N 205 
LYS N    N  N N 206 
LYS CA   C  N S 207 
LYS C    C  N N 208 
LYS O    O  N N 209 
LYS CB   C  N N 210 
LYS CG   C  N N 211 
LYS CD   C  N N 212 
LYS CE   C  N N 213 
LYS NZ   N  N N 214 
LYS OXT  O  N N 215 
LYS H    H  N N 216 
LYS H2   H  N N 217 
LYS HA   H  N N 218 
LYS HB2  H  N N 219 
LYS HB3  H  N N 220 
LYS HG2  H  N N 221 
LYS HG3  H  N N 222 
LYS HD2  H  N N 223 
LYS HD3  H  N N 224 
LYS HE2  H  N N 225 
LYS HE3  H  N N 226 
LYS HZ1  H  N N 227 
LYS HZ2  H  N N 228 
LYS HZ3  H  N N 229 
LYS HXT  H  N N 230 
MET N    N  N N 231 
MET CA   C  N S 232 
MET C    C  N N 233 
MET O    O  N N 234 
MET CB   C  N N 235 
MET CG   C  N N 236 
MET SD   S  N N 237 
MET CE   C  N N 238 
MET OXT  O  N N 239 
MET H    H  N N 240 
MET H2   H  N N 241 
MET HA   H  N N 242 
MET HB2  H  N N 243 
MET HB3  H  N N 244 
MET HG2  H  N N 245 
MET HG3  H  N N 246 
MET HE1  H  N N 247 
MET HE2  H  N N 248 
MET HE3  H  N N 249 
MET HXT  H  N N 250 
PHE N    N  N N 251 
PHE CA   C  N S 252 
PHE C    C  N N 253 
PHE O    O  N N 254 
PHE CB   C  N N 255 
PHE CG   C  Y N 256 
PHE CD1  C  Y N 257 
PHE CD2  C  Y N 258 
PHE CE1  C  Y N 259 
PHE CE2  C  Y N 260 
PHE CZ   C  Y N 261 
PHE OXT  O  N N 262 
PHE H    H  N N 263 
PHE H2   H  N N 264 
PHE HA   H  N N 265 
PHE HB2  H  N N 266 
PHE HB3  H  N N 267 
PHE HD1  H  N N 268 
PHE HD2  H  N N 269 
PHE HE1  H  N N 270 
PHE HE2  H  N N 271 
PHE HZ   H  N N 272 
PHE HXT  H  N N 273 
PRO N    N  N N 274 
PRO CA   C  N S 275 
PRO C    C  N N 276 
PRO O    O  N N 277 
PRO CB   C  N N 278 
PRO CG   C  N N 279 
PRO CD   C  N N 280 
PRO OXT  O  N N 281 
PRO H    H  N N 282 
PRO HA   H  N N 283 
PRO HB2  H  N N 284 
PRO HB3  H  N N 285 
PRO HG2  H  N N 286 
PRO HG3  H  N N 287 
PRO HD2  H  N N 288 
PRO HD3  H  N N 289 
PRO HXT  H  N N 290 
SER N    N  N N 291 
SER CA   C  N S 292 
SER C    C  N N 293 
SER O    O  N N 294 
SER CB   C  N N 295 
SER OG   O  N N 296 
SER OXT  O  N N 297 
SER H    H  N N 298 
SER H2   H  N N 299 
SER HA   H  N N 300 
SER HB2  H  N N 301 
SER HB3  H  N N 302 
SER HG   H  N N 303 
SER HXT  H  N N 304 
SO4 S    S  N N 305 
SO4 O1   O  N N 306 
SO4 O2   O  N N 307 
SO4 O3   O  N N 308 
SO4 O4   O  N N 309 
THR N    N  N N 310 
THR CA   C  N S 311 
THR C    C  N N 312 
THR O    O  N N 313 
THR CB   C  N R 314 
THR OG1  O  N N 315 
THR CG2  C  N N 316 
THR OXT  O  N N 317 
THR H    H  N N 318 
THR H2   H  N N 319 
THR HA   H  N N 320 
THR HB   H  N N 321 
THR HG1  H  N N 322 
THR HG21 H  N N 323 
THR HG22 H  N N 324 
THR HG23 H  N N 325 
THR HXT  H  N N 326 
VAL N    N  N N 327 
VAL CA   C  N S 328 
VAL C    C  N N 329 
VAL O    O  N N 330 
VAL CB   C  N N 331 
VAL CG1  C  N N 332 
VAL CG2  C  N N 333 
VAL OXT  O  N N 334 
VAL H    H  N N 335 
VAL H2   H  N N 336 
VAL HA   H  N N 337 
VAL HB   H  N N 338 
VAL HG11 H  N N 339 
VAL HG12 H  N N 340 
VAL HG13 H  N N 341 
VAL HG21 H  N N 342 
VAL HG22 H  N N 343 
VAL HG23 H  N N 344 
VAL HXT  H  N N 345 
# 
loop_
_chem_comp_bond.comp_id 
_chem_comp_bond.atom_id_1 
_chem_comp_bond.atom_id_2 
_chem_comp_bond.value_order 
_chem_comp_bond.pdbx_aromatic_flag 
_chem_comp_bond.pdbx_stereo_config 
_chem_comp_bond.pdbx_ordinal 
ALA N   CA   sing N N 1   
ALA N   H    sing N N 2   
ALA N   H2   sing N N 3   
ALA CA  C    sing N N 4   
ALA CA  CB   sing N N 5   
ALA CA  HA   sing N N 6   
ALA C   O    doub N N 7   
ALA C   OXT  sing N N 8   
ALA CB  HB1  sing N N 9   
ALA CB  HB2  sing N N 10  
ALA CB  HB3  sing N N 11  
ALA OXT HXT  sing N N 12  
ARG N   CA   sing N N 13  
ARG N   H    sing N N 14  
ARG N   H2   sing N N 15  
ARG CA  C    sing N N 16  
ARG CA  CB   sing N N 17  
ARG CA  HA   sing N N 18  
ARG C   O    doub N N 19  
ARG C   OXT  sing N N 20  
ARG CB  CG   sing N N 21  
ARG CB  HB2  sing N N 22  
ARG CB  HB3  sing N N 23  
ARG CG  CD   sing N N 24  
ARG CG  HG2  sing N N 25  
ARG CG  HG3  sing N N 26  
ARG CD  NE   sing N N 27  
ARG CD  HD2  sing N N 28  
ARG CD  HD3  sing N N 29  
ARG NE  CZ   sing N N 30  
ARG NE  HE   sing N N 31  
ARG CZ  NH1  sing N N 32  
ARG CZ  NH2  doub N N 33  
ARG NH1 HH11 sing N N 34  
ARG NH1 HH12 sing N N 35  
ARG NH2 HH21 sing N N 36  
ARG NH2 HH22 sing N N 37  
ARG OXT HXT  sing N N 38  
ASN N   CA   sing N N 39  
ASN N   H    sing N N 40  
ASN N   H2   sing N N 41  
ASN CA  C    sing N N 42  
ASN CA  CB   sing N N 43  
ASN CA  HA   sing N N 44  
ASN C   O    doub N N 45  
ASN C   OXT  sing N N 46  
ASN CB  CG   sing N N 47  
ASN CB  HB2  sing N N 48  
ASN CB  HB3  sing N N 49  
ASN CG  OD1  doub N N 50  
ASN CG  ND2  sing N N 51  
ASN ND2 HD21 sing N N 52  
ASN ND2 HD22 sing N N 53  
ASN OXT HXT  sing N N 54  
ASP N   CA   sing N N 55  
ASP N   H    sing N N 56  
ASP N   H2   sing N N 57  
ASP CA  C    sing N N 58  
ASP CA  CB   sing N N 59  
ASP CA  HA   sing N N 60  
ASP C   O    doub N N 61  
ASP C   OXT  sing N N 62  
ASP CB  CG   sing N N 63  
ASP CB  HB2  sing N N 64  
ASP CB  HB3  sing N N 65  
ASP CG  OD1  doub N N 66  
ASP CG  OD2  sing N N 67  
ASP OD2 HD2  sing N N 68  
ASP OXT HXT  sing N N 69  
CYS N   CA   sing N N 70  
CYS N   H    sing N N 71  
CYS N   H2   sing N N 72  
CYS CA  C    sing N N 73  
CYS CA  CB   sing N N 74  
CYS CA  HA   sing N N 75  
CYS C   O    doub N N 76  
CYS C   OXT  sing N N 77  
CYS CB  SG   sing N N 78  
CYS CB  HB2  sing N N 79  
CYS CB  HB3  sing N N 80  
CYS SG  HG   sing N N 81  
CYS OXT HXT  sing N N 82  
GLN N   CA   sing N N 83  
GLN N   H    sing N N 84  
GLN N   H2   sing N N 85  
GLN CA  C    sing N N 86  
GLN CA  CB   sing N N 87  
GLN CA  HA   sing N N 88  
GLN C   O    doub N N 89  
GLN C   OXT  sing N N 90  
GLN CB  CG   sing N N 91  
GLN CB  HB2  sing N N 92  
GLN CB  HB3  sing N N 93  
GLN CG  CD   sing N N 94  
GLN CG  HG2  sing N N 95  
GLN CG  HG3  sing N N 96  
GLN CD  OE1  doub N N 97  
GLN CD  NE2  sing N N 98  
GLN NE2 HE21 sing N N 99  
GLN NE2 HE22 sing N N 100 
GLN OXT HXT  sing N N 101 
GLU N   CA   sing N N 102 
GLU N   H    sing N N 103 
GLU N   H2   sing N N 104 
GLU CA  C    sing N N 105 
GLU CA  CB   sing N N 106 
GLU CA  HA   sing N N 107 
GLU C   O    doub N N 108 
GLU C   OXT  sing N N 109 
GLU CB  CG   sing N N 110 
GLU CB  HB2  sing N N 111 
GLU CB  HB3  sing N N 112 
GLU CG  CD   sing N N 113 
GLU CG  HG2  sing N N 114 
GLU CG  HG3  sing N N 115 
GLU CD  OE1  doub N N 116 
GLU CD  OE2  sing N N 117 
GLU OE2 HE2  sing N N 118 
GLU OXT HXT  sing N N 119 
GLY N   CA   sing N N 120 
GLY N   H    sing N N 121 
GLY N   H2   sing N N 122 
GLY CA  C    sing N N 123 
GLY CA  HA2  sing N N 124 
GLY CA  HA3  sing N N 125 
GLY C   O    doub N N 126 
GLY C   OXT  sing N N 127 
GLY OXT HXT  sing N N 128 
HIS N   CA   sing N N 129 
HIS N   H    sing N N 130 
HIS N   H2   sing N N 131 
HIS CA  C    sing N N 132 
HIS CA  CB   sing N N 133 
HIS CA  HA   sing N N 134 
HIS C   O    doub N N 135 
HIS C   OXT  sing N N 136 
HIS CB  CG   sing N N 137 
HIS CB  HB2  sing N N 138 
HIS CB  HB3  sing N N 139 
HIS CG  ND1  sing Y N 140 
HIS CG  CD2  doub Y N 141 
HIS ND1 CE1  doub Y N 142 
HIS ND1 HD1  sing N N 143 
HIS CD2 NE2  sing Y N 144 
HIS CD2 HD2  sing N N 145 
HIS CE1 NE2  sing Y N 146 
HIS CE1 HE1  sing N N 147 
HIS NE2 HE2  sing N N 148 
HIS OXT HXT  sing N N 149 
HOH O   H1   sing N N 150 
HOH O   H2   sing N N 151 
ILE N   CA   sing N N 152 
ILE N   H    sing N N 153 
ILE N   H2   sing N N 154 
ILE CA  C    sing N N 155 
ILE CA  CB   sing N N 156 
ILE CA  HA   sing N N 157 
ILE C   O    doub N N 158 
ILE C   OXT  sing N N 159 
ILE CB  CG1  sing N N 160 
ILE CB  CG2  sing N N 161 
ILE CB  HB   sing N N 162 
ILE CG1 CD1  sing N N 163 
ILE CG1 HG12 sing N N 164 
ILE CG1 HG13 sing N N 165 
ILE CG2 HG21 sing N N 166 
ILE CG2 HG22 sing N N 167 
ILE CG2 HG23 sing N N 168 
ILE CD1 HD11 sing N N 169 
ILE CD1 HD12 sing N N 170 
ILE CD1 HD13 sing N N 171 
ILE OXT HXT  sing N N 172 
LEU N   CA   sing N N 173 
LEU N   H    sing N N 174 
LEU N   H2   sing N N 175 
LEU CA  C    sing N N 176 
LEU CA  CB   sing N N 177 
LEU CA  HA   sing N N 178 
LEU C   O    doub N N 179 
LEU C   OXT  sing N N 180 
LEU CB  CG   sing N N 181 
LEU CB  HB2  sing N N 182 
LEU CB  HB3  sing N N 183 
LEU CG  CD1  sing N N 184 
LEU CG  CD2  sing N N 185 
LEU CG  HG   sing N N 186 
LEU CD1 HD11 sing N N 187 
LEU CD1 HD12 sing N N 188 
LEU CD1 HD13 sing N N 189 
LEU CD2 HD21 sing N N 190 
LEU CD2 HD22 sing N N 191 
LEU CD2 HD23 sing N N 192 
LEU OXT HXT  sing N N 193 
LYS N   CA   sing N N 194 
LYS N   H    sing N N 195 
LYS N   H2   sing N N 196 
LYS CA  C    sing N N 197 
LYS CA  CB   sing N N 198 
LYS CA  HA   sing N N 199 
LYS C   O    doub N N 200 
LYS C   OXT  sing N N 201 
LYS CB  CG   sing N N 202 
LYS CB  HB2  sing N N 203 
LYS CB  HB3  sing N N 204 
LYS CG  CD   sing N N 205 
LYS CG  HG2  sing N N 206 
LYS CG  HG3  sing N N 207 
LYS CD  CE   sing N N 208 
LYS CD  HD2  sing N N 209 
LYS CD  HD3  sing N N 210 
LYS CE  NZ   sing N N 211 
LYS CE  HE2  sing N N 212 
LYS CE  HE3  sing N N 213 
LYS NZ  HZ1  sing N N 214 
LYS NZ  HZ2  sing N N 215 
LYS NZ  HZ3  sing N N 216 
LYS OXT HXT  sing N N 217 
MET N   CA   sing N N 218 
MET N   H    sing N N 219 
MET N   H2   sing N N 220 
MET CA  C    sing N N 221 
MET CA  CB   sing N N 222 
MET CA  HA   sing N N 223 
MET C   O    doub N N 224 
MET C   OXT  sing N N 225 
MET CB  CG   sing N N 226 
MET CB  HB2  sing N N 227 
MET CB  HB3  sing N N 228 
MET CG  SD   sing N N 229 
MET CG  HG2  sing N N 230 
MET CG  HG3  sing N N 231 
MET SD  CE   sing N N 232 
MET CE  HE1  sing N N 233 
MET CE  HE2  sing N N 234 
MET CE  HE3  sing N N 235 
MET OXT HXT  sing N N 236 
PHE N   CA   sing N N 237 
PHE N   H    sing N N 238 
PHE N   H2   sing N N 239 
PHE CA  C    sing N N 240 
PHE CA  CB   sing N N 241 
PHE CA  HA   sing N N 242 
PHE C   O    doub N N 243 
PHE C   OXT  sing N N 244 
PHE CB  CG   sing N N 245 
PHE CB  HB2  sing N N 246 
PHE CB  HB3  sing N N 247 
PHE CG  CD1  doub Y N 248 
PHE CG  CD2  sing Y N 249 
PHE CD1 CE1  sing Y N 250 
PHE CD1 HD1  sing N N 251 
PHE CD2 CE2  doub Y N 252 
PHE CD2 HD2  sing N N 253 
PHE CE1 CZ   doub Y N 254 
PHE CE1 HE1  sing N N 255 
PHE CE2 CZ   sing Y N 256 
PHE CE2 HE2  sing N N 257 
PHE CZ  HZ   sing N N 258 
PHE OXT HXT  sing N N 259 
PRO N   CA   sing N N 260 
PRO N   CD   sing N N 261 
PRO N   H    sing N N 262 
PRO CA  C    sing N N 263 
PRO CA  CB   sing N N 264 
PRO CA  HA   sing N N 265 
PRO C   O    doub N N 266 
PRO C   OXT  sing N N 267 
PRO CB  CG   sing N N 268 
PRO CB  HB2  sing N N 269 
PRO CB  HB3  sing N N 270 
PRO CG  CD   sing N N 271 
PRO CG  HG2  sing N N 272 
PRO CG  HG3  sing N N 273 
PRO CD  HD2  sing N N 274 
PRO CD  HD3  sing N N 275 
PRO OXT HXT  sing N N 276 
SER N   CA   sing N N 277 
SER N   H    sing N N 278 
SER N   H2   sing N N 279 
SER CA  C    sing N N 280 
SER CA  CB   sing N N 281 
SER CA  HA   sing N N 282 
SER C   O    doub N N 283 
SER C   OXT  sing N N 284 
SER CB  OG   sing N N 285 
SER CB  HB2  sing N N 286 
SER CB  HB3  sing N N 287 
SER OG  HG   sing N N 288 
SER OXT HXT  sing N N 289 
SO4 S   O1   doub N N 290 
SO4 S   O2   doub N N 291 
SO4 S   O3   sing N N 292 
SO4 S   O4   sing N N 293 
THR N   CA   sing N N 294 
THR N   H    sing N N 295 
THR N   H2   sing N N 296 
THR CA  C    sing N N 297 
THR CA  CB   sing N N 298 
THR CA  HA   sing N N 299 
THR C   O    doub N N 300 
THR C   OXT  sing N N 301 
THR CB  OG1  sing N N 302 
THR CB  CG2  sing N N 303 
THR CB  HB   sing N N 304 
THR OG1 HG1  sing N N 305 
THR CG2 HG21 sing N N 306 
THR CG2 HG22 sing N N 307 
THR CG2 HG23 sing N N 308 
THR OXT HXT  sing N N 309 
VAL N   CA   sing N N 310 
VAL N   H    sing N N 311 
VAL N   H2   sing N N 312 
VAL CA  C    sing N N 313 
VAL CA  CB   sing N N 314 
VAL CA  HA   sing N N 315 
VAL C   O    doub N N 316 
VAL C   OXT  sing N N 317 
VAL CB  CG1  sing N N 318 
VAL CB  CG2  sing N N 319 
VAL CB  HB   sing N N 320 
VAL CG1 HG11 sing N N 321 
VAL CG1 HG12 sing N N 322 
VAL CG1 HG13 sing N N 323 
VAL CG2 HG21 sing N N 324 
VAL CG2 HG22 sing N N 325 
VAL CG2 HG23 sing N N 326 
VAL OXT HXT  sing N N 327 
# 
loop_
_pdbx_entity_nonpoly.entity_id 
_pdbx_entity_nonpoly.name 
_pdbx_entity_nonpoly.comp_id 
3 'COBALT (II) ION' CO  
4 'SULFATE ION'     SO4 
5 water             HOH 
# 
_pdbx_initial_refinement_model.id               1 
_pdbx_initial_refinement_model.entity_id_list   ? 
_pdbx_initial_refinement_model.type             'experimental model' 
_pdbx_initial_refinement_model.source_name      PDB 
_pdbx_initial_refinement_model.accession_code   1N99 
_pdbx_initial_refinement_model.details          'PDB ENTRY 1N99' 
# 
